data_7UPA
#
_entry.id   7UPA
#
_cell.length_a   1.00
_cell.length_b   1.00
_cell.length_c   1.00
_cell.angle_alpha   90.00
_cell.angle_beta   90.00
_cell.angle_gamma   90.00
#
_symmetry.space_group_name_H-M   'P 1'
#
loop_
_entity.id
_entity.type
_entity.pdbx_description
1 polymer 'Fab 1H8 heavy chain'
2 polymer 'Fab 1H8 light chain'
3 polymer 'Fusion glycoprotein F0'
4 non-polymer 2-acetamido-2-deoxy-beta-D-glucopyranose
#
loop_
_entity_poly.entity_id
_entity_poly.type
_entity_poly.pdbx_seq_one_letter_code
_entity_poly.pdbx_strand_id
1 'polypeptide(L)'
;MEFGLSWIFLAAILKGVQCEVQLQQSGPELVKPGASVKISCKASGYSFTGYTMNWVKQSHGKNLEWIGLINPFIGGTRYN
QKFKGKATLTVDKSSRTAYMELLSLTSEDSAVYYCAREADYDWYFDVWGAGTTVTVSS
;
H,B,C
2 'polypeptide(L)'
;MEFGLSWIFLAAILKGVQCDIQMTQTTSSLSASLGDRVTISCRASQDISNYLHWYQQKPDGTVNLLIFYTSRLHSGVPSR
FSGSGSGTDYSLTISNLEQEDIATYFCQQGNTLPRTFGGGTKLEIK
;
L,E,F
3 'polypeptide(L)'
;MVVILDKRCYCNLLILILMISECSVGILHYEKLSKIGLVKGVTRKYKIKSNPLTKDIVIKMIPNVSNMSQCTGSVMENYK
TRLNGILTPIKGALEIYKNNTHDCVGDVRLAGVCMAGVAIGIATAAQITAGVALYEAMKNADNINKLKSSIESTNEAVVK
LQETAEKTVYVFTALQDYINTNLVPTIDKIPCKQTELSLDLALSKYLSDLLFVFGPNLQDPVSNSMTIQAISQAFGGNYE
TLLRTLGYATEDFDDLLESDSITGQIIYVDLSSYYIIVRVYFPILTEIQQAYIQELLPVSFNNDNSEWISIVPNFILVRN
TLISNIEIGFCLITKRSVICNQDYATPMTNNMRECLTGSTEKCPRELVVSSHVPRFALSNGVLFANCISVTCQCQTTGRA
ISQSGEQTLLMIDNTTCPTAVLGNVIISLGKYLGSVNYNSEGIAIGPPVFTDKVDISSQISSMNQSLQQSKDYIKEAQRL
;
A,D,G
#
# COMPACT_ATOMS: atom_id res chain seq x y z
N GLU A 20 18.48 46.99 11.93
CA GLU A 20 19.65 46.13 11.79
C GLU A 20 19.64 45.03 12.83
N VAL A 21 20.04 43.82 12.41
CA VAL A 21 20.12 42.69 13.33
C VAL A 21 21.35 42.85 14.21
N GLN A 22 21.19 42.60 15.51
CA GLN A 22 22.31 42.75 16.42
C GLN A 22 22.14 41.83 17.62
N LEU A 23 23.26 41.48 18.23
CA LEU A 23 23.34 40.61 19.40
C LEU A 23 24.08 41.33 20.51
N GLN A 24 23.53 41.29 21.72
CA GLN A 24 24.11 41.94 22.88
C GLN A 24 24.46 40.89 23.93
N GLN A 25 25.67 40.98 24.48
CA GLN A 25 26.16 40.02 25.46
C GLN A 25 26.36 40.69 26.81
N SER A 26 26.47 39.85 27.85
CA SER A 26 26.63 40.34 29.21
C SER A 26 28.11 40.63 29.51
N GLY A 27 28.35 41.16 30.70
CA GLY A 27 29.66 41.64 31.08
C GLY A 27 30.60 40.54 31.53
N PRO A 28 31.82 40.93 31.87
CA PRO A 28 32.82 39.94 32.30
C PRO A 28 32.53 39.39 33.69
N GLU A 29 33.13 38.23 33.96
CA GLU A 29 32.92 37.53 35.22
C GLU A 29 34.22 36.96 35.75
N LEU A 30 34.39 37.07 37.07
CA LEU A 30 35.49 36.46 37.81
C LEU A 30 34.92 35.39 38.72
N VAL A 31 35.41 34.16 38.60
CA VAL A 31 34.83 33.00 39.26
C VAL A 31 35.88 32.33 40.12
N LYS A 32 35.48 31.93 41.33
CA LYS A 32 36.32 31.07 42.15
C LYS A 32 36.30 29.64 41.60
N PRO A 33 37.40 28.92 41.74
CA PRO A 33 37.44 27.54 41.22
C PRO A 33 36.39 26.65 41.86
N GLY A 34 35.80 25.77 41.05
CA GLY A 34 34.77 24.87 41.51
C GLY A 34 33.35 25.41 41.44
N ALA A 35 33.16 26.65 41.02
CA ALA A 35 31.85 27.27 40.94
C ALA A 35 31.29 27.15 39.53
N SER A 36 30.17 27.82 39.29
CA SER A 36 29.46 27.75 38.00
C SER A 36 28.98 29.14 37.62
N VAL A 37 28.82 29.37 36.31
CA VAL A 37 28.35 30.64 35.79
C VAL A 37 27.37 30.41 34.65
N LYS A 38 26.61 31.47 34.35
CA LYS A 38 25.64 31.50 33.27
C LYS A 38 25.84 32.78 32.46
N ILE A 39 25.86 32.63 31.13
CA ILE A 39 26.10 33.73 30.20
C ILE A 39 24.90 33.86 29.28
N SER A 40 24.44 35.09 29.06
CA SER A 40 23.25 35.37 28.30
C SER A 40 23.57 36.12 27.02
N CYS A 41 22.69 35.95 26.02
CA CYS A 41 22.84 36.57 24.71
C CYS A 41 21.47 37.02 24.25
N LYS A 42 21.32 38.31 23.95
CA LYS A 42 20.05 38.89 23.53
C LYS A 42 20.09 39.28 22.06
N ALA A 43 18.97 39.05 21.37
CA ALA A 43 18.90 39.27 19.93
C ALA A 43 17.84 40.32 19.63
N SER A 44 18.12 41.18 18.65
CA SER A 44 17.13 42.14 18.20
C SER A 44 17.28 42.40 16.70
N GLY A 45 16.17 42.76 16.07
CA GLY A 45 16.15 43.11 14.66
C GLY A 45 15.63 42.05 13.73
N TYR A 46 15.13 40.92 14.23
CA TYR A 46 14.64 39.84 13.38
C TYR A 46 13.72 38.96 14.21
N SER A 47 13.25 37.88 13.59
CA SER A 47 12.36 36.92 14.25
C SER A 47 13.19 35.86 14.96
N PHE A 48 13.01 35.74 16.28
CA PHE A 48 13.93 34.96 17.10
C PHE A 48 13.85 33.47 16.80
N THR A 49 12.65 32.94 16.57
CA THR A 49 12.48 31.50 16.44
C THR A 49 12.80 30.98 15.04
N GLY A 50 13.17 31.84 14.10
CA GLY A 50 13.46 31.41 12.76
C GLY A 50 14.89 31.01 12.47
N TYR A 51 15.78 31.03 13.48
CA TYR A 51 17.20 30.77 13.25
C TYR A 51 17.76 29.94 14.39
N THR A 52 18.96 29.39 14.15
CA THR A 52 19.66 28.51 15.08
C THR A 52 20.86 29.25 15.67
N MET A 53 21.10 29.07 16.97
CA MET A 53 22.19 29.76 17.65
C MET A 53 23.35 28.81 17.92
N ASN A 54 24.57 29.34 17.85
CA ASN A 54 25.79 28.59 18.09
C ASN A 54 26.66 29.31 19.12
N TRP A 55 27.48 28.53 19.83
CA TRP A 55 28.41 29.10 20.80
C TRP A 55 29.84 28.72 20.44
N VAL A 56 30.76 29.69 20.58
CA VAL A 56 32.16 29.53 20.18
C VAL A 56 33.07 30.03 21.30
N LYS A 57 34.18 29.32 21.52
CA LYS A 57 35.14 29.65 22.56
C LYS A 57 36.51 29.96 21.95
N GLN A 58 37.12 31.06 22.39
CA GLN A 58 38.48 31.43 22.00
C GLN A 58 39.35 31.54 23.25
N SER A 59 40.48 30.84 23.24
CA SER A 59 41.40 30.83 24.37
C SER A 59 42.70 31.54 24.02
N HIS A 60 43.59 31.63 25.00
CA HIS A 60 44.90 32.21 24.77
C HIS A 60 45.70 31.35 23.80
N GLY A 61 46.34 32.01 22.84
CA GLY A 61 46.84 31.35 21.65
C GLY A 61 45.96 31.56 20.44
N LYS A 62 44.78 32.15 20.62
CA LYS A 62 43.87 32.57 19.56
C LYS A 62 43.34 31.40 18.72
N ASN A 63 43.18 30.23 19.32
CA ASN A 63 42.50 29.14 18.64
C ASN A 63 41.01 29.17 18.94
N LEU A 64 40.21 28.82 17.93
CA LEU A 64 38.76 28.83 18.04
C LEU A 64 38.23 27.41 18.14
N GLU A 65 37.24 27.22 19.01
CA GLU A 65 36.63 25.92 19.24
C GLU A 65 35.12 26.04 19.23
N TRP A 66 34.46 25.11 18.56
CA TRP A 66 33.01 25.07 18.49
C TRP A 66 32.44 24.27 19.65
N ILE A 67 31.43 24.84 20.32
CA ILE A 67 30.86 24.20 21.50
C ILE A 67 29.59 23.46 21.13
N GLY A 68 28.58 24.17 20.63
CA GLY A 68 27.33 23.52 20.31
C GLY A 68 26.31 24.47 19.73
N LEU A 69 25.16 23.91 19.37
CA LEU A 69 24.09 24.63 18.71
C LEU A 69 22.75 24.30 19.35
N ILE A 70 21.83 25.26 19.27
CA ILE A 70 20.46 25.09 19.77
C ILE A 70 19.48 25.66 18.74
N ASN A 71 18.42 24.89 18.50
CA ASN A 71 17.30 25.24 17.61
C ASN A 71 16.08 25.53 18.46
N PRO A 72 15.63 26.79 18.53
CA PRO A 72 14.54 27.14 19.45
C PRO A 72 13.14 26.88 18.89
N PHE A 73 13.00 26.69 17.58
CA PHE A 73 11.68 26.44 17.01
C PHE A 73 11.13 25.09 17.47
N ILE A 74 11.96 24.04 17.40
CA ILE A 74 11.56 22.73 17.87
C ILE A 74 12.12 22.43 19.26
N GLY A 75 13.15 23.14 19.70
CA GLY A 75 13.76 22.88 20.99
C GLY A 75 14.76 21.76 20.96
N GLY A 76 15.69 21.80 20.00
CA GLY A 76 16.69 20.76 19.84
C GLY A 76 18.08 21.28 20.14
N THR A 77 18.96 20.38 20.56
CA THR A 77 20.34 20.74 20.89
C THR A 77 21.30 19.76 20.24
N ARG A 78 22.50 20.24 19.97
CA ARG A 78 23.59 19.38 19.51
C ARG A 78 24.90 19.87 20.13
N TYR A 79 25.70 18.93 20.62
CA TYR A 79 26.89 19.23 21.38
C TYR A 79 28.13 18.66 20.71
N ASN A 80 29.28 19.29 21.01
CA ASN A 80 30.58 18.71 20.72
C ASN A 80 30.96 17.75 21.84
N GLN A 81 31.58 16.63 21.46
CA GLN A 81 31.91 15.60 22.45
C GLN A 81 32.92 16.06 23.47
N LYS A 82 33.71 17.09 23.16
CA LYS A 82 34.67 17.61 24.13
C LYS A 82 33.98 18.32 25.29
N PHE A 83 32.88 19.02 25.01
CA PHE A 83 32.21 19.85 26.01
C PHE A 83 30.86 19.28 26.43
N LYS A 84 30.66 17.97 26.26
CA LYS A 84 29.33 17.40 26.49
C LYS A 84 28.91 17.49 27.96
N GLY A 85 29.83 17.24 28.88
CA GLY A 85 29.53 17.35 30.29
C GLY A 85 29.81 18.69 30.92
N LYS A 86 30.24 19.68 30.15
CA LYS A 86 30.65 20.97 30.69
C LYS A 86 29.64 22.08 30.50
N ALA A 87 28.90 22.08 29.40
CA ALA A 87 28.02 23.19 29.05
C ALA A 87 26.58 22.72 28.91
N THR A 88 25.66 23.62 29.25
CA THR A 88 24.23 23.37 29.11
C THR A 88 23.60 24.58 28.42
N LEU A 89 22.86 24.33 27.33
CA LEU A 89 22.29 25.39 26.51
C LEU A 89 20.78 25.45 26.66
N THR A 90 20.25 26.65 26.86
CA THR A 90 18.81 26.85 27.00
C THR A 90 18.40 28.13 26.28
N VAL A 91 17.10 28.26 26.01
CA VAL A 91 16.54 29.46 25.41
C VAL A 91 15.34 29.92 26.25
N ASP A 92 15.00 31.19 26.08
CA ASP A 92 13.83 31.79 26.71
C ASP A 92 13.18 32.60 25.59
N LYS A 93 12.04 32.09 25.09
CA LYS A 93 11.39 32.69 23.92
C LYS A 93 10.62 33.95 24.25
N SER A 94 10.23 34.15 25.51
CA SER A 94 9.44 35.32 25.87
C SER A 94 10.27 36.60 25.76
N SER A 95 11.46 36.60 26.33
CA SER A 95 12.36 37.75 26.26
C SER A 95 13.39 37.65 25.15
N ARG A 96 13.33 36.57 24.35
CA ARG A 96 14.24 36.36 23.23
C ARG A 96 15.69 36.32 23.68
N THR A 97 16.00 35.38 24.56
CA THR A 97 17.33 35.29 25.15
C THR A 97 17.85 33.87 25.06
N ALA A 98 19.17 33.73 24.93
CA ALA A 98 19.83 32.44 24.98
C ALA A 98 20.77 32.39 26.17
N TYR A 99 20.84 31.23 26.83
CA TYR A 99 21.64 31.04 28.02
C TYR A 99 22.58 29.85 27.84
N MET A 100 23.81 30.02 28.31
CA MET A 100 24.77 28.92 28.39
C MET A 100 25.34 28.85 29.79
N GLU A 101 25.31 27.66 30.38
CA GLU A 101 25.77 27.44 31.75
C GLU A 101 27.00 26.55 31.74
N LEU A 102 28.03 26.96 32.46
CA LEU A 102 29.27 26.22 32.59
C LEU A 102 29.39 25.62 33.99
N LEU A 103 29.91 24.39 34.08
CA LEU A 103 29.92 23.63 35.32
C LEU A 103 31.33 23.18 35.66
N SER A 104 31.68 23.27 36.95
CA SER A 104 32.94 22.76 37.52
C SER A 104 34.14 23.41 36.84
N LEU A 105 34.25 24.72 36.99
CA LEU A 105 35.29 25.48 36.31
C LEU A 105 36.65 25.27 36.95
N THR A 106 37.68 25.27 36.11
CA THR A 106 39.07 25.21 36.52
C THR A 106 39.80 26.43 35.94
N SER A 107 41.13 26.42 36.07
CA SER A 107 41.92 27.58 35.66
C SER A 107 41.99 27.71 34.14
N GLU A 108 41.76 26.63 33.39
CA GLU A 108 41.89 26.69 31.94
C GLU A 108 40.60 27.09 31.24
N ASP A 109 39.53 27.35 31.99
CA ASP A 109 38.27 27.83 31.42
C ASP A 109 38.23 29.35 31.24
N SER A 110 39.30 30.06 31.57
CA SER A 110 39.36 31.50 31.37
C SER A 110 39.56 31.78 29.89
N ALA A 111 38.58 32.42 29.25
CA ALA A 111 38.59 32.54 27.80
C ALA A 111 37.56 33.60 27.39
N VAL A 112 37.31 33.69 26.09
CA VAL A 112 36.32 34.60 25.51
C VAL A 112 35.26 33.75 24.82
N TYR A 113 33.99 34.13 24.99
CA TYR A 113 32.87 33.36 24.48
C TYR A 113 32.01 34.21 23.57
N TYR A 114 31.60 33.64 22.44
CA TYR A 114 30.80 34.31 21.43
C TYR A 114 29.52 33.53 21.16
N CYS A 115 28.41 34.25 20.99
CA CYS A 115 27.19 33.69 20.44
C CYS A 115 27.05 34.15 18.99
N ALA A 116 26.71 33.22 18.10
CA ALA A 116 26.62 33.52 16.68
C ALA A 116 25.34 32.95 16.10
N ARG A 117 24.89 33.57 15.01
CA ARG A 117 23.69 33.15 14.30
C ARG A 117 24.08 32.42 13.02
N GLU A 118 23.45 31.27 12.78
CA GLU A 118 23.79 30.44 11.65
C GLU A 118 23.04 30.86 10.38
N ALA A 119 23.60 30.49 9.24
CA ALA A 119 22.97 30.74 7.95
C ALA A 119 21.84 29.75 7.71
N ASP A 120 21.03 30.03 6.68
CA ASP A 120 19.83 29.23 6.44
C ASP A 120 20.16 27.87 5.84
N TYR A 121 21.10 27.81 4.87
CA TYR A 121 21.29 26.60 4.08
C TYR A 121 22.70 26.03 4.10
N ASP A 122 23.70 26.78 4.54
CA ASP A 122 25.04 26.23 4.68
C ASP A 122 25.60 26.62 6.04
N TRP A 123 26.55 25.80 6.51
CA TRP A 123 27.01 25.90 7.89
C TRP A 123 28.06 27.00 8.03
N TYR A 124 27.58 28.24 7.94
CA TYR A 124 28.41 29.41 8.18
C TYR A 124 27.65 30.40 9.03
N PHE A 125 28.38 31.23 9.76
CA PHE A 125 27.80 32.23 10.66
C PHE A 125 27.93 33.61 10.04
N ASP A 126 26.82 34.35 9.99
CA ASP A 126 26.82 35.69 9.41
C ASP A 126 26.76 36.81 10.42
N VAL A 127 26.22 36.57 11.62
CA VAL A 127 26.12 37.59 12.65
C VAL A 127 26.80 37.07 13.92
N TRP A 128 27.70 37.87 14.49
CA TRP A 128 28.45 37.52 15.68
C TRP A 128 28.17 38.53 16.78
N GLY A 129 28.43 38.10 18.03
CA GLY A 129 28.34 38.98 19.17
C GLY A 129 29.68 39.61 19.53
N ALA A 130 29.63 40.49 20.54
CA ALA A 130 30.83 41.22 20.93
C ALA A 130 31.82 40.35 21.69
N GLY A 131 31.35 39.43 22.50
CA GLY A 131 32.22 38.53 23.25
C GLY A 131 32.18 38.82 24.73
N THR A 132 32.27 37.75 25.54
CA THR A 132 32.29 37.85 26.99
C THR A 132 33.51 37.13 27.52
N THR A 133 34.29 37.80 28.36
CA THR A 133 35.51 37.24 28.92
C THR A 133 35.25 36.71 30.32
N VAL A 134 35.68 35.47 30.57
CA VAL A 134 35.49 34.79 31.84
C VAL A 134 36.87 34.44 32.39
N THR A 135 37.13 34.84 33.64
CA THR A 135 38.40 34.54 34.30
C THR A 135 38.14 33.76 35.58
N VAL A 136 39.02 32.80 35.85
CA VAL A 136 38.90 31.91 37.00
C VAL A 136 40.16 32.04 37.83
N SER A 137 39.99 32.33 39.12
CA SER A 137 41.12 32.48 40.03
C SER A 137 40.69 32.23 41.47
N ASP B 20 37.94 16.08 13.82
CA ASP B 20 38.24 15.00 12.88
C ASP B 20 39.06 15.52 11.71
N ILE B 21 38.60 16.59 11.10
CA ILE B 21 39.29 17.21 9.97
C ILE B 21 40.10 18.39 10.48
N GLN B 22 41.38 18.43 10.11
CA GLN B 22 42.31 19.44 10.61
C GLN B 22 42.56 20.51 9.55
N MET B 23 42.55 21.76 9.98
CA MET B 23 42.86 22.90 9.13
C MET B 23 44.22 23.46 9.51
N THR B 24 45.09 23.64 8.52
CA THR B 24 46.44 24.13 8.73
C THR B 24 46.71 25.33 7.85
N GLN B 25 47.08 26.45 8.46
CA GLN B 25 47.57 27.63 7.76
C GLN B 25 49.06 27.74 8.06
N THR B 26 49.89 27.52 7.02
CA THR B 26 51.32 27.37 7.25
C THR B 26 52.02 28.68 7.59
N THR B 27 51.37 29.82 7.34
CA THR B 27 51.97 31.12 7.60
C THR B 27 51.14 31.86 8.65
N SER B 28 51.81 32.35 9.70
CA SER B 28 51.15 33.07 10.78
C SER B 28 51.26 34.57 10.66
N SER B 29 52.40 35.08 10.17
CA SER B 29 52.63 36.51 10.01
C SER B 29 53.16 36.78 8.61
N LEU B 30 52.69 37.87 8.01
CA LEU B 30 53.05 38.22 6.64
C LEU B 30 53.18 39.74 6.55
N SER B 31 54.19 40.20 5.83
CA SER B 31 54.47 41.62 5.68
C SER B 31 54.12 42.08 4.27
N ALA B 32 53.48 43.24 4.17
CA ALA B 32 53.05 43.76 2.88
C ALA B 32 53.04 45.28 2.92
N SER B 33 53.08 45.88 1.74
CA SER B 33 53.07 47.33 1.58
C SER B 33 51.75 47.78 0.96
N LEU B 34 51.50 49.08 1.05
CA LEU B 34 50.27 49.65 0.51
C LEU B 34 50.23 49.49 -1.01
N GLY B 35 49.07 49.06 -1.52
CA GLY B 35 48.88 48.89 -2.95
C GLY B 35 49.37 47.57 -3.51
N ASP B 36 49.79 46.63 -2.67
CA ASP B 36 50.31 45.35 -3.14
C ASP B 36 49.22 44.29 -3.11
N ARG B 37 49.57 43.09 -3.59
CA ARG B 37 48.67 41.95 -3.65
C ARG B 37 49.14 40.89 -2.67
N VAL B 38 48.21 40.38 -1.86
CA VAL B 38 48.50 39.40 -0.83
C VAL B 38 47.65 38.15 -1.07
N THR B 39 48.25 36.99 -0.81
CA THR B 39 47.56 35.71 -0.93
C THR B 39 47.76 34.90 0.34
N ILE B 40 46.66 34.39 0.89
CA ILE B 40 46.67 33.52 2.07
C ILE B 40 46.16 32.15 1.66
N SER B 41 46.67 31.09 2.28
CA SER B 41 46.36 29.74 1.87
C SER B 41 45.78 28.95 3.03
N CYS B 42 45.00 27.92 2.71
CA CYS B 42 44.38 27.07 3.71
C CYS B 42 44.37 25.65 3.16
N ARG B 43 44.91 24.71 3.93
CA ARG B 43 45.00 23.31 3.54
C ARG B 43 44.09 22.46 4.41
N ALA B 44 43.74 21.28 3.90
CA ALA B 44 42.85 20.36 4.60
C ALA B 44 43.39 18.95 4.48
N SER B 45 43.07 18.11 5.46
CA SER B 45 43.52 16.73 5.45
C SER B 45 42.60 15.81 4.67
N GLN B 46 41.42 16.28 4.28
CA GLN B 46 40.47 15.50 3.51
C GLN B 46 39.82 16.39 2.46
N ASP B 47 39.12 15.76 1.51
CA ASP B 47 38.33 16.49 0.54
C ASP B 47 37.05 16.99 1.20
N ILE B 48 36.81 18.30 1.10
CA ILE B 48 35.68 18.93 1.76
C ILE B 48 34.63 19.44 0.79
N SER B 49 34.87 19.33 -0.53
CA SER B 49 33.87 19.61 -1.56
C SER B 49 33.39 21.05 -1.52
N ASN B 50 34.34 21.99 -1.57
CA ASN B 50 34.11 23.43 -1.70
C ASN B 50 33.35 24.05 -0.53
N TYR B 51 33.30 23.39 0.63
CA TYR B 51 32.63 23.94 1.80
C TYR B 51 33.65 24.64 2.69
N LEU B 52 34.11 25.81 2.22
CA LEU B 52 35.08 26.60 2.96
C LEU B 52 34.60 28.04 3.09
N HIS B 53 34.81 28.63 4.27
CA HIS B 53 34.42 30.00 4.55
C HIS B 53 35.60 30.76 5.17
N TRP B 54 35.60 32.08 4.98
CA TRP B 54 36.67 32.94 5.46
C TRP B 54 36.12 34.01 6.39
N TYR B 55 36.85 34.28 7.48
CA TYR B 55 36.44 35.26 8.47
C TYR B 55 37.59 36.20 8.79
N GLN B 56 37.23 37.43 9.19
CA GLN B 56 38.18 38.49 9.50
C GLN B 56 37.93 39.00 10.91
N GLN B 57 39.00 39.11 11.71
CA GLN B 57 38.92 39.60 13.08
C GLN B 57 39.72 40.89 13.20
N LYS B 58 39.03 41.95 13.64
CA LYS B 58 39.64 43.25 13.85
C LYS B 58 40.44 43.28 15.15
N PRO B 59 41.36 44.24 15.30
CA PRO B 59 42.11 44.35 16.57
C PRO B 59 41.23 44.59 17.79
N ASP B 60 40.06 45.22 17.62
CA ASP B 60 39.19 45.47 18.76
C ASP B 60 38.38 44.25 19.18
N GLY B 61 38.34 43.20 18.37
CA GLY B 61 37.68 41.97 18.73
C GLY B 61 36.41 41.61 17.97
N THR B 62 36.05 42.36 16.93
CA THR B 62 34.88 42.05 16.14
C THR B 62 35.23 41.07 15.02
N VAL B 63 34.26 40.24 14.66
CA VAL B 63 34.43 39.22 13.64
C VAL B 63 33.41 39.47 12.53
N ASN B 64 33.86 39.35 11.28
CA ASN B 64 33.02 39.53 10.12
C ASN B 64 33.22 38.39 9.13
N LEU B 65 32.18 38.11 8.36
CA LEU B 65 32.24 37.10 7.30
C LEU B 65 32.55 37.76 5.97
N LEU B 66 33.53 37.21 5.25
CA LEU B 66 33.94 37.75 3.95
C LEU B 66 33.47 36.88 2.79
N ILE B 67 33.87 35.61 2.78
CA ILE B 67 33.61 34.72 1.65
C ILE B 67 33.00 33.43 2.18
N PHE B 68 31.95 32.95 1.51
CA PHE B 68 31.35 31.67 1.84
C PHE B 68 31.20 30.85 0.56
N TYR B 69 31.27 29.52 0.72
CA TYR B 69 31.22 28.58 -0.40
C TYR B 69 32.29 28.84 -1.44
N THR B 70 33.45 29.30 -0.98
CA THR B 70 34.73 29.36 -1.69
C THR B 70 34.80 30.44 -2.76
N SER B 71 33.66 31.02 -3.17
CA SER B 71 33.73 32.04 -4.20
C SER B 71 32.69 33.15 -4.08
N ARG B 72 31.84 33.15 -3.07
CA ARG B 72 30.69 34.05 -3.02
C ARG B 72 30.95 35.15 -2.00
N LEU B 73 30.71 36.40 -2.41
CA LEU B 73 30.93 37.55 -1.55
C LEU B 73 29.69 37.83 -0.70
N HIS B 74 29.93 38.08 0.58
CA HIS B 74 28.84 38.46 1.48
C HIS B 74 28.37 39.87 1.16
N SER B 75 27.14 40.18 1.54
CA SER B 75 26.54 41.47 1.24
C SER B 75 27.29 42.59 1.96
N GLY B 76 27.60 43.65 1.23
CA GLY B 76 28.32 44.79 1.76
C GLY B 76 29.83 44.67 1.71
N VAL B 77 30.36 43.53 1.34
CA VAL B 77 31.82 43.35 1.27
C VAL B 77 32.33 43.98 -0.02
N PRO B 78 33.40 44.77 0.03
CA PRO B 78 33.96 45.33 -1.22
C PRO B 78 34.50 44.23 -2.12
N SER B 79 34.49 44.51 -3.43
CA SER B 79 34.95 43.59 -4.46
C SER B 79 36.46 43.42 -4.49
N ARG B 80 37.16 43.97 -3.49
CA ARG B 80 38.61 43.84 -3.42
C ARG B 80 39.04 42.41 -3.12
N PHE B 81 38.23 41.66 -2.39
CA PHE B 81 38.57 40.30 -1.97
C PHE B 81 38.09 39.29 -3.00
N SER B 82 38.84 38.19 -3.11
CA SER B 82 38.43 37.08 -3.97
C SER B 82 38.93 35.77 -3.37
N GLY B 83 38.30 34.68 -3.76
CA GLY B 83 38.66 33.38 -3.23
C GLY B 83 38.62 32.32 -4.31
N SER B 84 39.47 31.31 -4.15
CA SER B 84 39.56 30.24 -5.14
C SER B 84 40.09 28.99 -4.47
N GLY B 85 40.15 27.91 -5.24
CA GLY B 85 40.74 26.67 -4.79
C GLY B 85 39.81 25.49 -5.00
N SER B 86 40.34 24.29 -4.76
CA SER B 86 39.56 23.07 -4.91
C SER B 86 40.29 21.94 -4.21
N GLY B 87 39.63 20.78 -4.17
CA GLY B 87 40.20 19.59 -3.55
C GLY B 87 40.48 19.75 -2.08
N THR B 88 41.77 19.84 -1.73
CA THR B 88 42.19 20.12 -0.36
C THR B 88 43.03 21.38 -0.24
N ASP B 89 43.07 22.21 -1.28
CA ASP B 89 43.87 23.43 -1.25
C ASP B 89 43.01 24.62 -1.64
N TYR B 90 42.99 25.66 -0.81
CA TYR B 90 42.19 26.84 -1.07
C TYR B 90 43.00 28.08 -0.77
N SER B 91 42.61 29.20 -1.40
CA SER B 91 43.36 30.43 -1.23
C SER B 91 42.41 31.63 -1.27
N LEU B 92 42.83 32.68 -0.59
CA LEU B 92 42.16 33.97 -0.54
C LEU B 92 43.12 35.04 -1.02
N THR B 93 42.63 35.94 -1.87
CA THR B 93 43.48 36.96 -2.49
C THR B 93 42.89 38.34 -2.25
N ILE B 94 43.75 39.26 -1.81
CA ILE B 94 43.37 40.66 -1.59
C ILE B 94 44.32 41.53 -2.40
N SER B 95 43.76 42.42 -3.21
CA SER B 95 44.54 43.29 -4.08
C SER B 95 44.56 44.71 -3.52
N ASN B 96 45.66 45.41 -3.80
CA ASN B 96 45.86 46.84 -3.47
C ASN B 96 45.30 47.24 -2.10
N LEU B 97 45.75 46.51 -1.08
CA LEU B 97 45.20 46.63 0.26
C LEU B 97 45.35 48.04 0.83
N GLU B 98 44.35 48.44 1.60
CA GLU B 98 44.30 49.73 2.27
C GLU B 98 44.78 49.60 3.71
N GLN B 99 44.58 50.67 4.50
CA GLN B 99 45.01 50.66 5.89
C GLN B 99 44.06 49.85 6.77
N GLU B 100 42.80 49.72 6.38
CA GLU B 100 41.82 49.01 7.20
C GLU B 100 41.83 47.51 6.98
N ASP B 101 42.73 46.99 6.15
CA ASP B 101 42.82 45.56 5.89
C ASP B 101 43.80 44.86 6.81
N ILE B 102 44.30 45.54 7.85
CA ILE B 102 45.21 44.93 8.81
C ILE B 102 44.38 44.25 9.89
N ALA B 103 44.34 42.92 9.87
CA ALA B 103 43.47 42.15 10.76
C ALA B 103 43.98 40.71 10.80
N THR B 104 43.17 39.81 11.33
CA THR B 104 43.48 38.38 11.36
C THR B 104 42.47 37.63 10.50
N TYR B 105 42.92 36.57 9.83
CA TYR B 105 42.09 35.86 8.87
C TYR B 105 42.04 34.37 9.21
N PHE B 106 40.82 33.82 9.21
CA PHE B 106 40.58 32.43 9.57
C PHE B 106 39.82 31.72 8.46
N CYS B 107 40.09 30.42 8.29
CA CYS B 107 39.36 29.56 7.37
C CYS B 107 38.63 28.48 8.14
N GLN B 108 37.38 28.22 7.75
CA GLN B 108 36.51 27.27 8.44
C GLN B 108 35.90 26.30 7.43
N GLN B 109 35.82 25.02 7.81
CA GLN B 109 35.20 24.00 6.99
C GLN B 109 33.81 23.66 7.52
N GLY B 110 32.91 23.33 6.60
CA GLY B 110 31.53 23.03 6.94
C GLY B 110 30.99 21.76 6.32
N ASN B 111 31.83 20.72 6.27
CA ASN B 111 31.45 19.47 5.61
C ASN B 111 31.04 18.38 6.60
N THR B 112 31.63 18.33 7.80
CA THR B 112 31.38 17.24 8.72
C THR B 112 31.39 17.79 10.15
N LEU B 113 30.46 17.30 10.97
CA LEU B 113 30.46 17.64 12.38
C LEU B 113 31.60 16.91 13.10
N PRO B 114 32.28 17.56 14.04
CA PRO B 114 32.12 18.96 14.48
C PRO B 114 32.83 19.96 13.57
N ARG B 115 32.39 21.21 13.59
CA ARG B 115 33.03 22.24 12.77
C ARG B 115 34.37 22.66 13.36
N THR B 116 35.34 22.86 12.49
CA THR B 116 36.71 23.19 12.91
C THR B 116 37.18 24.45 12.21
N PHE B 117 38.08 25.17 12.88
CA PHE B 117 38.62 26.43 12.39
C PHE B 117 40.12 26.29 12.16
N GLY B 118 40.67 27.25 11.40
CA GLY B 118 42.09 27.28 11.12
C GLY B 118 42.87 28.03 12.19
N GLY B 119 44.19 27.99 12.05
CA GLY B 119 45.07 28.63 13.03
C GLY B 119 45.00 30.14 13.03
N GLY B 120 44.95 30.76 11.87
CA GLY B 120 44.95 32.21 11.78
C GLY B 120 46.25 32.75 11.21
N THR B 121 46.13 33.83 10.44
CA THR B 121 47.28 34.49 9.82
C THR B 121 47.14 35.99 10.02
N LYS B 122 48.21 36.62 10.50
CA LYS B 122 48.23 38.04 10.81
C LYS B 122 48.98 38.82 9.75
N LEU B 123 48.42 39.96 9.35
CA LEU B 123 49.03 40.86 8.39
C LEU B 123 49.61 42.07 9.10
N GLU B 124 50.68 42.63 8.54
CA GLU B 124 51.33 43.79 9.12
C GLU B 124 52.02 44.59 8.02
N ILE B 125 52.21 45.88 8.28
CA ILE B 125 52.84 46.76 7.30
C ILE B 125 54.33 46.91 7.59
N ILE C 27 4.77 10.46 35.69
CA ILE C 27 4.43 9.90 37.00
C ILE C 27 3.50 8.71 36.85
N LEU C 28 3.86 7.79 35.95
CA LEU C 28 3.07 6.60 35.75
C LEU C 28 3.21 5.65 36.94
N HIS C 29 2.09 5.06 37.35
CA HIS C 29 2.06 4.12 38.47
C HIS C 29 2.18 2.71 37.89
N TYR C 30 3.41 2.22 37.80
CA TYR C 30 3.67 0.97 37.11
C TYR C 30 3.12 -0.24 37.87
N GLU C 31 3.15 -0.18 39.21
CA GLU C 31 2.70 -1.33 40.01
C GLU C 31 1.22 -1.60 39.80
N LYS C 32 0.39 -0.56 39.82
CA LYS C 32 -1.04 -0.74 39.58
C LYS C 32 -1.32 -1.11 38.12
N LEU C 33 -0.53 -0.60 37.19
CA LEU C 33 -0.73 -0.92 35.78
C LEU C 33 -0.40 -2.38 35.47
N SER C 34 0.57 -2.95 36.19
CA SER C 34 0.96 -4.33 35.92
C SER C 34 -0.15 -5.31 36.30
N LYS C 35 -0.90 -5.01 37.36
CA LYS C 35 -2.01 -5.87 37.75
C LYS C 35 -3.14 -5.86 36.72
N ILE C 36 -3.23 -4.80 35.91
CA ILE C 36 -4.21 -4.74 34.84
C ILE C 36 -3.75 -5.53 33.61
N GLY C 37 -2.44 -5.63 33.38
CA GLY C 37 -1.93 -6.40 32.27
C GLY C 37 -0.99 -5.63 31.38
N LEU C 38 -0.53 -4.46 31.86
CA LEU C 38 0.36 -3.59 31.10
C LEU C 38 1.73 -3.63 31.77
N VAL C 39 2.72 -4.18 31.08
CA VAL C 39 4.06 -4.39 31.63
C VAL C 39 5.01 -3.43 30.93
N LYS C 40 5.82 -2.71 31.71
CA LYS C 40 6.69 -1.70 31.14
C LYS C 40 7.83 -2.33 30.35
N GLY C 41 8.26 -1.61 29.31
CA GLY C 41 9.29 -2.10 28.42
C GLY C 41 10.49 -1.19 28.26
N VAL C 42 10.85 -0.87 27.02
CA VAL C 42 12.06 -0.12 26.70
C VAL C 42 11.72 1.37 26.65
N THR C 43 12.68 2.19 27.08
CA THR C 43 12.59 3.64 27.00
C THR C 43 13.51 4.16 25.90
N ARG C 44 13.00 5.08 25.10
CA ARG C 44 13.71 5.56 23.92
C ARG C 44 13.78 7.09 23.93
N LYS C 45 14.58 7.62 23.02
CA LYS C 45 14.74 9.06 22.84
C LYS C 45 13.93 9.56 21.65
N TYR C 46 13.81 10.88 21.56
CA TYR C 46 13.03 11.56 20.53
C TYR C 46 13.94 12.56 19.83
N LYS C 47 13.98 12.50 18.49
CA LYS C 47 14.86 13.38 17.74
C LYS C 47 14.26 13.71 16.38
N ILE C 48 14.50 14.95 15.94
CA ILE C 48 13.94 15.50 14.71
C ILE C 48 15.08 16.14 13.91
N LYS C 49 14.88 16.26 12.60
CA LYS C 49 15.89 16.76 11.69
C LYS C 49 15.77 18.27 11.47
N SER C 50 16.89 18.88 11.10
CA SER C 50 16.97 20.32 10.81
C SER C 50 18.31 20.62 10.14
N ASN C 51 18.44 21.87 9.66
CA ASN C 51 19.67 22.48 9.17
C ASN C 51 20.34 21.71 8.03
N PRO C 52 19.77 21.70 6.84
CA PRO C 52 20.33 20.92 5.73
C PRO C 52 21.43 21.66 4.99
N LEU C 53 22.13 20.92 4.14
CA LEU C 53 23.04 21.48 3.16
C LEU C 53 22.65 20.99 1.78
N THR C 54 22.91 21.80 0.76
CA THR C 54 22.28 21.64 -0.54
C THR C 54 23.30 21.39 -1.65
N LYS C 55 22.88 20.59 -2.63
CA LYS C 55 23.61 20.44 -3.89
C LYS C 55 22.60 20.45 -5.03
N ASP C 56 23.10 20.41 -6.26
CA ASP C 56 22.22 20.40 -7.42
C ASP C 56 22.82 19.60 -8.57
N ILE C 57 21.92 18.99 -9.37
CA ILE C 57 22.28 18.03 -10.39
C ILE C 57 21.40 18.23 -11.63
N VAL C 58 21.85 17.65 -12.73
CA VAL C 58 21.16 17.69 -14.02
C VAL C 58 20.77 16.27 -14.41
N ILE C 59 19.51 16.08 -14.76
CA ILE C 59 19.00 14.77 -15.19
C ILE C 59 18.49 14.88 -16.61
N LYS C 60 19.01 14.02 -17.50
CA LYS C 60 18.60 13.94 -18.89
C LYS C 60 17.61 12.80 -19.08
N MET C 61 16.61 13.02 -19.92
CA MET C 61 15.55 12.05 -20.15
C MET C 61 15.55 11.44 -21.54
N ILE C 62 16.62 11.64 -22.30
CA ILE C 62 16.71 11.05 -23.65
C ILE C 62 18.15 10.60 -23.90
N PRO C 63 18.35 9.38 -24.41
CA PRO C 63 19.70 8.89 -24.64
C PRO C 63 20.27 9.34 -25.98
N ASN C 64 21.55 9.05 -26.17
CA ASN C 64 22.27 9.37 -27.39
C ASN C 64 22.41 8.09 -28.23
N VAL C 65 21.91 8.14 -29.46
CA VAL C 65 21.84 6.96 -30.32
C VAL C 65 22.62 7.18 -31.60
N SER C 66 23.71 7.94 -31.52
CA SER C 66 24.48 8.28 -32.72
C SER C 66 25.10 7.03 -33.36
N ASN C 67 25.81 6.22 -32.57
CA ASN C 67 26.54 5.10 -33.12
C ASN C 67 25.65 3.97 -33.63
N MET C 68 24.35 4.02 -33.33
CA MET C 68 23.38 3.10 -33.93
C MET C 68 22.38 3.83 -34.81
N SER C 69 22.75 5.01 -35.32
CA SER C 69 21.80 5.88 -35.99
C SER C 69 21.48 5.48 -37.42
N GLN C 70 22.14 4.44 -37.95
CA GLN C 70 21.92 4.08 -39.35
C GLN C 70 20.49 3.61 -39.58
N CYS C 71 19.91 2.84 -38.66
CA CYS C 71 18.55 2.37 -38.80
C CYS C 71 17.79 2.49 -37.48
N THR C 72 17.83 3.67 -36.87
CA THR C 72 16.99 3.92 -35.70
C THR C 72 15.51 3.97 -36.04
N GLY C 73 15.15 4.12 -37.32
CA GLY C 73 13.74 4.18 -37.68
C GLY C 73 13.16 5.54 -37.42
N SER C 74 11.91 5.55 -36.93
CA SER C 74 11.20 6.78 -36.60
C SER C 74 10.67 6.77 -35.17
N VAL C 75 11.34 6.04 -34.27
CA VAL C 75 10.83 5.92 -32.90
C VAL C 75 11.19 7.14 -32.07
N MET C 76 12.29 7.82 -32.40
CA MET C 76 12.74 8.95 -31.60
C MET C 76 11.76 10.13 -31.68
N GLU C 77 11.20 10.37 -32.87
CA GLU C 77 10.23 11.46 -33.01
C GLU C 77 8.98 11.20 -32.21
N ASN C 78 8.47 9.97 -32.25
CA ASN C 78 7.30 9.62 -31.45
C ASN C 78 7.59 9.73 -29.96
N TYR C 79 8.78 9.29 -29.55
CA TYR C 79 9.16 9.39 -28.14
C TYR C 79 9.23 10.85 -27.69
N LYS C 80 9.82 11.72 -28.53
CA LYS C 80 9.90 13.13 -28.20
C LYS C 80 8.52 13.77 -28.10
N THR C 81 7.64 13.43 -29.04
CA THR C 81 6.28 13.97 -29.01
C THR C 81 5.54 13.51 -27.76
N ARG C 82 5.74 12.26 -27.35
CA ARG C 82 5.10 11.75 -26.14
C ARG C 82 5.66 12.44 -24.89
N LEU C 83 6.96 12.72 -24.87
CA LEU C 83 7.58 13.31 -23.69
C LEU C 83 7.26 14.78 -23.53
N ASN C 84 7.09 15.51 -24.64
CA ASN C 84 6.80 16.95 -24.57
C ASN C 84 5.48 17.23 -23.85
N GLY C 85 4.46 16.43 -24.15
CA GLY C 85 3.15 16.60 -23.53
C GLY C 85 3.13 16.25 -22.06
N ILE C 86 4.11 15.47 -21.59
CA ILE C 86 4.24 15.23 -20.16
C ILE C 86 5.00 16.37 -19.50
N LEU C 87 6.03 16.89 -20.17
CA LEU C 87 6.88 17.90 -19.53
C LEU C 87 6.24 19.29 -19.52
N THR C 88 5.30 19.59 -20.42
CA THR C 88 4.75 20.94 -20.52
C THR C 88 4.03 21.43 -19.26
N PRO C 89 3.11 20.68 -18.64
CA PRO C 89 2.37 21.24 -17.48
C PRO C 89 3.25 21.61 -16.29
N ILE C 90 4.36 20.92 -16.07
CA ILE C 90 5.25 21.24 -14.95
C ILE C 90 5.85 22.61 -15.14
N LYS C 91 6.34 22.89 -16.35
CA LYS C 91 6.88 24.23 -16.65
C LYS C 91 5.78 25.28 -16.55
N GLY C 92 4.58 24.96 -17.02
CA GLY C 92 3.47 25.89 -16.88
C GLY C 92 3.16 26.24 -15.43
N ALA C 93 3.28 25.25 -14.54
CA ALA C 93 3.02 25.51 -13.13
C ALA C 93 4.17 26.27 -12.47
N LEU C 94 5.40 26.05 -12.91
CA LEU C 94 6.52 26.79 -12.33
C LEU C 94 6.52 28.25 -12.76
N GLU C 95 6.08 28.55 -13.99
CA GLU C 95 6.15 29.93 -14.48
C GLU C 95 5.29 30.89 -13.68
N ILE C 96 4.25 30.40 -13.00
CA ILE C 96 3.38 31.27 -12.20
C ILE C 96 4.18 31.93 -11.08
N TYR C 97 4.99 31.15 -10.37
CA TYR C 97 5.84 31.72 -9.33
C TYR C 97 7.08 32.39 -9.91
N LYS C 98 7.56 31.93 -11.07
CA LYS C 98 8.70 32.59 -11.70
C LYS C 98 8.37 34.02 -12.11
N ASN C 99 7.10 34.27 -12.48
CA ASN C 99 6.73 35.57 -13.03
C ASN C 99 6.61 36.64 -11.95
N ASN C 100 6.09 36.28 -10.77
CA ASN C 100 5.67 37.26 -9.77
C ASN C 100 6.64 37.37 -8.60
N THR C 101 7.91 37.07 -8.80
CA THR C 101 8.91 37.16 -7.74
C THR C 101 10.08 38.00 -8.22
N HIS C 102 10.48 38.97 -7.39
CA HIS C 102 11.58 39.88 -7.70
C HIS C 102 12.06 40.50 -6.41
N ASP C 103 12.90 41.53 -6.53
CA ASP C 103 13.40 42.29 -5.38
C ASP C 103 12.88 43.71 -5.45
N CYS C 104 12.20 44.16 -4.39
CA CYS C 104 11.78 45.55 -4.25
C CYS C 104 12.81 46.26 -3.39
N VAL C 105 13.50 47.23 -3.97
CA VAL C 105 14.59 47.91 -3.27
C VAL C 105 14.05 48.74 -2.10
N GLY C 106 12.92 49.41 -2.31
CA GLY C 106 12.34 50.25 -1.27
C GLY C 106 13.07 51.56 -1.08
N ALA C 111 17.93 43.82 1.69
CA ALA C 111 16.56 43.60 1.26
C ALA C 111 16.28 42.11 1.06
N GLY C 112 15.03 41.72 1.27
CA GLY C 112 14.61 40.34 1.15
C GLY C 112 14.03 40.03 -0.21
N VAL C 113 13.07 39.10 -0.21
CA VAL C 113 12.40 38.65 -1.43
C VAL C 113 11.00 39.25 -1.45
N CYS C 114 10.62 39.78 -2.61
CA CYS C 114 9.38 40.54 -2.77
C CYS C 114 8.41 39.74 -3.62
N MET C 115 7.16 39.64 -3.16
CA MET C 115 6.14 38.86 -3.86
C MET C 115 4.88 39.69 -4.04
N ALA C 116 4.19 39.46 -5.16
CA ALA C 116 2.94 40.14 -5.49
C ALA C 116 1.78 39.22 -5.16
N GLY C 117 1.01 39.57 -4.13
CA GLY C 117 -0.06 38.70 -3.67
C GLY C 117 -1.30 38.73 -4.54
N VAL C 118 -1.53 39.82 -5.26
CA VAL C 118 -2.73 39.93 -6.08
C VAL C 118 -2.64 38.99 -7.28
N ALA C 119 -1.46 38.89 -7.90
CA ALA C 119 -1.31 38.06 -9.08
C ALA C 119 -1.31 36.56 -8.77
N ILE C 120 -1.07 36.19 -7.52
CA ILE C 120 -1.10 34.77 -7.14
C ILE C 120 -2.50 34.35 -6.71
N GLY C 121 -3.14 35.13 -5.86
CA GLY C 121 -4.52 34.88 -5.49
C GLY C 121 -4.74 33.96 -4.30
N ILE C 122 -4.52 32.66 -4.49
CA ILE C 122 -4.76 31.66 -3.46
C ILE C 122 -3.48 30.88 -3.23
N ALA C 123 -3.08 30.76 -1.96
CA ALA C 123 -1.88 30.01 -1.61
C ALA C 123 -1.93 29.64 -0.14
N THR C 124 -1.04 28.74 0.25
CA THR C 124 -0.77 28.40 1.64
C THR C 124 0.65 28.82 2.01
N ALA C 125 0.97 28.66 3.29
CA ALA C 125 2.29 29.09 3.78
C ALA C 125 3.41 28.25 3.19
N ALA C 126 3.20 26.94 3.06
CA ALA C 126 4.23 26.05 2.53
C ALA C 126 4.58 26.40 1.09
N GLN C 127 3.58 26.74 0.28
CA GLN C 127 3.85 27.12 -1.10
C GLN C 127 4.66 28.42 -1.17
N ILE C 128 4.38 29.37 -0.28
CA ILE C 128 5.13 30.62 -0.26
C ILE C 128 6.59 30.37 0.12
N THR C 129 6.82 29.53 1.13
CA THR C 129 8.18 29.19 1.52
C THR C 129 8.93 28.49 0.40
N ALA C 130 8.25 27.56 -0.29
CA ALA C 130 8.86 26.88 -1.42
C ALA C 130 9.15 27.84 -2.58
N GLY C 131 8.31 28.84 -2.80
CA GLY C 131 8.60 29.83 -3.82
C GLY C 131 9.83 30.66 -3.48
N VAL C 132 9.99 31.01 -2.21
CA VAL C 132 11.20 31.72 -1.78
C VAL C 132 12.43 30.85 -2.04
N ALA C 133 12.36 29.56 -1.71
CA ALA C 133 13.49 28.67 -1.96
C ALA C 133 13.78 28.54 -3.45
N LEU C 134 12.74 28.48 -4.29
CA LEU C 134 12.94 28.42 -5.73
C LEU C 134 13.63 29.67 -6.25
N TYR C 135 13.25 30.85 -5.74
CA TYR C 135 13.92 32.08 -6.14
C TYR C 135 15.39 32.06 -5.72
N GLU C 136 15.69 31.49 -4.56
CA GLU C 136 17.09 31.41 -4.14
C GLU C 136 17.89 30.47 -5.05
N ALA C 137 17.30 29.33 -5.46
CA ALA C 137 18.03 28.39 -6.30
C ALA C 137 18.19 28.87 -7.74
N MET C 138 17.30 29.77 -8.20
CA MET C 138 17.43 30.28 -9.56
C MET C 138 18.71 31.09 -9.77
N LYS C 139 19.34 31.57 -8.70
CA LYS C 139 20.61 32.27 -8.84
C LYS C 139 21.69 31.34 -9.37
N ASN C 140 21.76 30.11 -8.85
CA ASN C 140 22.77 29.15 -9.28
C ASN C 140 22.35 28.37 -10.53
N ALA C 141 21.06 28.31 -10.84
CA ALA C 141 20.65 27.65 -12.08
C ALA C 141 21.21 28.31 -13.33
N ASP C 142 21.46 29.64 -13.29
CA ASP C 142 21.90 30.37 -14.47
C ASP C 142 23.31 29.96 -14.92
N ASN C 143 24.21 29.69 -13.97
CA ASN C 143 25.55 29.24 -14.34
C ASN C 143 25.52 27.87 -15.01
N ILE C 144 24.66 26.96 -14.54
CA ILE C 144 24.56 25.64 -15.15
C ILE C 144 23.96 25.76 -16.55
N ASN C 145 22.98 26.65 -16.73
CA ASN C 145 22.36 26.79 -18.05
C ASN C 145 23.31 27.31 -19.13
N LYS C 146 24.57 27.61 -18.78
CA LYS C 146 25.53 28.08 -19.77
C LYS C 146 26.21 26.93 -20.53
N LEU C 147 26.06 25.69 -20.05
CA LEU C 147 26.72 24.53 -20.65
C LEU C 147 25.75 23.66 -21.44
N LYS C 148 24.78 24.29 -22.11
CA LYS C 148 23.75 23.55 -22.83
C LYS C 148 24.35 22.74 -23.98
N SER C 149 25.35 23.30 -24.67
CA SER C 149 25.99 22.59 -25.76
C SER C 149 26.72 21.36 -25.27
N SER C 150 27.42 21.46 -24.13
CA SER C 150 28.16 20.32 -23.61
C SER C 150 27.24 19.28 -23.00
N ILE C 151 26.07 19.70 -22.49
CA ILE C 151 25.13 18.73 -21.93
C ILE C 151 24.62 17.78 -23.00
N GLU C 152 24.31 18.30 -24.19
CA GLU C 152 23.74 17.47 -25.25
C GLU C 152 24.76 16.54 -25.89
N SER C 153 26.05 16.76 -25.68
CA SER C 153 27.08 15.97 -26.33
C SER C 153 27.56 14.79 -25.50
N THR C 154 27.04 14.60 -24.29
CA THR C 154 27.48 13.50 -23.44
C THR C 154 26.90 12.18 -23.93
N ASN C 155 27.70 11.12 -23.84
CA ASN C 155 27.29 9.78 -24.28
C ASN C 155 27.70 8.73 -23.26
N GLU C 156 27.57 9.04 -21.98
CA GLU C 156 27.87 8.10 -20.91
C GLU C 156 26.78 8.20 -19.85
N ALA C 157 26.75 7.20 -18.97
CA ALA C 157 25.72 7.16 -17.94
C ALA C 157 25.94 8.23 -16.89
N VAL C 158 27.16 8.37 -16.38
CA VAL C 158 27.51 9.35 -15.37
C VAL C 158 28.69 10.17 -15.89
N VAL C 159 28.52 11.49 -15.98
CA VAL C 159 29.56 12.37 -16.50
C VAL C 159 29.74 13.53 -15.53
N LYS C 160 30.98 14.00 -15.40
CA LYS C 160 31.29 15.22 -14.64
C LYS C 160 31.74 16.29 -15.63
N LEU C 161 31.08 17.44 -15.58
CA LEU C 161 31.37 18.56 -16.46
C LEU C 161 32.04 19.68 -15.66
N GLN C 162 33.13 20.20 -16.23
CA GLN C 162 33.99 21.22 -15.62
C GLN C 162 34.02 22.44 -16.51
N GLU C 163 33.50 23.56 -16.02
CA GLU C 163 33.73 24.84 -16.69
C GLU C 163 34.99 25.50 -16.15
N THR C 164 35.04 25.73 -14.84
CA THR C 164 36.24 26.16 -14.14
C THR C 164 36.45 25.22 -12.96
N ALA C 165 37.57 25.40 -12.26
CA ALA C 165 37.84 24.58 -11.09
C ALA C 165 36.88 24.87 -9.94
N GLU C 166 36.24 26.03 -9.95
CA GLU C 166 35.33 26.40 -8.87
C GLU C 166 34.00 25.66 -8.96
N LYS C 167 33.48 25.46 -10.17
CA LYS C 167 32.15 24.92 -10.37
C LYS C 167 32.23 23.58 -11.10
N THR C 168 31.53 22.58 -10.56
CA THR C 168 31.41 21.26 -11.18
C THR C 168 29.92 20.99 -11.38
N VAL C 169 29.61 20.08 -12.30
CA VAL C 169 28.25 19.57 -12.38
C VAL C 169 28.27 18.11 -12.78
N TYR C 170 27.25 17.37 -12.36
CA TYR C 170 27.12 15.95 -12.66
C TYR C 170 25.90 15.71 -13.53
N VAL C 171 26.07 14.90 -14.57
CA VAL C 171 25.02 14.60 -15.54
C VAL C 171 24.75 13.10 -15.51
N PHE C 172 23.48 12.73 -15.32
CA PHE C 172 23.01 11.35 -15.34
C PHE C 172 22.06 11.17 -16.51
N THR C 173 22.26 10.11 -17.30
CA THR C 173 21.44 9.83 -18.46
C THR C 173 20.60 8.57 -18.22
N ALA C 174 19.35 8.61 -18.69
CA ALA C 174 18.35 7.64 -18.24
C ALA C 174 18.64 6.22 -18.74
N LEU C 175 18.98 6.07 -20.02
CA LEU C 175 19.01 4.74 -20.62
C LEU C 175 20.28 4.51 -21.42
N GLN C 176 21.38 5.17 -21.05
CA GLN C 176 22.60 5.10 -21.85
C GLN C 176 23.34 3.78 -21.66
N ASP C 177 23.32 3.22 -20.45
CA ASP C 177 24.08 2.00 -20.17
C ASP C 177 23.55 0.81 -20.96
N TYR C 178 22.22 0.67 -21.05
CA TYR C 178 21.63 -0.44 -21.79
C TYR C 178 21.96 -0.35 -23.28
N ILE C 179 21.93 0.86 -23.83
CA ILE C 179 22.26 1.04 -25.25
C ILE C 179 23.73 0.74 -25.50
N ASN C 180 24.61 1.23 -24.62
CA ASN C 180 26.05 1.05 -24.82
C ASN C 180 26.47 -0.41 -24.66
N THR C 181 25.84 -1.13 -23.73
CA THR C 181 26.27 -2.48 -23.41
C THR C 181 25.63 -3.55 -24.31
N ASN C 182 24.33 -3.40 -24.62
CA ASN C 182 23.59 -4.46 -25.31
C ASN C 182 23.43 -4.19 -26.80
N LEU C 183 22.84 -3.06 -27.17
CA LEU C 183 22.40 -2.86 -28.55
C LEU C 183 23.58 -2.65 -29.51
N VAL C 184 24.54 -1.81 -29.10
CA VAL C 184 25.65 -1.47 -30.01
C VAL C 184 26.52 -2.66 -30.38
N PRO C 185 26.98 -3.50 -29.44
CA PRO C 185 27.84 -4.64 -29.84
C PRO C 185 27.15 -5.67 -30.72
N THR C 186 25.83 -5.77 -30.68
CA THR C 186 25.09 -6.77 -31.44
C THR C 186 24.50 -6.22 -32.73
N ILE C 187 24.92 -5.02 -33.15
CA ILE C 187 24.29 -4.33 -34.27
C ILE C 187 24.51 -5.04 -35.61
N ASP C 188 25.49 -5.94 -35.70
CA ASP C 188 25.81 -6.58 -36.96
C ASP C 188 25.47 -8.07 -37.00
N LYS C 189 25.20 -8.69 -35.86
CA LYS C 189 24.91 -10.13 -35.82
C LYS C 189 23.44 -10.46 -36.07
N ILE C 190 22.55 -9.47 -36.02
CA ILE C 190 21.12 -9.70 -36.23
C ILE C 190 20.60 -8.61 -37.17
N PRO C 191 19.52 -8.90 -37.89
CA PRO C 191 18.87 -7.85 -38.69
C PRO C 191 18.34 -6.74 -37.79
N CYS C 192 18.63 -5.50 -38.15
CA CYS C 192 18.39 -4.38 -37.26
C CYS C 192 16.92 -3.99 -37.16
N LYS C 193 16.05 -4.60 -37.97
CA LYS C 193 14.62 -4.47 -37.75
C LYS C 193 14.21 -5.01 -36.38
N GLN C 194 14.96 -5.99 -35.86
CA GLN C 194 14.73 -6.45 -34.50
C GLN C 194 15.29 -5.47 -33.47
N THR C 195 16.42 -4.82 -33.79
CA THR C 195 16.97 -3.81 -32.87
C THR C 195 16.04 -2.61 -32.74
N GLU C 196 15.34 -2.24 -33.82
CA GLU C 196 14.36 -1.17 -33.72
C GLU C 196 13.25 -1.52 -32.73
N LEU C 197 12.74 -2.76 -32.81
CA LEU C 197 11.71 -3.19 -31.88
C LEU C 197 12.23 -3.25 -30.45
N SER C 198 13.48 -3.69 -30.27
CA SER C 198 14.07 -3.72 -28.93
C SER C 198 14.17 -2.32 -28.33
N LEU C 199 14.64 -1.35 -29.13
CA LEU C 199 14.75 0.02 -28.66
C LEU C 199 13.38 0.60 -28.32
N ASP C 200 12.38 0.35 -29.18
CA ASP C 200 11.05 0.85 -28.90
C ASP C 200 10.46 0.25 -27.63
N LEU C 201 10.66 -1.05 -27.42
CA LEU C 201 10.18 -1.71 -26.22
C LEU C 201 10.85 -1.14 -24.97
N ALA C 202 12.17 -0.91 -25.04
CA ALA C 202 12.88 -0.34 -23.91
C ALA C 202 12.37 1.06 -23.58
N LEU C 203 12.16 1.89 -24.60
CA LEU C 203 11.64 3.24 -24.37
C LEU C 203 10.24 3.20 -23.76
N SER C 204 9.36 2.33 -24.27
CA SER C 204 8.02 2.24 -23.71
C SER C 204 8.03 1.74 -22.27
N LYS C 205 8.90 0.77 -21.97
CA LYS C 205 9.02 0.28 -20.59
C LYS C 205 9.51 1.38 -19.67
N TYR C 206 10.47 2.19 -20.13
CA TYR C 206 10.92 3.32 -19.32
C TYR C 206 9.81 4.33 -19.09
N LEU C 207 9.01 4.60 -20.13
CA LEU C 207 7.93 5.58 -19.99
C LEU C 207 6.82 5.09 -19.06
N SER C 208 6.60 3.77 -18.99
CA SER C 208 5.53 3.25 -18.14
C SER C 208 5.77 3.57 -16.66
N ASP C 209 7.03 3.57 -16.23
CA ASP C 209 7.34 3.80 -14.82
C ASP C 209 7.25 5.27 -14.42
N LEU C 210 7.46 6.19 -15.37
CA LEU C 210 7.49 7.61 -15.03
C LEU C 210 6.12 8.13 -14.60
N LEU C 211 5.06 7.63 -15.23
CA LEU C 211 3.73 8.21 -15.06
C LEU C 211 3.18 8.04 -13.65
N PHE C 212 3.74 7.15 -12.85
CA PHE C 212 3.30 7.01 -11.47
C PHE C 212 3.73 8.17 -10.60
N VAL C 213 4.77 8.89 -10.99
CA VAL C 213 5.34 9.97 -10.18
C VAL C 213 5.19 11.32 -10.88
N PHE C 214 5.56 11.40 -12.16
CA PHE C 214 5.60 12.66 -12.88
C PHE C 214 4.34 12.92 -13.71
N GLY C 215 3.31 12.10 -13.54
CA GLY C 215 2.07 12.29 -14.26
C GLY C 215 1.16 13.32 -13.62
N PRO C 216 -0.14 13.24 -13.91
CA PRO C 216 -1.08 14.21 -13.32
C PRO C 216 -1.26 14.08 -11.82
N ASN C 217 -0.66 13.07 -11.19
CA ASN C 217 -0.66 13.02 -9.73
C ASN C 217 0.15 14.16 -9.13
N LEU C 218 1.15 14.67 -9.85
CA LEU C 218 1.98 15.78 -9.41
C LEU C 218 1.21 17.08 -9.65
N GLN C 219 0.30 17.38 -8.73
CA GLN C 219 -0.50 18.59 -8.84
C GLN C 219 0.27 19.84 -8.44
N ASP C 220 1.17 19.74 -7.46
CA ASP C 220 1.88 20.89 -6.91
C ASP C 220 3.38 20.65 -6.98
N PRO C 221 4.03 21.01 -8.09
CA PRO C 221 5.49 20.88 -8.17
C PRO C 221 6.25 21.88 -7.32
N VAL C 222 5.61 22.95 -6.85
CA VAL C 222 6.31 23.96 -6.03
C VAL C 222 6.17 23.50 -4.59
N SER C 223 7.06 22.61 -4.18
CA SER C 223 7.14 22.12 -2.82
C SER C 223 8.51 21.50 -2.61
N ASN C 224 8.86 21.30 -1.34
CA ASN C 224 10.12 20.66 -0.98
C ASN C 224 9.89 19.43 -0.11
N SER C 225 8.82 18.69 -0.36
CA SER C 225 8.48 17.51 0.42
C SER C 225 8.61 16.21 -0.36
N MET C 226 9.03 16.25 -1.62
CA MET C 226 9.22 15.05 -2.41
C MET C 226 10.52 14.36 -2.01
N THR C 227 10.46 13.07 -1.74
CA THR C 227 11.64 12.33 -1.30
C THR C 227 12.54 12.00 -2.49
N ILE C 228 13.78 11.63 -2.18
CA ILE C 228 14.75 11.28 -3.21
C ILE C 228 14.42 9.95 -3.88
N GLN C 229 13.71 9.05 -3.18
CA GLN C 229 13.31 7.78 -3.77
C GLN C 229 12.36 7.98 -4.94
N ALA C 230 11.38 8.89 -4.78
CA ALA C 230 10.44 9.14 -5.86
C ALA C 230 11.10 9.89 -7.01
N ILE C 231 12.04 10.79 -6.70
CA ILE C 231 12.75 11.53 -7.74
C ILE C 231 13.64 10.61 -8.55
N SER C 232 14.24 9.59 -7.91
CA SER C 232 15.12 8.66 -8.60
C SER C 232 14.41 7.79 -9.65
N GLN C 233 13.09 7.91 -9.82
CA GLN C 233 12.42 7.16 -10.86
C GLN C 233 12.82 7.62 -12.25
N ALA C 234 13.22 8.88 -12.40
CA ALA C 234 13.72 9.37 -13.68
C ALA C 234 15.07 8.81 -14.05
N PHE C 235 15.78 8.18 -13.11
CA PHE C 235 17.04 7.50 -13.39
C PHE C 235 16.88 5.97 -13.29
N GLY C 236 15.66 5.49 -13.13
CA GLY C 236 15.42 4.06 -13.05
C GLY C 236 15.34 3.49 -11.65
N GLY C 237 15.24 4.33 -10.62
CA GLY C 237 15.14 3.85 -9.26
C GLY C 237 16.47 3.63 -8.56
N ASN C 238 17.57 4.15 -9.11
CA ASN C 238 18.91 3.95 -8.55
C ASN C 238 19.34 5.23 -7.85
N TYR C 239 18.88 5.39 -6.60
CA TYR C 239 19.26 6.56 -5.80
C TYR C 239 20.59 6.35 -5.08
N GLU C 240 21.03 5.11 -4.91
CA GLU C 240 22.33 4.84 -4.28
C GLU C 240 23.47 5.43 -5.11
N THR C 241 23.38 5.30 -6.44
CA THR C 241 24.40 5.88 -7.30
C THR C 241 24.46 7.39 -7.16
N LEU C 242 23.31 8.05 -7.15
CA LEU C 242 23.27 9.50 -6.98
C LEU C 242 23.89 9.92 -5.66
N LEU C 243 23.44 9.30 -4.56
CA LEU C 243 23.90 9.72 -3.25
C LEU C 243 25.39 9.44 -3.05
N ARG C 244 25.90 8.34 -3.59
CA ARG C 244 27.31 8.01 -3.41
C ARG C 244 28.20 8.80 -4.37
N THR C 245 27.66 9.23 -5.51
CA THR C 245 28.45 10.07 -6.41
C THR C 245 28.53 11.50 -5.89
N LEU C 246 27.48 11.98 -5.24
CA LEU C 246 27.50 13.34 -4.72
C LEU C 246 28.48 13.54 -3.56
N GLY C 247 29.00 12.46 -2.99
CA GLY C 247 30.01 12.57 -1.96
C GLY C 247 29.49 12.61 -0.53
N TYR C 248 28.20 12.42 -0.33
CA TYR C 248 27.65 12.40 1.03
C TYR C 248 28.13 11.17 1.78
N ALA C 249 28.48 11.36 3.06
CA ALA C 249 28.95 10.26 3.90
C ALA C 249 28.73 10.64 5.36
N THR C 250 28.03 9.79 6.10
CA THR C 250 27.75 10.06 7.50
C THR C 250 27.42 8.74 8.20
N GLU C 251 27.41 8.79 9.54
CA GLU C 251 27.15 7.59 10.32
C GLU C 251 25.66 7.23 10.31
N ASP C 252 24.78 8.25 10.28
CA ASP C 252 23.34 8.03 10.30
C ASP C 252 22.71 8.11 8.92
N PHE C 253 23.41 7.61 7.89
CA PHE C 253 22.91 7.67 6.53
C PHE C 253 21.62 6.87 6.36
N ASP C 254 21.59 5.64 6.89
CA ASP C 254 20.43 4.79 6.72
C ASP C 254 19.23 5.28 7.52
N ASP C 255 19.47 5.84 8.71
CA ASP C 255 18.36 6.37 9.51
C ASP C 255 17.71 7.56 8.81
N LEU C 256 18.51 8.42 8.20
CA LEU C 256 17.94 9.53 7.44
C LEU C 256 17.26 9.04 6.17
N LEU C 257 17.79 7.98 5.55
CA LEU C 257 17.21 7.47 4.32
C LEU C 257 15.85 6.82 4.55
N GLU C 258 15.71 6.08 5.65
CA GLU C 258 14.49 5.30 5.87
C GLU C 258 13.39 6.08 6.57
N SER C 259 13.65 7.29 7.06
CA SER C 259 12.63 8.10 7.71
C SER C 259 12.09 9.19 6.80
N ASP C 260 12.46 9.18 5.51
CA ASP C 260 12.02 10.15 4.52
C ASP C 260 12.39 11.59 4.91
N SER C 261 13.68 11.78 5.17
CA SER C 261 14.21 13.09 5.54
C SER C 261 15.04 13.74 4.44
N ILE C 262 15.44 13.00 3.43
CA ILE C 262 16.19 13.54 2.30
C ILE C 262 15.22 13.86 1.18
N THR C 263 15.14 15.14 0.80
CA THR C 263 14.13 15.62 -0.13
C THR C 263 14.80 16.32 -1.31
N GLY C 264 13.97 16.68 -2.29
CA GLY C 264 14.45 17.36 -3.48
C GLY C 264 13.39 18.28 -4.06
N GLN C 265 13.83 19.19 -4.92
CA GLN C 265 12.96 20.18 -5.53
C GLN C 265 13.39 20.43 -6.97
N ILE C 266 12.40 20.48 -7.87
CA ILE C 266 12.64 20.77 -9.28
C ILE C 266 12.67 22.29 -9.46
N ILE C 267 13.72 22.79 -10.11
CA ILE C 267 13.88 24.22 -10.28
C ILE C 267 13.94 24.67 -11.74
N TYR C 268 14.19 23.78 -12.69
CA TYR C 268 14.28 24.19 -14.09
C TYR C 268 13.99 23.02 -15.02
N VAL C 269 13.23 23.31 -16.07
CA VAL C 269 12.82 22.34 -17.09
C VAL C 269 13.19 22.90 -18.46
N ASP C 270 13.79 22.07 -19.30
CA ASP C 270 14.13 22.46 -20.67
C ASP C 270 13.28 21.63 -21.63
N LEU C 271 12.47 22.31 -22.44
CA LEU C 271 11.58 21.62 -23.38
C LEU C 271 12.25 21.35 -24.73
N SER C 272 13.32 22.07 -25.06
CA SER C 272 14.01 21.87 -26.33
C SER C 272 15.12 20.85 -26.26
N SER C 273 15.76 20.70 -25.10
CA SER C 273 16.83 19.73 -24.92
C SER C 273 16.46 18.59 -23.98
N TYR C 274 15.28 18.65 -23.35
CA TYR C 274 14.73 17.56 -22.55
C TYR C 274 15.64 17.18 -21.37
N TYR C 275 15.80 18.12 -20.44
CA TYR C 275 16.47 17.82 -19.20
C TYR C 275 15.91 18.69 -18.07
N ILE C 276 16.16 18.26 -16.85
CA ILE C 276 15.68 18.97 -15.66
C ILE C 276 16.84 19.20 -14.70
N ILE C 277 16.67 20.20 -13.85
CA ILE C 277 17.66 20.56 -12.83
C ILE C 277 17.02 20.39 -11.46
N VAL C 278 17.68 19.63 -10.58
CA VAL C 278 17.12 19.25 -9.29
C VAL C 278 18.08 19.67 -8.17
N ARG C 279 17.53 20.18 -7.08
CA ARG C 279 18.30 20.52 -5.89
C ARG C 279 18.00 19.52 -4.76
N VAL C 280 19.05 19.05 -4.10
CA VAL C 280 18.97 18.01 -3.08
C VAL C 280 19.39 18.59 -1.73
N TYR C 281 18.61 18.28 -0.69
CA TYR C 281 18.85 18.75 0.67
C TYR C 281 19.27 17.59 1.57
N PHE C 282 20.22 17.85 2.47
CA PHE C 282 20.74 16.84 3.39
C PHE C 282 20.77 17.39 4.82
N PRO C 283 19.86 16.94 5.69
CA PRO C 283 19.78 17.51 7.05
C PRO C 283 20.63 16.81 8.10
N ILE C 284 20.52 17.26 9.35
CA ILE C 284 21.14 16.60 10.50
C ILE C 284 20.08 16.39 11.58
N LEU C 285 20.34 15.44 12.47
CA LEU C 285 19.41 15.08 13.53
C LEU C 285 19.79 15.79 14.83
N THR C 286 18.76 16.28 15.54
CA THR C 286 18.92 16.91 16.85
C THR C 286 17.94 16.29 17.82
N GLU C 287 18.37 16.18 19.08
CA GLU C 287 17.59 15.52 20.13
C GLU C 287 16.74 16.53 20.88
N ILE C 288 15.49 16.18 21.13
CA ILE C 288 14.57 17.03 21.89
C ILE C 288 14.85 16.84 23.38
N GLN C 289 15.01 17.95 24.10
CA GLN C 289 15.43 17.89 25.49
C GLN C 289 14.23 17.72 26.42
N GLN C 290 14.46 16.97 27.51
CA GLN C 290 13.45 16.70 28.55
C GLN C 290 12.23 15.98 27.97
N ALA C 291 12.47 14.95 27.17
CA ALA C 291 11.39 14.23 26.53
C ALA C 291 11.80 12.77 26.34
N TYR C 292 10.83 11.86 26.51
CA TYR C 292 11.07 10.45 26.23
C TYR C 292 9.78 9.76 25.87
N ILE C 293 9.91 8.54 25.33
CA ILE C 293 8.79 7.73 24.86
C ILE C 293 8.82 6.40 25.61
N GLN C 294 7.70 6.02 26.19
CA GLN C 294 7.56 4.79 26.95
C GLN C 294 6.58 3.86 26.26
N GLU C 295 6.96 2.58 26.18
CA GLU C 295 6.11 1.55 25.59
C GLU C 295 5.66 0.56 26.65
N LEU C 296 4.55 -0.14 26.34
CA LEU C 296 3.96 -1.11 27.24
C LEU C 296 3.66 -2.40 26.47
N LEU C 297 3.64 -3.51 27.21
CA LEU C 297 3.35 -4.83 26.66
C LEU C 297 2.05 -5.34 27.27
N PRO C 298 1.08 -5.76 26.45
CA PRO C 298 -0.19 -6.24 27.00
C PRO C 298 -0.19 -7.74 27.26
N VAL C 299 -0.82 -8.12 28.38
CA VAL C 299 -0.97 -9.52 28.78
C VAL C 299 -2.41 -9.73 29.22
N SER C 300 -3.01 -10.84 28.80
CA SER C 300 -4.39 -11.13 29.18
C SER C 300 -4.48 -11.50 30.66
N PHE C 301 -5.65 -11.26 31.24
CA PHE C 301 -5.87 -11.51 32.66
C PHE C 301 -7.28 -12.07 32.86
N ASN C 302 -7.50 -12.62 34.05
CA ASN C 302 -8.73 -13.34 34.38
C ASN C 302 -9.54 -12.54 35.40
N ASN C 303 -10.85 -12.44 35.18
CA ASN C 303 -11.71 -11.70 36.11
C ASN C 303 -12.69 -12.61 36.85
N ASP C 304 -13.60 -13.29 36.16
CA ASP C 304 -14.40 -14.33 36.80
C ASP C 304 -14.25 -15.68 36.12
N ASN C 305 -14.56 -15.78 34.83
CA ASN C 305 -14.38 -17.02 34.09
C ASN C 305 -13.93 -16.76 32.65
N SER C 306 -13.44 -15.56 32.35
CA SER C 306 -13.15 -15.17 30.98
C SER C 306 -11.79 -14.50 30.93
N GLU C 307 -11.29 -14.32 29.71
CA GLU C 307 -10.06 -13.60 29.46
C GLU C 307 -10.38 -12.19 28.98
N TRP C 308 -9.56 -11.23 29.38
CA TRP C 308 -9.76 -9.84 29.03
C TRP C 308 -8.42 -9.22 28.62
N ILE C 309 -8.50 -8.19 27.80
CA ILE C 309 -7.34 -7.37 27.46
C ILE C 309 -7.70 -5.90 27.65
N SER C 310 -6.77 -5.13 28.18
CA SER C 310 -6.99 -3.71 28.38
C SER C 310 -6.70 -2.94 27.09
N ILE C 311 -7.46 -1.88 26.86
CA ILE C 311 -7.34 -1.07 25.66
C ILE C 311 -6.73 0.27 26.08
N VAL C 312 -5.41 0.34 26.00
CA VAL C 312 -4.62 1.52 26.33
C VAL C 312 -3.60 1.74 25.22
N PRO C 313 -3.28 2.99 24.91
CA PRO C 313 -2.22 3.24 23.91
C PRO C 313 -0.90 2.60 24.31
N ASN C 314 -0.20 2.07 23.31
CA ASN C 314 1.03 1.33 23.54
C ASN C 314 2.27 2.20 23.57
N PHE C 315 2.16 3.47 23.18
CA PHE C 315 3.28 4.40 23.19
C PHE C 315 2.82 5.71 23.81
N ILE C 316 3.59 6.22 24.77
CA ILE C 316 3.25 7.43 25.51
C ILE C 316 4.44 8.38 25.45
N LEU C 317 4.18 9.63 25.10
CA LEU C 317 5.21 10.66 25.05
C LEU C 317 5.14 11.53 26.30
N VAL C 318 6.25 11.63 27.02
CA VAL C 318 6.35 12.47 28.20
C VAL C 318 7.34 13.58 27.91
N ARG C 319 6.88 14.83 28.01
CA ARG C 319 7.68 16.00 27.66
C ARG C 319 7.38 17.10 28.67
N ASN C 320 8.39 17.52 29.44
CA ASN C 320 8.26 18.57 30.46
C ASN C 320 7.12 18.25 31.43
N THR C 321 7.08 16.99 31.89
CA THR C 321 6.06 16.45 32.76
C THR C 321 4.65 16.55 32.17
N LEU C 322 4.53 16.54 30.84
CA LEU C 322 3.25 16.48 30.16
C LEU C 322 3.13 15.16 29.41
N ILE C 323 1.99 14.51 29.55
CA ILE C 323 1.72 13.20 28.98
C ILE C 323 0.85 13.38 27.74
N SER C 324 1.21 12.73 26.64
CA SER C 324 0.42 12.85 25.43
C SER C 324 0.61 11.62 24.54
N ASN C 325 -0.18 11.57 23.47
CA ASN C 325 -0.16 10.53 22.48
C ASN C 325 0.84 10.88 21.37
N ILE C 326 1.06 9.92 20.47
CA ILE C 326 1.92 10.11 19.31
C ILE C 326 1.54 9.10 18.24
N GLU C 327 1.38 9.56 17.00
CA GLU C 327 1.08 8.67 15.88
C GLU C 327 2.40 8.12 15.36
N ILE C 328 2.77 6.95 15.88
CA ILE C 328 4.08 6.36 15.59
C ILE C 328 4.13 5.66 14.25
N GLY C 329 3.02 5.62 13.52
CA GLY C 329 3.02 5.01 12.19
C GLY C 329 3.82 5.79 11.16
N PHE C 330 4.03 7.08 11.40
CA PHE C 330 4.80 7.91 10.48
C PHE C 330 6.28 7.97 10.82
N CYS C 331 6.70 7.40 11.93
CA CYS C 331 8.07 7.51 12.40
C CYS C 331 8.82 6.19 12.24
N LEU C 332 10.13 6.25 12.47
CA LEU C 332 11.00 5.08 12.42
C LEU C 332 11.38 4.70 13.85
N ILE C 333 11.25 3.41 14.17
CA ILE C 333 11.52 2.90 15.51
C ILE C 333 12.79 2.08 15.46
N THR C 334 13.75 2.43 16.30
CA THR C 334 14.99 1.69 16.48
C THR C 334 15.06 1.19 17.93
N LYS C 335 16.19 0.58 18.29
CA LYS C 335 16.31 0.03 19.63
C LYS C 335 16.67 1.09 20.68
N ARG C 336 17.12 2.27 20.25
CA ARG C 336 17.45 3.30 21.23
C ARG C 336 16.68 4.60 21.06
N SER C 337 16.07 4.85 19.91
CA SER C 337 15.45 6.15 19.67
C SER C 337 14.37 6.04 18.60
N VAL C 338 13.52 7.06 18.56
CA VAL C 338 12.47 7.19 17.55
C VAL C 338 12.78 8.42 16.71
N ILE C 339 12.86 8.23 15.39
CA ILE C 339 13.29 9.27 14.46
C ILE C 339 12.11 9.67 13.58
N CYS C 340 11.80 10.97 13.57
CA CYS C 340 10.73 11.52 12.76
C CYS C 340 11.23 12.76 12.04
N ASN C 341 10.54 13.13 10.96
CA ASN C 341 10.83 14.36 10.24
C ASN C 341 9.94 15.52 10.65
N GLN C 342 9.07 15.32 11.64
CA GLN C 342 8.08 16.30 12.04
C GLN C 342 7.53 15.89 13.40
N ASP C 343 7.17 16.89 14.21
CA ASP C 343 6.55 16.61 15.49
C ASP C 343 5.15 16.03 15.29
N TYR C 344 4.84 14.97 16.03
CA TYR C 344 3.59 14.24 15.86
C TYR C 344 2.85 14.07 17.19
N ALA C 345 2.79 15.12 18.01
CA ALA C 345 2.09 15.05 19.28
C ALA C 345 0.59 15.18 19.08
N THR C 346 -0.18 14.52 19.95
CA THR C 346 -1.63 14.45 19.88
C THR C 346 -2.20 14.64 21.27
N PRO C 347 -3.32 15.35 21.40
CA PRO C 347 -3.94 15.50 22.73
C PRO C 347 -4.53 14.20 23.24
N MET C 348 -4.72 14.16 24.56
CA MET C 348 -5.23 12.98 25.26
C MET C 348 -6.32 13.42 26.23
N THR C 349 -7.37 12.60 26.35
CA THR C 349 -8.50 12.92 27.22
C THR C 349 -8.09 12.89 28.68
N ASN C 350 -8.97 13.43 29.53
CA ASN C 350 -8.68 13.51 30.97
C ASN C 350 -8.83 12.16 31.64
N ASN C 351 -9.82 11.35 31.21
CA ASN C 351 -10.05 10.05 31.84
C ASN C 351 -8.89 9.09 31.57
N MET C 352 -8.31 9.13 30.37
CA MET C 352 -7.16 8.29 30.10
C MET C 352 -5.96 8.69 30.95
N ARG C 353 -5.76 9.98 31.16
CA ARG C 353 -4.70 10.44 32.05
C ARG C 353 -4.93 9.99 33.49
N GLU C 354 -6.18 10.05 33.95
CA GLU C 354 -6.50 9.55 35.29
C GLU C 354 -6.24 8.05 35.39
N CYS C 355 -6.58 7.29 34.34
CA CYS C 355 -6.29 5.86 34.33
C CYS C 355 -4.79 5.60 34.39
N LEU C 356 -4.00 6.36 33.64
CA LEU C 356 -2.56 6.15 33.61
C LEU C 356 -1.87 6.63 34.88
N THR C 357 -2.48 7.52 35.66
CA THR C 357 -1.88 7.97 36.90
C THR C 357 -2.22 7.08 38.10
N GLY C 358 -3.07 6.08 37.93
CA GLY C 358 -3.30 5.13 39.00
C GLY C 358 -4.74 4.82 39.34
N SER C 359 -5.70 5.38 38.60
CA SER C 359 -7.12 5.14 38.84
C SER C 359 -7.58 4.08 37.86
N THR C 360 -7.47 2.82 38.26
CA THR C 360 -7.76 1.70 37.38
C THR C 360 -9.26 1.50 37.14
N GLU C 361 -10.12 2.20 37.87
CA GLU C 361 -11.56 2.08 37.65
C GLU C 361 -12.02 2.74 36.37
N LYS C 362 -11.16 3.50 35.70
CA LYS C 362 -11.51 4.25 34.49
C LYS C 362 -10.74 3.75 33.27
N CYS C 363 -10.50 2.45 33.19
CA CYS C 363 -9.75 1.87 32.09
C CYS C 363 -10.60 0.79 31.43
N PRO C 364 -10.89 0.89 30.14
CA PRO C 364 -11.76 -0.10 29.48
C PRO C 364 -11.06 -1.42 29.20
N ARG C 365 -11.87 -2.44 28.93
CA ARG C 365 -11.37 -3.78 28.68
C ARG C 365 -12.25 -4.45 27.63
N GLU C 366 -11.68 -5.47 26.97
CA GLU C 366 -12.35 -6.18 25.89
C GLU C 366 -12.20 -7.69 26.09
N LEU C 367 -13.23 -8.42 25.69
CA LEU C 367 -13.29 -9.87 25.82
C LEU C 367 -12.46 -10.56 24.74
N VAL C 368 -11.94 -11.73 25.07
CA VAL C 368 -11.09 -12.52 24.18
C VAL C 368 -11.88 -13.72 23.70
N VAL C 369 -11.92 -13.93 22.38
CA VAL C 369 -12.68 -15.03 21.78
C VAL C 369 -11.71 -15.93 21.01
N SER C 370 -10.63 -15.33 20.50
CA SER C 370 -9.65 -16.08 19.73
C SER C 370 -8.79 -16.96 20.63
N SER C 371 -8.11 -17.93 20.00
CA SER C 371 -7.24 -18.84 20.73
C SER C 371 -5.78 -18.41 20.72
N HIS C 372 -5.43 -17.35 19.99
CA HIS C 372 -4.06 -16.84 19.94
C HIS C 372 -4.02 -15.50 20.65
N VAL C 373 -3.29 -15.44 21.76
CA VAL C 373 -3.15 -14.22 22.55
C VAL C 373 -1.93 -14.39 23.46
N PRO C 374 -1.15 -13.34 23.71
CA PRO C 374 -0.06 -13.44 24.68
C PRO C 374 -0.59 -13.71 26.09
N ARG C 375 0.17 -14.50 26.85
CA ARG C 375 -0.26 -14.92 28.17
C ARG C 375 0.78 -14.74 29.27
N PHE C 376 2.03 -14.40 28.94
CA PHE C 376 3.02 -14.09 29.95
C PHE C 376 4.03 -13.12 29.36
N ALA C 377 4.76 -12.45 30.25
CA ALA C 377 5.79 -11.50 29.83
C ALA C 377 6.91 -11.47 30.87
N LEU C 378 8.08 -11.01 30.42
CA LEU C 378 9.28 -10.93 31.24
C LEU C 378 9.76 -9.49 31.29
N SER C 379 10.02 -8.99 32.51
CA SER C 379 10.48 -7.62 32.70
C SER C 379 11.45 -7.61 33.88
N ASN C 380 12.69 -7.17 33.62
CA ASN C 380 13.74 -7.06 34.64
C ASN C 380 13.96 -8.37 35.37
N GLY C 381 13.90 -9.48 34.64
CA GLY C 381 14.09 -10.79 35.23
C GLY C 381 12.93 -11.33 36.04
N VAL C 382 11.77 -10.67 36.00
CA VAL C 382 10.59 -11.11 36.73
C VAL C 382 9.48 -11.36 35.71
N LEU C 383 8.79 -12.49 35.84
CA LEU C 383 7.76 -12.85 34.87
C LEU C 383 6.37 -12.64 35.47
N PHE C 384 5.49 -12.08 34.65
CA PHE C 384 4.08 -11.91 34.96
C PHE C 384 3.29 -12.85 34.05
N ALA C 385 2.49 -13.72 34.65
CA ALA C 385 1.83 -14.77 33.89
C ALA C 385 0.40 -14.97 34.37
N ASN C 386 -0.47 -15.32 33.42
CA ASN C 386 -1.84 -15.74 33.69
C ASN C 386 -1.84 -17.26 33.75
N CYS C 387 -1.58 -17.81 34.93
CA CYS C 387 -1.34 -19.25 35.07
C CYS C 387 -2.63 -20.05 35.16
N ILE C 388 -3.79 -19.41 35.12
CA ILE C 388 -5.05 -20.15 35.02
C ILE C 388 -5.18 -20.75 33.62
N SER C 389 -4.86 -19.98 32.58
CA SER C 389 -5.03 -20.43 31.20
C SER C 389 -3.78 -21.04 30.61
N VAL C 390 -2.67 -21.13 31.35
CA VAL C 390 -1.44 -21.72 30.86
C VAL C 390 -0.87 -22.63 31.94
N THR C 391 -0.06 -23.60 31.51
CA THR C 391 0.56 -24.52 32.45
C THR C 391 1.64 -23.81 33.25
N CYS C 392 1.63 -24.02 34.56
CA CYS C 392 2.42 -23.21 35.50
C CYS C 392 2.95 -24.11 36.59
N GLN C 393 4.25 -24.40 36.56
CA GLN C 393 4.85 -25.26 37.58
C GLN C 393 6.31 -24.88 37.78
N CYS C 394 6.85 -25.29 38.92
CA CYS C 394 8.22 -24.95 39.30
C CYS C 394 9.15 -26.14 39.11
N GLN C 395 10.34 -25.87 38.59
CA GLN C 395 11.30 -26.92 38.29
C GLN C 395 12.00 -27.44 39.54
N THR C 396 12.30 -26.55 40.49
CA THR C 396 13.12 -26.91 41.64
C THR C 396 12.42 -27.95 42.52
N THR C 397 11.13 -27.76 42.80
CA THR C 397 10.40 -28.65 43.70
C THR C 397 9.44 -29.58 42.97
N GLY C 398 9.17 -29.34 41.68
CA GLY C 398 8.26 -30.18 40.93
C GLY C 398 6.79 -29.92 41.18
N ARG C 399 6.46 -28.89 41.96
CA ARG C 399 5.07 -28.61 42.32
C ARG C 399 4.50 -27.54 41.41
N ALA C 400 3.21 -27.68 41.10
CA ALA C 400 2.53 -26.73 40.26
C ALA C 400 2.24 -25.43 41.02
N ILE C 401 2.11 -24.35 40.27
CA ILE C 401 1.79 -23.04 40.81
C ILE C 401 0.34 -22.72 40.47
N SER C 402 -0.46 -22.41 41.49
CA SER C 402 -1.90 -22.29 41.34
C SER C 402 -2.35 -20.83 41.54
N GLN C 403 -3.32 -20.42 40.74
CA GLN C 403 -3.92 -19.09 40.83
C GLN C 403 -5.37 -19.22 41.25
N SER C 404 -5.79 -18.43 42.23
CA SER C 404 -7.16 -18.49 42.70
C SER C 404 -8.08 -17.68 41.79
N GLY C 405 -9.38 -17.74 42.08
CA GLY C 405 -10.37 -17.04 41.30
C GLY C 405 -10.51 -15.57 41.58
N GLU C 406 -9.80 -15.05 42.59
CA GLU C 406 -9.85 -13.64 42.95
C GLU C 406 -8.59 -12.88 42.51
N GLN C 407 -7.73 -13.51 41.72
CA GLN C 407 -6.51 -12.87 41.25
C GLN C 407 -6.55 -12.71 39.73
N THR C 408 -5.99 -11.61 39.24
CA THR C 408 -5.93 -11.36 37.80
C THR C 408 -4.67 -11.91 37.16
N LEU C 409 -3.54 -11.79 37.85
CA LEU C 409 -2.26 -12.24 37.32
C LEU C 409 -1.42 -12.80 38.46
N LEU C 410 -0.31 -13.42 38.09
CA LEU C 410 0.68 -13.90 39.04
C LEU C 410 2.05 -13.33 38.70
N MET C 411 2.77 -12.89 39.73
CA MET C 411 4.15 -12.42 39.61
C MET C 411 5.06 -13.49 40.19
N ILE C 412 6.10 -13.86 39.44
CA ILE C 412 7.01 -14.93 39.86
C ILE C 412 8.44 -14.41 39.84
N ASP C 413 9.14 -14.55 40.98
CA ASP C 413 10.55 -14.25 41.10
C ASP C 413 11.23 -15.38 41.87
N ASN C 414 12.53 -15.24 42.14
CA ASN C 414 13.25 -16.36 42.73
C ASN C 414 13.02 -16.50 44.24
N THR C 415 12.29 -15.57 44.86
CA THR C 415 11.96 -15.73 46.27
C THR C 415 11.09 -16.96 46.51
N THR C 416 10.12 -17.22 45.64
CA THR C 416 9.33 -18.44 45.74
C THR C 416 10.14 -19.65 45.31
N CYS C 417 10.61 -19.66 44.05
CA CYS C 417 11.55 -20.68 43.60
C CYS C 417 12.30 -20.15 42.41
N PRO C 418 13.59 -20.48 42.25
CA PRO C 418 14.42 -19.83 41.22
C PRO C 418 14.05 -20.17 39.79
N THR C 419 13.89 -21.45 39.47
CA THR C 419 13.68 -21.89 38.10
C THR C 419 12.21 -22.23 37.87
N ALA C 420 11.72 -21.93 36.67
CA ALA C 420 10.32 -22.18 36.30
C ALA C 420 10.27 -22.83 34.92
N VAL C 421 9.19 -23.58 34.69
CA VAL C 421 8.95 -24.25 33.41
C VAL C 421 7.66 -23.70 32.82
N LEU C 422 7.74 -23.21 31.58
CA LEU C 422 6.56 -22.68 30.89
C LEU C 422 6.46 -23.39 29.54
N GLY C 423 5.80 -24.54 29.53
CA GLY C 423 5.75 -25.35 28.33
C GLY C 423 7.06 -26.08 28.10
N ASN C 424 7.81 -25.67 27.08
CA ASN C 424 9.06 -26.33 26.73
C ASN C 424 10.28 -25.49 27.04
N VAL C 425 10.15 -24.45 27.86
CA VAL C 425 11.27 -23.56 28.17
C VAL C 425 11.44 -23.49 29.69
N ILE C 426 12.69 -23.62 30.12
CA ILE C 426 13.10 -23.43 31.51
C ILE C 426 13.69 -22.02 31.62
N ILE C 427 13.27 -21.29 32.65
CA ILE C 427 13.70 -19.91 32.83
C ILE C 427 14.17 -19.70 34.27
N SER C 428 15.31 -19.04 34.43
CA SER C 428 15.82 -18.65 35.73
C SER C 428 15.49 -17.19 35.98
N LEU C 429 15.16 -16.86 37.22
CA LEU C 429 14.50 -15.60 37.54
C LEU C 429 15.33 -14.76 38.52
N GLY C 430 15.05 -13.47 38.52
CA GLY C 430 15.67 -12.52 39.42
C GLY C 430 14.79 -12.18 40.60
N LYS C 431 15.01 -11.00 41.16
CA LYS C 431 14.29 -10.54 42.33
C LYS C 431 13.47 -9.30 42.01
N TYR C 432 12.26 -9.24 42.55
CA TYR C 432 11.34 -8.13 42.30
C TYR C 432 11.62 -6.99 43.28
N LEU C 433 11.64 -5.77 42.75
CA LEU C 433 11.82 -4.56 43.54
C LEU C 433 10.46 -3.87 43.67
N GLY C 434 9.88 -3.95 44.85
CA GLY C 434 8.57 -3.37 45.07
C GLY C 434 7.96 -3.93 46.35
N SER C 435 6.63 -3.88 46.40
CA SER C 435 5.91 -4.37 47.57
C SER C 435 6.08 -5.88 47.70
N VAL C 436 6.25 -6.34 48.94
CA VAL C 436 6.40 -7.77 49.20
C VAL C 436 5.06 -8.49 49.22
N ASN C 437 3.95 -7.74 49.31
CA ASN C 437 2.60 -8.30 49.33
C ASN C 437 1.89 -8.11 48.01
N TYR C 438 2.60 -8.27 46.90
CA TYR C 438 2.01 -8.05 45.58
C TYR C 438 0.86 -9.02 45.32
N ASN C 439 1.03 -10.29 45.66
CA ASN C 439 0.04 -11.30 45.31
C ASN C 439 -1.14 -11.35 46.29
N SER C 440 -1.14 -10.52 47.34
CA SER C 440 -2.19 -10.54 48.34
C SER C 440 -3.07 -9.29 48.30
N GLU C 441 -2.95 -8.46 47.26
CA GLU C 441 -3.72 -7.23 47.15
C GLU C 441 -4.48 -7.19 45.84
N GLY C 442 -5.71 -6.65 45.88
CA GLY C 442 -6.56 -6.56 44.73
C GLY C 442 -6.74 -5.14 44.24
N ILE C 443 -7.47 -5.01 43.14
CA ILE C 443 -7.72 -3.74 42.46
C ILE C 443 -9.19 -3.69 42.04
N ALA C 444 -9.55 -2.59 41.37
CA ALA C 444 -10.87 -2.41 40.80
C ALA C 444 -10.77 -2.37 39.27
N ILE C 445 -11.80 -2.87 38.60
CA ILE C 445 -11.77 -3.08 37.15
C ILE C 445 -12.75 -2.11 36.49
N GLY C 446 -12.47 -1.79 35.23
CA GLY C 446 -13.28 -0.88 34.46
C GLY C 446 -14.39 -1.56 33.67
N PRO C 447 -15.10 -0.79 32.85
CA PRO C 447 -16.26 -1.33 32.14
C PRO C 447 -15.87 -1.97 30.81
N PRO C 448 -16.64 -2.94 30.34
CA PRO C 448 -16.33 -3.58 29.05
C PRO C 448 -16.77 -2.74 27.86
N VAL C 449 -16.03 -2.89 26.75
CA VAL C 449 -16.28 -2.13 25.53
C VAL C 449 -16.16 -3.05 24.32
N PHE C 450 -16.56 -2.53 23.17
CA PHE C 450 -16.42 -3.20 21.88
C PHE C 450 -15.81 -2.21 20.89
N THR C 451 -14.89 -2.70 20.05
CA THR C 451 -14.11 -1.84 19.18
C THR C 451 -14.35 -2.08 17.70
N ASP C 452 -15.31 -2.89 17.31
CA ASP C 452 -15.60 -3.11 15.90
C ASP C 452 -16.30 -1.89 15.31
N LYS C 453 -16.24 -1.78 13.99
CA LYS C 453 -16.73 -0.57 13.31
C LYS C 453 -18.25 -0.45 13.35
N VAL C 454 -18.96 -1.56 13.06
CA VAL C 454 -20.42 -1.52 13.07
C VAL C 454 -20.95 -1.39 14.49
N ASP C 455 -20.23 -1.96 15.46
CA ASP C 455 -20.66 -1.89 16.85
C ASP C 455 -20.67 -0.45 17.38
N ILE C 456 -19.80 0.42 16.86
CA ILE C 456 -19.83 1.83 17.28
C ILE C 456 -21.16 2.46 16.90
N SER C 457 -21.61 2.24 15.66
CA SER C 457 -22.89 2.79 15.22
C SER C 457 -24.05 2.19 16.01
N SER C 458 -24.00 0.88 16.28
CA SER C 458 -25.05 0.25 17.07
C SER C 458 -25.12 0.84 18.48
N GLN C 459 -23.97 1.04 19.11
CA GLN C 459 -23.93 1.60 20.46
C GLN C 459 -24.44 3.03 20.48
N ILE C 460 -24.07 3.83 19.48
CA ILE C 460 -24.56 5.20 19.39
C ILE C 460 -26.08 5.23 19.24
N SER C 461 -26.63 4.35 18.40
CA SER C 461 -28.08 4.29 18.24
C SER C 461 -28.78 3.91 19.53
N SER C 462 -28.26 2.92 20.25
CA SER C 462 -28.88 2.50 21.50
C SER C 462 -28.85 3.62 22.53
N MET C 463 -27.71 4.32 22.64
CA MET C 463 -27.62 5.41 23.60
C MET C 463 -28.56 6.55 23.25
N ASN C 464 -28.71 6.87 21.96
CA ASN C 464 -29.68 7.89 21.56
C ASN C 464 -31.10 7.47 21.92
N GLN C 465 -31.45 6.20 21.70
CA GLN C 465 -32.78 5.72 22.05
C GLN C 465 -33.06 5.89 23.54
N SER C 466 -32.09 5.50 24.37
CA SER C 466 -32.27 5.64 25.82
C SER C 466 -32.43 7.10 26.23
N LEU C 467 -31.62 7.99 25.63
CA LEU C 467 -31.73 9.40 25.94
C LEU C 467 -33.10 9.96 25.54
N GLN C 468 -33.60 9.56 24.38
CA GLN C 468 -34.91 10.05 23.93
C GLN C 468 -36.03 9.58 24.84
N GLN C 469 -35.99 8.32 25.28
CA GLN C 469 -37.01 7.87 26.23
C GLN C 469 -36.90 8.59 27.57
N SER C 470 -35.68 8.85 28.04
CA SER C 470 -35.52 9.59 29.29
C SER C 470 -36.11 11.00 29.18
N LYS C 471 -35.85 11.67 28.06
CA LYS C 471 -36.40 13.02 27.87
C LYS C 471 -37.92 12.97 27.72
N ASP C 472 -38.45 11.93 27.07
CA ASP C 472 -39.90 11.79 26.94
C ASP C 472 -40.56 11.62 28.30
N TYR C 473 -39.95 10.86 29.20
CA TYR C 473 -40.50 10.76 30.55
C TYR C 473 -40.33 12.06 31.33
N ILE C 474 -39.18 12.73 31.17
CA ILE C 474 -38.94 13.95 31.92
C ILE C 474 -39.86 15.07 31.47
N LYS C 475 -40.42 15.00 30.26
CA LYS C 475 -41.45 15.96 29.87
C LYS C 475 -42.68 15.84 30.76
N GLU C 476 -43.18 14.61 30.96
CA GLU C 476 -44.31 14.40 31.86
C GLU C 476 -43.94 14.74 33.29
N ALA C 477 -42.66 14.52 33.66
CA ALA C 477 -42.20 14.97 34.97
C ALA C 477 -42.27 16.48 35.10
N GLN C 478 -41.92 17.19 34.02
CA GLN C 478 -42.02 18.65 34.02
C GLN C 478 -43.47 19.11 34.15
N ARG C 479 -44.40 18.41 33.47
CA ARG C 479 -45.79 18.85 33.48
C ARG C 479 -46.38 18.79 34.89
N LEU C 480 -46.08 17.75 35.65
CA LEU C 480 -46.59 17.62 37.01
C LEU C 480 -45.99 18.68 37.93
N ILE D 27 -28.36 -19.84 14.11
CA ILE D 27 -29.82 -19.86 14.06
C ILE D 27 -30.32 -18.53 13.46
N LEU D 28 -29.71 -18.17 12.33
CA LEU D 28 -30.10 -16.95 11.63
C LEU D 28 -31.47 -17.11 11.01
N HIS D 29 -32.28 -16.06 11.12
CA HIS D 29 -33.64 -16.03 10.58
C HIS D 29 -33.59 -15.39 9.20
N TYR D 30 -33.47 -16.23 8.16
CA TYR D 30 -33.21 -15.72 6.81
C TYR D 30 -34.43 -15.01 6.23
N GLU D 31 -35.63 -15.49 6.56
CA GLU D 31 -36.84 -14.90 5.98
C GLU D 31 -37.02 -13.44 6.40
N LYS D 32 -36.80 -13.15 7.69
CA LYS D 32 -36.92 -11.77 8.15
C LYS D 32 -35.75 -10.92 7.65
N LEU D 33 -34.57 -11.50 7.51
CA LEU D 33 -33.41 -10.76 7.02
C LEU D 33 -33.56 -10.38 5.55
N SER D 34 -34.25 -11.20 4.77
CA SER D 34 -34.40 -10.91 3.35
C SER D 34 -35.25 -9.66 3.11
N LYS D 35 -36.26 -9.43 3.97
CA LYS D 35 -37.08 -8.23 3.84
C LYS D 35 -36.31 -6.97 4.18
N ILE D 36 -35.34 -7.04 5.09
CA ILE D 36 -34.46 -5.92 5.37
C ILE D 36 -33.55 -5.61 4.20
N GLY D 37 -33.16 -6.61 3.42
CA GLY D 37 -32.30 -6.40 2.28
C GLY D 37 -31.05 -7.25 2.28
N LEU D 38 -30.96 -8.26 3.14
CA LEU D 38 -29.80 -9.14 3.24
C LEU D 38 -30.19 -10.51 2.69
N VAL D 39 -29.52 -10.92 1.62
CA VAL D 39 -29.85 -12.16 0.91
C VAL D 39 -28.70 -13.14 1.12
N LYS D 40 -29.03 -14.36 1.51
CA LYS D 40 -27.98 -15.32 1.86
C LYS D 40 -27.24 -15.80 0.62
N GLY D 41 -25.94 -16.04 0.78
CA GLY D 41 -25.08 -16.43 -0.31
C GLY D 41 -24.44 -17.80 -0.14
N VAL D 42 -23.12 -17.84 -0.26
CA VAL D 42 -22.36 -19.09 -0.26
C VAL D 42 -21.85 -19.39 1.14
N THR D 43 -21.79 -20.68 1.47
CA THR D 43 -21.25 -21.15 2.74
C THR D 43 -19.88 -21.80 2.50
N ARG D 44 -18.91 -21.45 3.34
CA ARG D 44 -17.54 -21.89 3.18
C ARG D 44 -17.04 -22.54 4.46
N LYS D 45 -15.83 -23.11 4.38
CA LYS D 45 -15.17 -23.75 5.50
C LYS D 45 -14.06 -22.87 6.06
N TYR D 46 -13.43 -23.35 7.13
CA TYR D 46 -12.42 -22.61 7.86
C TYR D 46 -11.20 -23.49 8.07
N LYS D 47 -10.03 -23.02 7.63
CA LYS D 47 -8.81 -23.81 7.65
C LYS D 47 -7.65 -23.01 8.23
N ILE D 48 -6.82 -23.68 9.03
CA ILE D 48 -5.65 -23.06 9.67
C ILE D 48 -4.45 -23.98 9.52
N LYS D 49 -3.26 -23.40 9.44
CA LYS D 49 -2.02 -24.13 9.22
C LYS D 49 -1.47 -24.71 10.52
N SER D 50 -0.63 -25.75 10.37
CA SER D 50 0.07 -26.40 11.48
C SER D 50 1.10 -27.37 10.92
N ASN D 51 1.97 -27.88 11.82
CA ASN D 51 2.92 -28.97 11.61
C ASN D 51 3.83 -28.80 10.39
N PRO D 52 4.84 -27.95 10.47
CA PRO D 52 5.69 -27.70 9.31
C PRO D 52 6.82 -28.71 9.16
N LEU D 53 7.41 -28.71 7.97
CA LEU D 53 8.66 -29.40 7.66
C LEU D 53 9.75 -28.38 7.41
N THR D 54 10.98 -28.71 7.79
CA THR D 54 12.06 -27.73 7.81
C THR D 54 13.17 -28.11 6.84
N LYS D 55 13.75 -27.10 6.19
CA LYS D 55 14.97 -27.26 5.41
C LYS D 55 15.86 -26.06 5.65
N ASP D 56 17.06 -26.09 5.09
CA ASP D 56 18.01 -24.99 5.28
C ASP D 56 18.86 -24.77 4.03
N ILE D 57 19.21 -23.51 3.81
CA ILE D 57 19.91 -23.08 2.59
C ILE D 57 20.95 -22.02 2.95
N VAL D 58 21.85 -21.78 2.01
CA VAL D 58 22.91 -20.79 2.12
C VAL D 58 22.74 -19.77 1.00
N ILE D 59 22.73 -18.49 1.35
CA ILE D 59 22.60 -17.41 0.38
C ILE D 59 23.85 -16.54 0.43
N LYS D 60 24.52 -16.40 -0.72
CA LYS D 60 25.69 -15.54 -0.86
C LYS D 60 25.28 -14.19 -1.42
N MET D 61 25.92 -13.13 -0.93
CA MET D 61 25.58 -11.77 -1.31
C MET D 61 26.70 -11.06 -2.07
N ILE D 62 27.67 -11.80 -2.61
CA ILE D 62 28.74 -11.19 -3.39
C ILE D 62 29.11 -12.13 -4.54
N PRO D 63 29.20 -11.64 -5.77
CA PRO D 63 29.51 -12.49 -6.90
C PRO D 63 31.01 -12.74 -7.04
N ASN D 64 31.33 -13.63 -7.98
CA ASN D 64 32.71 -14.01 -8.30
C ASN D 64 33.11 -13.35 -9.60
N VAL D 65 34.20 -12.57 -9.57
CA VAL D 65 34.63 -11.80 -10.73
C VAL D 65 36.04 -12.21 -11.13
N SER D 66 36.37 -13.49 -10.93
CA SER D 66 37.73 -13.95 -11.21
C SER D 66 38.07 -13.93 -12.70
N ASN D 67 37.09 -14.12 -13.57
CA ASN D 67 37.34 -14.18 -15.00
C ASN D 67 37.27 -12.83 -15.69
N MET D 68 37.09 -11.74 -14.94
CA MET D 68 37.11 -10.39 -15.47
C MET D 68 37.98 -9.49 -14.62
N SER D 69 38.93 -10.07 -13.88
CA SER D 69 39.65 -9.37 -12.83
C SER D 69 40.72 -8.41 -13.34
N GLN D 70 40.97 -8.38 -14.65
CA GLN D 70 42.04 -7.53 -15.17
C GLN D 70 41.77 -6.06 -14.93
N CYS D 71 40.54 -5.61 -15.12
CA CYS D 71 40.19 -4.21 -14.90
C CYS D 71 38.84 -4.09 -14.20
N THR D 72 38.68 -4.82 -13.08
CA THR D 72 37.52 -4.61 -12.22
C THR D 72 37.55 -3.25 -11.52
N GLY D 73 38.69 -2.57 -11.50
CA GLY D 73 38.76 -1.28 -10.83
C GLY D 73 38.87 -1.44 -9.33
N SER D 74 38.20 -0.55 -8.60
CA SER D 74 38.19 -0.55 -7.14
C SER D 74 36.77 -0.50 -6.60
N VAL D 75 35.83 -1.11 -7.31
CA VAL D 75 34.43 -1.05 -6.88
C VAL D 75 34.11 -2.12 -5.85
N MET D 76 34.87 -3.22 -5.85
CA MET D 76 34.57 -4.32 -4.95
C MET D 76 34.90 -3.96 -3.50
N GLU D 77 35.96 -3.20 -3.28
CA GLU D 77 36.31 -2.79 -1.92
C GLU D 77 35.25 -1.86 -1.34
N ASN D 78 34.77 -0.90 -2.14
CA ASN D 78 33.71 -0.01 -1.69
C ASN D 78 32.43 -0.79 -1.44
N TYR D 79 32.12 -1.77 -2.30
CA TYR D 79 30.93 -2.59 -2.11
C TYR D 79 31.01 -3.39 -0.82
N LYS D 80 32.18 -3.97 -0.53
CA LYS D 80 32.35 -4.72 0.72
C LYS D 80 32.22 -3.81 1.93
N THR D 81 32.81 -2.61 1.86
CA THR D 81 32.70 -1.67 2.97
C THR D 81 31.24 -1.27 3.20
N ARG D 82 30.48 -1.06 2.12
CA ARG D 82 29.07 -0.72 2.26
C ARG D 82 28.27 -1.88 2.85
N LEU D 83 28.59 -3.10 2.44
CA LEU D 83 27.81 -4.26 2.87
C LEU D 83 28.07 -4.63 4.32
N ASN D 84 29.30 -4.42 4.80
CA ASN D 84 29.64 -4.77 6.18
C ASN D 84 28.81 -3.97 7.18
N GLY D 85 28.62 -2.67 6.91
CA GLY D 85 27.83 -1.84 7.80
C GLY D 85 26.37 -2.24 7.86
N ILE D 86 25.83 -2.75 6.75
CA ILE D 86 24.47 -3.28 6.77
C ILE D 86 24.41 -4.58 7.56
N LEU D 87 25.39 -5.47 7.38
CA LEU D 87 25.31 -6.80 7.97
C LEU D 87 25.63 -6.83 9.45
N THR D 88 26.36 -5.85 9.97
CA THR D 88 26.79 -5.90 11.37
C THR D 88 25.65 -5.91 12.40
N PRO D 89 24.64 -5.03 12.34
CA PRO D 89 23.62 -5.02 13.41
C PRO D 89 22.83 -6.31 13.56
N ILE D 90 22.63 -7.05 12.47
CA ILE D 90 21.88 -8.31 12.57
C ILE D 90 22.64 -9.33 13.42
N LYS D 91 23.95 -9.45 13.17
CA LYS D 91 24.78 -10.32 13.99
C LYS D 91 24.82 -9.84 15.44
N GLY D 92 24.90 -8.51 15.63
CA GLY D 92 24.86 -7.98 16.98
C GLY D 92 23.57 -8.33 17.72
N ALA D 93 22.45 -8.35 17.01
CA ALA D 93 21.18 -8.70 17.64
C ALA D 93 21.08 -10.19 17.92
N LEU D 94 21.62 -11.03 17.04
CA LEU D 94 21.58 -12.47 17.27
C LEU D 94 22.47 -12.90 18.43
N GLU D 95 23.59 -12.20 18.63
CA GLU D 95 24.55 -12.62 19.65
C GLU D 95 23.96 -12.57 21.05
N ILE D 96 22.96 -11.71 21.27
CA ILE D 96 22.35 -11.58 22.59
C ILE D 96 21.72 -12.90 23.01
N TYR D 97 20.95 -13.52 22.11
CA TYR D 97 20.37 -14.83 22.40
C TYR D 97 21.40 -15.94 22.28
N LYS D 98 22.42 -15.76 21.45
CA LYS D 98 23.45 -16.79 21.34
C LYS D 98 24.22 -16.97 22.64
N ASN D 99 24.49 -15.88 23.35
CA ASN D 99 25.31 -15.97 24.57
C ASN D 99 24.59 -16.69 25.70
N ASN D 100 23.28 -16.44 25.86
CA ASN D 100 22.58 -16.77 27.09
C ASN D 100 21.75 -18.05 27.01
N THR D 101 22.06 -18.94 26.09
CA THR D 101 21.31 -20.19 25.93
C THR D 101 22.27 -21.37 25.99
N HIS D 102 21.91 -22.39 26.78
CA HIS D 102 22.73 -23.57 26.94
C HIS D 102 21.85 -24.75 27.31
N ASP D 103 22.48 -25.90 27.52
CA ASP D 103 21.79 -27.12 27.89
C ASP D 103 21.81 -27.31 29.40
N CYS D 104 20.76 -27.93 29.93
CA CYS D 104 20.66 -28.20 31.35
C CYS D 104 19.97 -29.53 31.60
N GLY D 112 16.34 -30.09 29.17
CA GLY D 112 15.93 -29.43 27.95
C GLY D 112 16.80 -28.25 27.59
N VAL D 113 16.18 -27.09 27.40
CA VAL D 113 16.86 -25.86 27.03
C VAL D 113 16.63 -24.83 28.14
N CYS D 114 17.72 -24.25 28.64
CA CYS D 114 17.67 -23.29 29.73
C CYS D 114 18.05 -21.90 29.22
N MET D 115 17.39 -20.88 29.76
CA MET D 115 17.66 -19.49 29.41
C MET D 115 17.86 -18.67 30.66
N ALA D 116 18.82 -17.74 30.61
CA ALA D 116 19.11 -16.85 31.72
C ALA D 116 18.24 -15.61 31.58
N GLY D 117 17.23 -15.50 32.44
CA GLY D 117 16.27 -14.41 32.31
C GLY D 117 16.82 -13.07 32.77
N VAL D 118 17.79 -13.09 33.69
CA VAL D 118 18.35 -11.84 34.19
C VAL D 118 19.19 -11.15 33.11
N ALA D 119 19.95 -11.93 32.34
CA ALA D 119 20.81 -11.35 31.31
C ALA D 119 20.02 -10.87 30.09
N ILE D 120 18.79 -11.35 29.90
CA ILE D 120 17.97 -10.89 28.79
C ILE D 120 17.19 -9.64 29.16
N GLY D 121 16.51 -9.67 30.32
CA GLY D 121 15.83 -8.50 30.83
C GLY D 121 14.38 -8.32 30.40
N ILE D 122 14.17 -7.92 29.14
CA ILE D 122 12.84 -7.64 28.61
C ILE D 122 12.62 -8.51 27.39
N ALA D 123 11.49 -9.21 27.36
CA ALA D 123 11.13 -10.05 26.23
C ALA D 123 9.64 -10.34 26.25
N THR D 124 9.13 -10.78 25.10
CA THR D 124 7.77 -11.29 24.97
C THR D 124 7.81 -12.80 24.75
N ALA D 125 6.63 -13.41 24.74
CA ALA D 125 6.53 -14.86 24.62
C ALA D 125 6.99 -15.34 23.25
N ALA D 126 6.60 -14.64 22.19
CA ALA D 126 6.98 -15.03 20.84
C ALA D 126 8.48 -14.97 20.65
N GLN D 127 9.13 -13.96 21.22
CA GLN D 127 10.58 -13.85 21.15
C GLN D 127 11.27 -15.03 21.83
N ILE D 128 10.75 -15.46 22.98
CA ILE D 128 11.33 -16.60 23.70
C ILE D 128 11.17 -17.88 22.89
N THR D 129 9.99 -18.09 22.30
CA THR D 129 9.78 -19.27 21.46
C THR D 129 10.72 -19.25 20.25
N ALA D 130 10.89 -18.08 19.63
CA ALA D 130 11.80 -17.97 18.50
C ALA D 130 13.25 -18.25 18.92
N GLY D 131 13.64 -17.82 20.12
CA GLY D 131 14.98 -18.11 20.60
C GLY D 131 15.21 -19.59 20.83
N VAL D 132 14.20 -20.28 21.36
CA VAL D 132 14.29 -21.74 21.50
C VAL D 132 14.44 -22.40 20.14
N ALA D 133 13.67 -21.94 19.15
CA ALA D 133 13.77 -22.50 17.81
C ALA D 133 15.16 -22.24 17.21
N LEU D 134 15.72 -21.06 17.45
CA LEU D 134 17.06 -20.75 16.96
C LEU D 134 18.10 -21.66 17.59
N TYR D 135 17.99 -21.91 18.90
CA TYR D 135 18.92 -22.83 19.55
C TYR D 135 18.81 -24.24 18.97
N GLU D 136 17.58 -24.69 18.70
CA GLU D 136 17.41 -26.02 18.10
C GLU D 136 18.01 -26.07 16.69
N ALA D 137 17.83 -25.01 15.91
CA ALA D 137 18.33 -24.97 14.54
C ALA D 137 19.85 -24.82 14.45
N MET D 138 20.49 -24.33 15.51
CA MET D 138 21.93 -24.08 15.46
C MET D 138 22.78 -25.35 15.33
N LYS D 139 22.19 -26.53 15.48
CA LYS D 139 22.98 -27.76 15.44
C LYS D 139 23.56 -28.04 14.05
N ASN D 140 22.74 -27.88 13.00
CA ASN D 140 23.17 -28.21 11.65
C ASN D 140 24.09 -27.16 11.04
N ALA D 141 24.06 -25.93 11.55
CA ALA D 141 24.95 -24.90 11.04
C ALA D 141 26.41 -25.24 11.30
N ASP D 142 26.69 -25.97 12.38
CA ASP D 142 28.05 -26.40 12.65
C ASP D 142 28.57 -27.35 11.57
N ASN D 143 27.71 -28.24 11.09
CA ASN D 143 28.10 -29.12 9.98
C ASN D 143 28.22 -28.34 8.68
N ILE D 144 27.33 -27.36 8.47
CA ILE D 144 27.36 -26.58 7.23
C ILE D 144 28.62 -25.74 7.13
N ASN D 145 29.04 -25.14 8.25
CA ASN D 145 30.17 -24.21 8.23
C ASN D 145 31.50 -24.88 7.95
N LYS D 146 31.55 -26.22 7.93
CA LYS D 146 32.77 -26.94 7.59
C LYS D 146 33.16 -26.79 6.11
N LEU D 147 32.26 -26.31 5.26
CA LEU D 147 32.49 -26.21 3.82
C LEU D 147 32.70 -24.77 3.36
N LYS D 148 33.34 -23.95 4.19
CA LYS D 148 33.53 -22.54 3.86
C LYS D 148 34.40 -22.36 2.61
N SER D 149 35.46 -23.17 2.50
CA SER D 149 36.34 -23.08 1.34
C SER D 149 35.61 -23.44 0.05
N SER D 150 34.77 -24.46 0.09
CA SER D 150 33.98 -24.82 -1.09
C SER D 150 32.92 -23.78 -1.39
N ILE D 151 32.37 -23.13 -0.36
CA ILE D 151 31.39 -22.07 -0.59
C ILE D 151 32.04 -20.88 -1.28
N GLU D 152 33.29 -20.57 -0.91
CA GLU D 152 33.98 -19.43 -1.50
C GLU D 152 34.29 -19.62 -2.97
N SER D 153 34.44 -20.86 -3.43
CA SER D 153 34.94 -21.14 -4.77
C SER D 153 33.84 -21.32 -5.80
N THR D 154 32.57 -21.18 -5.44
CA THR D 154 31.49 -21.37 -6.39
C THR D 154 31.42 -20.21 -7.38
N ASN D 155 31.10 -20.53 -8.63
CA ASN D 155 30.98 -19.53 -9.68
C ASN D 155 29.75 -19.76 -10.56
N GLU D 156 28.68 -20.28 -9.98
CA GLU D 156 27.43 -20.52 -10.69
C GLU D 156 26.27 -19.98 -9.87
N ALA D 157 25.13 -19.80 -10.52
CA ALA D 157 23.97 -19.23 -9.84
C ALA D 157 23.38 -20.20 -8.82
N VAL D 158 23.21 -21.47 -9.20
CA VAL D 158 22.68 -22.50 -8.31
C VAL D 158 23.66 -23.66 -8.28
N VAL D 159 24.15 -23.99 -7.09
CA VAL D 159 25.15 -25.05 -6.94
C VAL D 159 24.67 -26.00 -5.84
N LYS D 160 24.99 -27.29 -5.99
CA LYS D 160 24.72 -28.30 -4.98
C LYS D 160 26.05 -28.82 -4.43
N LEU D 161 26.32 -28.53 -3.16
CA LEU D 161 27.53 -29.01 -2.51
C LEU D 161 27.25 -30.29 -1.74
N GLN D 162 28.15 -31.26 -1.90
CA GLN D 162 27.96 -32.62 -1.39
C GLN D 162 29.21 -33.01 -0.61
N GLU D 163 29.05 -33.21 0.70
CA GLU D 163 30.15 -33.71 1.52
C GLU D 163 30.09 -35.24 1.64
N THR D 164 29.01 -35.75 2.21
CA THR D 164 28.70 -37.17 2.22
C THR D 164 27.31 -37.36 1.65
N ALA D 165 26.98 -38.62 1.31
CA ALA D 165 25.72 -38.90 0.63
C ALA D 165 24.50 -38.54 1.47
N GLU D 166 24.64 -38.46 2.78
CA GLU D 166 23.50 -38.19 3.66
C GLU D 166 23.28 -36.71 3.93
N LYS D 167 24.20 -35.83 3.52
CA LYS D 167 24.04 -34.40 3.75
C LYS D 167 24.51 -33.62 2.53
N THR D 168 23.61 -32.79 1.99
CA THR D 168 23.92 -31.93 0.87
C THR D 168 23.32 -30.56 1.15
N VAL D 169 23.90 -29.53 0.54
CA VAL D 169 23.43 -28.16 0.73
C VAL D 169 23.33 -27.47 -0.62
N TYR D 170 22.45 -26.49 -0.71
CA TYR D 170 22.25 -25.70 -1.92
C TYR D 170 22.74 -24.28 -1.72
N VAL D 171 23.47 -23.77 -2.71
CA VAL D 171 24.05 -22.43 -2.66
C VAL D 171 23.47 -21.62 -3.80
N PHE D 172 22.94 -20.44 -3.47
CA PHE D 172 22.40 -19.49 -4.42
C PHE D 172 23.22 -18.21 -4.38
N THR D 173 23.65 -17.73 -5.54
CA THR D 173 24.47 -16.53 -5.65
C THR D 173 23.66 -15.39 -6.28
N ALA D 174 23.84 -14.18 -5.75
CA ALA D 174 22.89 -13.10 -5.99
C ALA D 174 22.92 -12.61 -7.43
N LEU D 175 24.12 -12.34 -7.97
CA LEU D 175 24.22 -11.64 -9.25
C LEU D 175 25.13 -12.36 -10.24
N GLN D 176 25.28 -13.68 -10.11
CA GLN D 176 26.25 -14.39 -10.92
C GLN D 176 25.79 -14.56 -12.37
N ASP D 177 24.48 -14.74 -12.58
CA ASP D 177 23.97 -15.02 -13.91
C ASP D 177 24.19 -13.85 -14.86
N TYR D 178 23.95 -12.63 -14.39
CA TYR D 178 24.13 -11.44 -15.22
C TYR D 178 25.59 -11.29 -15.64
N ILE D 179 26.51 -11.50 -14.69
CA ILE D 179 27.94 -11.40 -14.99
C ILE D 179 28.36 -12.47 -15.99
N ASN D 180 27.88 -13.69 -15.79
CA ASN D 180 28.28 -14.79 -16.68
C ASN D 180 27.70 -14.63 -18.07
N THR D 181 26.52 -14.03 -18.20
CA THR D 181 25.86 -13.98 -19.50
C THR D 181 26.20 -12.71 -20.28
N ASN D 182 26.32 -11.57 -19.62
CA ASN D 182 26.44 -10.29 -20.31
C ASN D 182 27.86 -9.73 -20.32
N LEU D 183 28.47 -9.55 -19.16
CA LEU D 183 29.70 -8.77 -19.09
C LEU D 183 30.90 -9.56 -19.61
N VAL D 184 31.00 -10.84 -19.26
CA VAL D 184 32.17 -11.63 -19.65
C VAL D 184 32.29 -11.82 -21.17
N PRO D 185 31.23 -12.19 -21.92
CA PRO D 185 31.40 -12.36 -23.37
C PRO D 185 31.74 -11.08 -24.13
N THR D 186 31.44 -9.91 -23.56
CA THR D 186 31.69 -8.65 -24.24
C THR D 186 32.94 -7.94 -23.74
N ILE D 187 33.82 -8.66 -23.03
CA ILE D 187 34.95 -8.03 -22.35
C ILE D 187 35.98 -7.50 -23.34
N ASP D 188 35.96 -7.97 -24.59
CA ASP D 188 36.98 -7.60 -25.56
C ASP D 188 36.48 -6.70 -26.68
N LYS D 189 35.18 -6.44 -26.77
CA LYS D 189 34.63 -5.63 -27.85
C LYS D 189 34.48 -4.15 -27.51
N ILE D 190 34.49 -3.81 -26.23
CA ILE D 190 34.31 -2.41 -25.80
C ILE D 190 35.42 -2.06 -24.82
N PRO D 191 35.79 -0.79 -24.68
CA PRO D 191 36.71 -0.39 -23.60
C PRO D 191 36.10 -0.70 -22.24
N CYS D 192 36.92 -1.18 -21.32
CA CYS D 192 36.39 -1.79 -20.11
C CYS D 192 36.10 -0.79 -19.00
N LYS D 193 36.32 0.50 -19.24
CA LYS D 193 35.77 1.52 -18.34
C LYS D 193 34.25 1.47 -18.34
N GLN D 194 33.66 1.21 -19.51
CA GLN D 194 32.22 1.00 -19.60
C GLN D 194 31.79 -0.22 -18.81
N THR D 195 32.60 -1.29 -18.85
CA THR D 195 32.29 -2.48 -18.05
C THR D 195 32.35 -2.18 -16.56
N GLU D 196 33.35 -1.38 -16.14
CA GLU D 196 33.43 -0.97 -14.75
C GLU D 196 32.20 -0.20 -14.32
N LEU D 197 31.76 0.74 -15.16
CA LEU D 197 30.56 1.52 -14.85
C LEU D 197 29.32 0.63 -14.79
N SER D 198 29.21 -0.32 -15.70
CA SER D 198 28.07 -1.23 -15.72
C SER D 198 28.02 -2.08 -14.45
N LEU D 199 29.19 -2.62 -14.04
CA LEU D 199 29.24 -3.43 -12.83
C LEU D 199 28.87 -2.59 -11.60
N ASP D 200 29.38 -1.37 -11.52
CA ASP D 200 29.05 -0.50 -10.39
C ASP D 200 27.56 -0.18 -10.36
N LEU D 201 26.95 0.10 -11.52
CA LEU D 201 25.53 0.38 -11.56
C LEU D 201 24.69 -0.82 -11.14
N ALA D 202 25.09 -2.02 -11.59
CA ALA D 202 24.35 -3.22 -11.19
C ALA D 202 24.42 -3.46 -9.70
N LEU D 203 25.61 -3.28 -9.11
CA LEU D 203 25.76 -3.45 -7.66
C LEU D 203 24.93 -2.43 -6.90
N SER D 204 24.92 -1.17 -7.37
CA SER D 204 24.13 -0.14 -6.70
C SER D 204 22.64 -0.43 -6.77
N LYS D 205 22.17 -0.92 -7.93
CA LYS D 205 20.76 -1.27 -8.06
C LYS D 205 20.38 -2.42 -7.11
N TYR D 206 21.26 -3.42 -7.01
CA TYR D 206 21.01 -4.52 -6.09
C TYR D 206 20.93 -4.03 -4.64
N LEU D 207 21.84 -3.14 -4.24
CA LEU D 207 21.80 -2.60 -2.88
C LEU D 207 20.54 -1.79 -2.63
N SER D 208 20.12 -1.00 -3.62
CA SER D 208 18.88 -0.22 -3.48
C SER D 208 17.68 -1.13 -3.29
N ASP D 209 17.65 -2.26 -4.00
CA ASP D 209 16.58 -3.23 -3.78
C ASP D 209 16.66 -3.86 -2.38
N LEU D 210 17.87 -4.16 -1.92
CA LEU D 210 18.04 -4.83 -0.62
C LEU D 210 17.61 -3.96 0.54
N LEU D 211 17.89 -2.65 0.46
CA LEU D 211 17.72 -1.78 1.62
C LEU D 211 16.28 -1.67 2.11
N PHE D 212 15.30 -1.97 1.26
CA PHE D 212 13.90 -1.88 1.69
C PHE D 212 13.56 -2.94 2.72
N VAL D 213 14.19 -4.11 2.64
CA VAL D 213 13.87 -5.25 3.50
C VAL D 213 14.91 -5.43 4.60
N PHE D 214 16.19 -5.36 4.25
CA PHE D 214 17.24 -5.68 5.21
C PHE D 214 17.87 -4.45 5.86
N GLY D 215 17.18 -3.31 5.83
CA GLY D 215 17.69 -2.11 6.44
C GLY D 215 17.30 -1.99 7.90
N PRO D 216 17.28 -0.77 8.44
CA PRO D 216 16.90 -0.58 9.84
C PRO D 216 15.43 -0.86 10.14
N ASN D 217 14.62 -1.16 9.12
CA ASN D 217 13.24 -1.59 9.37
C ASN D 217 13.21 -2.94 10.09
N LEU D 218 14.21 -3.78 9.87
CA LEU D 218 14.30 -5.08 10.53
C LEU D 218 14.83 -4.84 11.94
N GLN D 219 13.90 -4.76 12.90
CA GLN D 219 14.25 -4.51 14.28
C GLN D 219 14.37 -5.79 15.11
N ASP D 220 13.62 -6.82 14.77
CA ASP D 220 13.59 -8.07 15.53
C ASP D 220 13.84 -9.24 14.59
N PRO D 221 15.11 -9.55 14.30
CA PRO D 221 15.41 -10.70 13.44
C PRO D 221 15.23 -12.05 14.12
N VAL D 222 14.99 -12.08 15.42
CA VAL D 222 14.89 -13.36 16.13
C VAL D 222 13.61 -14.09 15.75
N SER D 223 12.52 -13.36 15.55
CA SER D 223 11.22 -13.98 15.29
C SER D 223 11.23 -14.78 14.00
N ASN D 224 10.25 -15.67 13.88
CA ASN D 224 10.11 -16.55 12.71
C ASN D 224 8.83 -16.26 11.93
N SER D 225 8.45 -14.98 11.82
CA SER D 225 7.24 -14.59 11.12
C SER D 225 7.51 -13.94 9.76
N MET D 226 8.77 -13.87 9.34
CA MET D 226 9.09 -13.28 8.04
C MET D 226 8.74 -14.25 6.91
N THR D 227 8.06 -13.74 5.89
CA THR D 227 7.64 -14.57 4.78
C THR D 227 8.79 -14.82 3.81
N ILE D 228 8.61 -15.85 2.97
CA ILE D 228 9.64 -16.22 2.00
C ILE D 228 9.73 -15.18 0.88
N GLN D 229 8.63 -14.47 0.60
CA GLN D 229 8.66 -13.44 -0.43
C GLN D 229 9.60 -12.30 -0.06
N ALA D 230 9.58 -11.88 1.21
CA ALA D 230 10.47 -10.82 1.65
C ALA D 230 11.92 -11.31 1.74
N ILE D 231 12.11 -12.58 2.13
CA ILE D 231 13.45 -13.13 2.23
C ILE D 231 14.10 -13.24 0.85
N SER D 232 13.30 -13.55 -0.17
CA SER D 232 13.84 -13.74 -1.52
C SER D 232 14.38 -12.46 -2.15
N GLN D 233 14.29 -11.31 -1.47
CA GLN D 233 14.85 -10.08 -2.01
C GLN D 233 16.37 -10.13 -2.08
N ALA D 234 17.00 -10.97 -1.24
CA ALA D 234 18.45 -11.15 -1.33
C ALA D 234 18.86 -11.92 -2.57
N PHE D 235 17.92 -12.64 -3.21
CA PHE D 235 18.19 -13.34 -4.46
C PHE D 235 17.53 -12.65 -5.65
N GLY D 236 17.04 -11.42 -5.46
CA GLY D 236 16.42 -10.67 -6.54
C GLY D 236 14.93 -10.87 -6.71
N GLY D 237 14.26 -11.50 -5.74
CA GLY D 237 12.82 -11.69 -5.81
C GLY D 237 12.36 -12.93 -6.53
N ASN D 238 13.26 -13.90 -6.77
CA ASN D 238 12.90 -15.13 -7.47
C ASN D 238 12.69 -16.26 -6.46
N TYR D 239 11.54 -16.22 -5.79
CA TYR D 239 11.26 -17.26 -4.80
C TYR D 239 10.77 -18.56 -5.45
N GLU D 240 10.34 -18.50 -6.71
CA GLU D 240 9.91 -19.70 -7.41
C GLU D 240 11.08 -20.68 -7.58
N THR D 241 12.25 -20.17 -7.93
CA THR D 241 13.44 -21.01 -8.06
C THR D 241 13.81 -21.64 -6.72
N LEU D 242 13.76 -20.85 -5.65
CA LEU D 242 14.10 -21.38 -4.32
C LEU D 242 13.15 -22.48 -3.91
N LEU D 243 11.84 -22.29 -4.16
CA LEU D 243 10.87 -23.29 -3.73
C LEU D 243 10.94 -24.56 -4.59
N ARG D 244 11.11 -24.41 -5.91
CA ARG D 244 11.12 -25.58 -6.77
C ARG D 244 12.42 -26.37 -6.71
N THR D 245 13.54 -25.71 -6.42
CA THR D 245 14.81 -26.43 -6.32
C THR D 245 14.85 -27.31 -5.08
N LEU D 246 14.17 -26.90 -4.01
CA LEU D 246 14.21 -27.65 -2.75
C LEU D 246 13.40 -28.94 -2.82
N GLY D 247 12.59 -29.14 -3.84
CA GLY D 247 11.83 -30.36 -3.99
C GLY D 247 10.45 -30.37 -3.39
N TYR D 248 9.97 -29.23 -2.89
CA TYR D 248 8.62 -29.15 -2.35
C TYR D 248 7.61 -29.28 -3.48
N ALA D 249 6.53 -30.04 -3.23
CA ALA D 249 5.48 -30.23 -4.22
C ALA D 249 4.22 -30.67 -3.49
N THR D 250 3.12 -29.95 -3.72
CA THR D 250 1.85 -30.27 -3.06
C THR D 250 0.71 -29.66 -3.87
N GLU D 251 -0.50 -30.10 -3.56
CA GLU D 251 -1.69 -29.59 -4.22
C GLU D 251 -2.13 -28.23 -3.67
N ASP D 252 -1.81 -27.93 -2.41
CA ASP D 252 -2.12 -26.63 -1.83
C ASP D 252 -0.93 -25.66 -1.89
N PHE D 253 -0.11 -25.74 -2.94
CA PHE D 253 1.06 -24.90 -3.04
C PHE D 253 0.67 -23.42 -3.15
N ASP D 254 -0.23 -23.11 -4.08
CA ASP D 254 -0.63 -21.71 -4.29
C ASP D 254 -1.43 -21.17 -3.12
N ASP D 255 -2.28 -22.00 -2.51
CA ASP D 255 -3.06 -21.56 -1.37
C ASP D 255 -2.17 -21.21 -0.17
N LEU D 256 -1.15 -22.04 0.08
CA LEU D 256 -0.21 -21.74 1.15
C LEU D 256 0.65 -20.54 0.80
N LEU D 257 0.99 -20.37 -0.48
CA LEU D 257 1.85 -19.26 -0.90
C LEU D 257 1.14 -17.92 -0.77
N GLU D 258 -0.14 -17.86 -1.15
CA GLU D 258 -0.84 -16.58 -1.19
C GLU D 258 -1.49 -16.20 0.14
N SER D 259 -1.50 -17.09 1.13
CA SER D 259 -2.03 -16.78 2.45
C SER D 259 -0.93 -16.44 3.45
N ASP D 260 0.32 -16.33 2.99
CA ASP D 260 1.47 -16.00 3.84
C ASP D 260 1.67 -17.02 4.96
N SER D 261 1.79 -18.30 4.58
CA SER D 261 1.98 -19.39 5.52
C SER D 261 3.36 -20.02 5.42
N ILE D 262 4.17 -19.62 4.44
CA ILE D 262 5.54 -20.14 4.29
C ILE D 262 6.49 -19.07 4.82
N THR D 263 7.23 -19.40 5.87
CA THR D 263 8.07 -18.44 6.57
C THR D 263 9.51 -18.92 6.61
N GLY D 264 10.39 -18.06 7.14
CA GLY D 264 11.79 -18.36 7.25
C GLY D 264 12.42 -17.64 8.42
N GLN D 265 13.65 -18.03 8.74
CA GLN D 265 14.37 -17.47 9.87
C GLN D 265 15.87 -17.47 9.58
N ILE D 266 16.54 -16.38 9.96
CA ILE D 266 17.98 -16.25 9.81
C ILE D 266 18.66 -16.82 11.05
N ILE D 267 19.64 -17.70 10.85
CA ILE D 267 20.30 -18.36 11.97
C ILE D 267 21.80 -18.10 12.01
N TYR D 268 22.45 -17.71 10.91
CA TYR D 268 23.89 -17.47 10.93
C TYR D 268 24.27 -16.46 9.86
N VAL D 269 25.16 -15.54 10.24
CA VAL D 269 25.67 -14.48 9.37
C VAL D 269 27.19 -14.53 9.40
N ASP D 270 27.82 -14.49 8.23
CA ASP D 270 29.27 -14.47 8.12
C ASP D 270 29.71 -13.08 7.66
N LEU D 271 30.53 -12.42 8.47
CA LEU D 271 30.99 -11.07 8.13
C LEU D 271 32.27 -11.07 7.32
N SER D 272 33.09 -12.12 7.41
CA SER D 272 34.31 -12.21 6.64
C SER D 272 34.12 -12.85 5.27
N SER D 273 33.01 -13.55 5.06
CA SER D 273 32.74 -14.23 3.80
C SER D 273 31.45 -13.76 3.13
N TYR D 274 30.61 -13.00 3.84
CA TYR D 274 29.40 -12.39 3.30
C TYR D 274 28.42 -13.44 2.76
N TYR D 275 27.91 -14.27 3.68
CA TYR D 275 26.81 -15.16 3.36
C TYR D 275 25.97 -15.40 4.60
N ILE D 276 24.73 -15.82 4.38
CA ILE D 276 23.79 -16.09 5.46
C ILE D 276 23.21 -17.49 5.30
N ILE D 277 22.73 -18.04 6.42
CA ILE D 277 22.10 -19.35 6.46
C ILE D 277 20.66 -19.18 6.90
N VAL D 278 19.72 -19.74 6.13
CA VAL D 278 18.29 -19.54 6.34
C VAL D 278 17.62 -20.90 6.52
N ARG D 279 16.66 -20.97 7.43
CA ARG D 279 15.82 -22.15 7.62
C ARG D 279 14.40 -21.85 7.15
N VAL D 280 13.82 -22.79 6.40
CA VAL D 280 12.53 -22.62 5.74
C VAL D 280 11.54 -23.64 6.29
N TYR D 281 10.32 -23.18 6.57
CA TYR D 281 9.24 -23.99 7.13
C TYR D 281 8.12 -24.16 6.11
N PHE D 282 7.55 -25.36 6.05
CA PHE D 282 6.48 -25.69 5.10
C PHE D 282 5.36 -26.42 5.81
N PRO D 283 4.24 -25.75 6.12
CA PRO D 283 3.19 -26.38 6.93
C PRO D 283 2.12 -27.12 6.12
N ILE D 284 1.10 -27.62 6.83
CA ILE D 284 -0.07 -28.23 6.20
C ILE D 284 -1.32 -27.58 6.77
N LEU D 285 -2.43 -27.74 6.07
CA LEU D 285 -3.70 -27.13 6.43
C LEU D 285 -4.61 -28.13 7.11
N THR D 286 -5.26 -27.70 8.19
CA THR D 286 -6.24 -28.50 8.91
C THR D 286 -7.57 -27.74 8.97
N GLU D 287 -8.66 -28.49 9.07
CA GLU D 287 -10.00 -27.93 9.03
C GLU D 287 -10.60 -27.87 10.43
N ILE D 288 -11.08 -26.68 10.82
CA ILE D 288 -11.72 -26.52 12.12
C ILE D 288 -13.08 -27.18 12.10
N GLN D 289 -13.38 -27.96 13.14
CA GLN D 289 -14.60 -28.76 13.18
C GLN D 289 -15.74 -28.00 13.82
N GLN D 290 -16.96 -28.25 13.32
CA GLN D 290 -18.19 -27.61 13.79
C GLN D 290 -18.12 -26.09 13.66
N ALA D 291 -17.69 -25.63 12.48
CA ALA D 291 -17.54 -24.19 12.24
C ALA D 291 -17.76 -23.90 10.77
N TYR D 292 -18.42 -22.78 10.48
CA TYR D 292 -18.57 -22.34 9.10
C TYR D 292 -18.74 -20.83 9.06
N ILE D 293 -18.66 -20.29 7.84
CA ILE D 293 -18.71 -18.85 7.59
C ILE D 293 -19.82 -18.59 6.59
N GLN D 294 -20.70 -17.63 6.92
CA GLN D 294 -21.84 -17.28 6.10
C GLN D 294 -21.68 -15.87 5.54
N GLU D 295 -22.04 -15.71 4.27
CA GLU D 295 -21.95 -14.44 3.56
C GLU D 295 -23.36 -13.92 3.24
N LEU D 296 -23.50 -12.60 3.24
CA LEU D 296 -24.76 -11.93 2.94
C LEU D 296 -24.54 -10.90 1.84
N LEU D 297 -25.55 -10.74 0.98
CA LEU D 297 -25.54 -9.79 -0.12
C LEU D 297 -26.52 -8.67 0.18
N PRO D 298 -26.09 -7.41 0.15
CA PRO D 298 -27.00 -6.29 0.47
C PRO D 298 -27.68 -5.71 -0.76
N VAL D 299 -28.98 -5.46 -0.61
CA VAL D 299 -29.80 -4.87 -1.66
C VAL D 299 -30.59 -3.72 -1.05
N SER D 300 -30.57 -2.56 -1.71
CA SER D 300 -31.27 -1.39 -1.21
C SER D 300 -32.78 -1.59 -1.27
N PHE D 301 -33.48 -1.01 -0.28
CA PHE D 301 -34.93 -1.16 -0.17
C PHE D 301 -35.57 0.21 -0.04
N ASN D 302 -36.90 0.23 -0.13
CA ASN D 302 -37.68 1.46 -0.19
C ASN D 302 -38.42 1.68 1.12
N ASN D 303 -38.33 2.90 1.64
CA ASN D 303 -39.10 3.27 2.82
C ASN D 303 -39.46 4.74 2.71
N ASP D 304 -40.67 5.08 3.20
CA ASP D 304 -41.23 6.41 3.07
C ASP D 304 -41.28 6.82 1.61
N ASN D 305 -40.35 7.68 1.20
CA ASN D 305 -40.21 8.07 -0.20
C ASN D 305 -38.75 8.11 -0.59
N SER D 306 -37.95 7.16 -0.09
CA SER D 306 -36.52 7.19 -0.31
C SER D 306 -35.95 5.79 -0.22
N GLU D 307 -34.67 5.67 -0.58
CA GLU D 307 -33.94 4.42 -0.55
C GLU D 307 -33.09 4.31 0.71
N TRP D 308 -32.93 3.07 1.17
CA TRP D 308 -32.13 2.80 2.35
C TRP D 308 -31.32 1.53 2.13
N ILE D 309 -30.21 1.43 2.85
CA ILE D 309 -29.38 0.23 2.85
C ILE D 309 -29.03 -0.10 4.30
N SER D 310 -28.94 -1.39 4.60
CA SER D 310 -28.73 -1.84 5.96
C SER D 310 -27.25 -1.99 6.26
N ILE D 311 -26.88 -1.74 7.53
CA ILE D 311 -25.48 -1.82 7.94
C ILE D 311 -25.28 -3.00 8.87
N VAL D 312 -24.91 -4.14 8.29
CA VAL D 312 -24.67 -5.39 9.00
C VAL D 312 -23.37 -5.98 8.45
N PRO D 313 -22.58 -6.65 9.32
CA PRO D 313 -21.38 -7.32 8.81
C PRO D 313 -21.71 -8.35 7.73
N ASN D 314 -20.86 -8.40 6.71
CA ASN D 314 -21.11 -9.24 5.54
C ASN D 314 -20.64 -10.67 5.71
N PHE D 315 -19.71 -10.93 6.63
CA PHE D 315 -19.22 -12.28 6.89
C PHE D 315 -19.42 -12.59 8.37
N ILE D 316 -20.04 -13.74 8.65
CA ILE D 316 -20.38 -14.14 10.00
C ILE D 316 -19.80 -15.51 10.27
N LEU D 317 -19.14 -15.68 11.42
CA LEU D 317 -18.56 -16.97 11.79
C LEU D 317 -19.45 -17.65 12.83
N VAL D 318 -19.85 -18.88 12.54
CA VAL D 318 -20.63 -19.69 13.47
C VAL D 318 -19.77 -20.87 13.88
N ARG D 319 -19.41 -20.94 15.16
CA ARG D 319 -18.56 -21.99 15.69
C ARG D 319 -19.28 -22.66 16.86
N ASN D 320 -19.48 -23.97 16.75
CA ASN D 320 -20.37 -24.73 17.63
C ASN D 320 -21.76 -24.10 17.63
N THR D 321 -22.09 -23.33 18.67
CA THR D 321 -23.35 -22.59 18.72
C THR D 321 -23.14 -21.11 18.99
N LEU D 322 -21.96 -20.57 18.66
CA LEU D 322 -21.62 -19.18 18.94
C LEU D 322 -21.46 -18.39 17.64
N ILE D 323 -22.02 -17.20 17.63
CA ILE D 323 -21.98 -16.28 16.48
C ILE D 323 -20.97 -15.19 16.79
N SER D 324 -20.08 -14.91 15.83
CA SER D 324 -19.09 -13.86 16.05
C SER D 324 -18.65 -13.25 14.72
N ASN D 325 -17.87 -12.19 14.84
CA ASN D 325 -17.27 -11.48 13.71
C ASN D 325 -15.95 -12.12 13.32
N ILE D 326 -15.39 -11.66 12.20
CA ILE D 326 -14.09 -12.11 11.73
C ILE D 326 -13.49 -11.03 10.84
N GLU D 327 -12.22 -10.69 11.06
CA GLU D 327 -11.53 -9.72 10.22
C GLU D 327 -11.00 -10.46 9.00
N ILE D 328 -11.79 -10.44 7.91
CA ILE D 328 -11.48 -11.22 6.72
C ILE D 328 -10.49 -10.53 5.81
N GLY D 329 -10.04 -9.32 6.16
CA GLY D 329 -9.03 -8.65 5.36
C GLY D 329 -7.65 -9.25 5.47
N PHE D 330 -7.41 -10.07 6.50
CA PHE D 330 -6.13 -10.73 6.69
C PHE D 330 -6.12 -12.16 6.16
N CYS D 331 -7.21 -12.62 5.56
CA CYS D 331 -7.36 -14.00 5.15
C CYS D 331 -7.63 -14.10 3.66
N LEU D 332 -7.28 -15.24 3.08
CA LEU D 332 -7.51 -15.51 1.67
C LEU D 332 -8.89 -16.16 1.50
N ILE D 333 -9.66 -15.65 0.55
CA ILE D 333 -11.01 -16.14 0.28
C ILE D 333 -11.00 -16.89 -1.04
N THR D 334 -11.46 -18.13 -1.02
CA THR D 334 -11.61 -18.96 -2.21
C THR D 334 -13.10 -19.27 -2.39
N LYS D 335 -13.41 -20.14 -3.36
CA LYS D 335 -14.79 -20.41 -3.69
C LYS D 335 -15.45 -21.41 -2.74
N ARG D 336 -14.67 -22.14 -1.93
CA ARG D 336 -15.27 -23.04 -0.95
C ARG D 336 -14.64 -23.00 0.43
N SER D 337 -13.60 -22.19 0.66
CA SER D 337 -12.99 -22.17 1.98
C SER D 337 -12.28 -20.84 2.19
N VAL D 338 -12.03 -20.53 3.46
CA VAL D 338 -11.26 -19.37 3.89
C VAL D 338 -10.02 -19.87 4.61
N ILE D 339 -8.85 -19.50 4.10
CA ILE D 339 -7.57 -19.99 4.61
C ILE D 339 -6.88 -18.85 5.35
N CYS D 340 -6.49 -19.12 6.60
CA CYS D 340 -5.80 -18.14 7.42
C CYS D 340 -4.60 -18.80 8.10
N ASN D 341 -3.63 -17.98 8.49
CA ASN D 341 -2.48 -18.44 9.26
C ASN D 341 -2.68 -18.30 10.75
N GLN D 342 -3.82 -17.78 11.19
CA GLN D 342 -4.07 -17.50 12.59
C GLN D 342 -5.57 -17.30 12.79
N ASP D 343 -6.06 -17.66 13.97
CA ASP D 343 -7.47 -17.44 14.30
C ASP D 343 -7.75 -15.96 14.42
N TYR D 344 -8.87 -15.50 13.83
CA TYR D 344 -9.21 -14.09 13.77
C TYR D 344 -10.62 -13.81 14.28
N ALA D 345 -11.05 -14.51 15.33
CA ALA D 345 -12.38 -14.29 15.87
C ALA D 345 -12.42 -12.99 16.69
N THR D 346 -13.58 -12.33 16.65
CA THR D 346 -13.80 -11.03 17.27
C THR D 346 -15.14 -11.07 18.00
N PRO D 347 -15.24 -10.43 19.16
CA PRO D 347 -16.53 -10.41 19.87
C PRO D 347 -17.56 -9.53 19.16
N MET D 348 -18.82 -9.78 19.52
CA MET D 348 -19.97 -9.11 18.92
C MET D 348 -20.92 -8.64 20.02
N THR D 349 -21.53 -7.48 19.81
CA THR D 349 -22.46 -6.93 20.79
C THR D 349 -23.74 -7.75 20.86
N ASN D 350 -24.52 -7.49 21.91
CA ASN D 350 -25.75 -8.24 22.13
C ASN D 350 -26.87 -7.78 21.20
N ASN D 351 -26.92 -6.47 20.92
CA ASN D 351 -27.97 -5.93 20.06
C ASN D 351 -27.83 -6.44 18.63
N MET D 352 -26.60 -6.57 18.12
CA MET D 352 -26.41 -7.11 16.78
C MET D 352 -26.82 -8.58 16.72
N ARG D 353 -26.55 -9.34 17.78
CA ARG D 353 -26.99 -10.73 17.82
C ARG D 353 -28.50 -10.83 17.84
N GLU D 354 -29.17 -9.95 18.59
CA GLU D 354 -30.63 -9.92 18.60
C GLU D 354 -31.18 -9.55 17.23
N CYS D 355 -30.54 -8.61 16.54
CA CYS D 355 -30.94 -8.26 15.18
C CYS D 355 -30.79 -9.44 14.24
N LEU D 356 -29.69 -10.18 14.35
CA LEU D 356 -29.46 -11.33 13.48
C LEU D 356 -30.37 -12.51 13.79
N THR D 357 -30.90 -12.60 15.01
CA THR D 357 -31.77 -13.71 15.36
C THR D 357 -33.25 -13.43 15.11
N GLY D 358 -33.61 -12.24 14.63
CA GLY D 358 -35.00 -12.00 14.25
C GLY D 358 -35.59 -10.65 14.55
N SER D 359 -34.99 -9.89 15.46
CA SER D 359 -35.53 -8.59 15.86
C SER D 359 -35.06 -7.53 14.87
N THR D 360 -35.89 -7.23 13.87
CA THR D 360 -35.51 -6.29 12.83
C THR D 360 -35.64 -4.84 13.26
N GLU D 361 -36.23 -4.56 14.42
CA GLU D 361 -36.31 -3.19 14.91
C GLU D 361 -35.03 -2.69 15.55
N LYS D 362 -34.03 -3.56 15.69
CA LYS D 362 -32.74 -3.20 16.29
C LYS D 362 -31.62 -3.06 15.26
N CYS D 363 -31.95 -3.05 13.97
CA CYS D 363 -30.94 -3.03 12.92
C CYS D 363 -30.88 -1.64 12.29
N PRO D 364 -29.73 -0.99 12.27
CA PRO D 364 -29.65 0.37 11.73
C PRO D 364 -29.62 0.39 10.20
N ARG D 365 -29.90 1.57 9.66
CA ARG D 365 -29.98 1.78 8.22
C ARG D 365 -29.39 3.13 7.85
N GLU D 366 -29.04 3.28 6.57
CA GLU D 366 -28.41 4.50 6.06
C GLU D 366 -29.05 4.90 4.74
N LEU D 367 -29.12 6.21 4.53
CA LEU D 367 -29.71 6.80 3.34
C LEU D 367 -28.77 6.69 2.14
N VAL D 368 -29.34 6.62 0.95
CA VAL D 368 -28.59 6.51 -0.30
C VAL D 368 -28.73 7.83 -1.05
N VAL D 369 -27.58 8.39 -1.47
CA VAL D 369 -27.55 9.68 -2.15
C VAL D 369 -26.94 9.48 -3.54
N SER D 370 -26.07 8.49 -3.68
CA SER D 370 -25.41 8.20 -4.94
C SER D 370 -26.37 7.51 -5.91
N SER D 371 -25.99 7.51 -7.18
CA SER D 371 -26.78 6.88 -8.23
C SER D 371 -26.30 5.48 -8.59
N HIS D 372 -25.26 4.98 -7.93
CA HIS D 372 -24.74 3.64 -8.18
C HIS D 372 -24.92 2.80 -6.93
N VAL D 373 -25.81 1.81 -6.99
CA VAL D 373 -26.10 0.93 -5.86
C VAL D 373 -26.77 -0.33 -6.40
N PRO D 374 -26.47 -1.51 -5.86
CA PRO D 374 -27.19 -2.71 -6.30
C PRO D 374 -28.67 -2.64 -5.95
N ARG D 375 -29.51 -3.13 -6.87
CA ARG D 375 -30.96 -3.01 -6.72
C ARG D 375 -31.72 -4.33 -6.85
N PHE D 376 -31.04 -5.43 -7.17
CA PHE D 376 -31.69 -6.73 -7.18
C PHE D 376 -30.64 -7.82 -7.00
N ALA D 377 -31.11 -9.02 -6.64
CA ALA D 377 -30.22 -10.15 -6.42
C ALA D 377 -30.95 -11.45 -6.74
N LEU D 378 -30.16 -12.50 -6.98
CA LEU D 378 -30.66 -13.82 -7.30
C LEU D 378 -30.18 -14.82 -6.26
N SER D 379 -31.10 -15.62 -5.73
CA SER D 379 -30.78 -16.62 -4.71
C SER D 379 -31.63 -17.85 -4.94
N ASN D 380 -30.96 -18.97 -5.27
CA ASN D 380 -31.62 -20.26 -5.49
C ASN D 380 -32.71 -20.17 -6.56
N GLY D 381 -32.46 -19.38 -7.59
CA GLY D 381 -33.43 -19.20 -8.65
C GLY D 381 -34.58 -18.28 -8.31
N VAL D 382 -34.52 -17.56 -7.20
CA VAL D 382 -35.57 -16.64 -6.79
C VAL D 382 -35.01 -15.23 -6.83
N LEU D 383 -35.80 -14.29 -7.35
CA LEU D 383 -35.34 -12.93 -7.55
C LEU D 383 -35.84 -12.04 -6.41
N PHE D 384 -34.94 -11.22 -5.86
CA PHE D 384 -35.31 -10.23 -4.86
C PHE D 384 -35.00 -8.86 -5.43
N ALA D 385 -36.03 -8.04 -5.62
CA ALA D 385 -35.86 -6.81 -6.39
C ALA D 385 -36.58 -5.65 -5.73
N ASN D 386 -35.98 -4.46 -5.87
CA ASN D 386 -36.60 -3.20 -5.48
C ASN D 386 -37.23 -2.62 -6.75
N CYS D 387 -38.45 -3.05 -7.01
CA CYS D 387 -39.15 -2.77 -8.28
C CYS D 387 -39.68 -1.35 -8.38
N ILE D 388 -39.63 -0.56 -7.30
CA ILE D 388 -39.97 0.85 -7.40
C ILE D 388 -38.91 1.64 -8.14
N SER D 389 -37.64 1.39 -7.85
CA SER D 389 -36.52 2.11 -8.45
C SER D 389 -36.08 1.55 -9.78
N VAL D 390 -36.19 0.24 -9.99
CA VAL D 390 -35.84 -0.39 -11.25
C VAL D 390 -37.13 -0.77 -11.98
N THR D 391 -37.02 -0.99 -13.29
CA THR D 391 -38.18 -1.28 -14.13
C THR D 391 -38.40 -2.80 -14.17
N CYS D 392 -39.63 -3.22 -13.86
CA CYS D 392 -39.96 -4.63 -13.68
C CYS D 392 -41.09 -5.03 -14.62
N GLN D 393 -40.86 -6.06 -15.43
CA GLN D 393 -41.87 -6.56 -16.37
C GLN D 393 -41.78 -8.08 -16.49
N CYS D 394 -42.91 -8.68 -16.86
CA CYS D 394 -43.00 -10.11 -17.14
C CYS D 394 -43.17 -10.33 -18.64
N GLN D 395 -42.29 -11.15 -19.23
CA GLN D 395 -42.32 -11.36 -20.67
C GLN D 395 -43.51 -12.22 -21.10
N THR D 396 -43.92 -13.18 -20.25
CA THR D 396 -44.99 -14.10 -20.64
C THR D 396 -46.31 -13.38 -20.87
N THR D 397 -46.65 -12.42 -20.00
CA THR D 397 -47.91 -11.70 -20.13
C THR D 397 -47.73 -10.28 -20.69
N GLY D 398 -46.50 -9.80 -20.78
CA GLY D 398 -46.27 -8.46 -21.31
C GLY D 398 -46.74 -7.35 -20.40
N ARG D 399 -46.86 -7.60 -19.11
CA ARG D 399 -47.41 -6.64 -18.16
C ARG D 399 -46.40 -6.32 -17.07
N ALA D 400 -46.33 -5.05 -16.71
CA ALA D 400 -45.39 -4.59 -15.70
C ALA D 400 -45.80 -5.09 -14.31
N ILE D 401 -44.81 -5.22 -13.44
CA ILE D 401 -45.01 -5.65 -12.06
C ILE D 401 -44.89 -4.44 -11.15
N SER D 402 -45.88 -4.22 -10.31
CA SER D 402 -45.99 -3.01 -9.52
C SER D 402 -45.76 -3.30 -8.05
N GLN D 403 -45.11 -2.36 -7.37
CA GLN D 403 -44.85 -2.43 -5.93
C GLN D 403 -45.56 -1.27 -5.25
N SER D 404 -46.26 -1.56 -4.16
CA SER D 404 -46.99 -0.53 -3.45
C SER D 404 -46.05 0.27 -2.54
N GLY D 405 -46.61 1.31 -1.92
CA GLY D 405 -45.83 2.17 -1.05
C GLY D 405 -45.58 1.62 0.35
N GLU D 406 -46.20 0.50 0.69
CA GLU D 406 -46.05 -0.12 1.99
C GLU D 406 -45.13 -1.34 1.97
N GLN D 407 -44.48 -1.61 0.85
CA GLN D 407 -43.60 -2.77 0.72
C GLN D 407 -42.15 -2.30 0.57
N THR D 408 -41.23 -3.06 1.16
CA THR D 408 -39.81 -2.76 1.06
C THR D 408 -39.16 -3.42 -0.14
N LEU D 409 -39.47 -4.69 -0.40
CA LEU D 409 -38.89 -5.44 -1.50
C LEU D 409 -39.96 -6.30 -2.14
N LEU D 410 -39.62 -6.89 -3.28
CA LEU D 410 -40.48 -7.84 -3.97
C LEU D 410 -39.74 -9.14 -4.21
N MET D 411 -40.41 -10.25 -3.90
CA MET D 411 -39.92 -11.59 -4.20
C MET D 411 -40.62 -12.09 -5.46
N ILE D 412 -39.82 -12.55 -6.43
CA ILE D 412 -40.34 -13.00 -7.71
C ILE D 412 -39.87 -14.43 -7.94
N ASP D 413 -40.83 -15.32 -8.21
CA ASP D 413 -40.59 -16.70 -8.56
C ASP D 413 -41.53 -17.09 -9.69
N ASN D 414 -41.52 -18.36 -10.06
CA ASN D 414 -42.25 -18.81 -11.25
C ASN D 414 -43.67 -19.26 -10.97
N THR D 415 -44.15 -19.15 -9.72
CA THR D 415 -45.55 -19.43 -9.46
C THR D 415 -46.47 -18.33 -9.98
N THR D 416 -45.95 -17.10 -10.13
CA THR D 416 -46.72 -16.03 -10.74
C THR D 416 -46.49 -16.00 -12.25
N CYS D 417 -45.25 -15.83 -12.68
CA CYS D 417 -44.87 -15.99 -14.08
C CYS D 417 -43.40 -16.34 -14.17
N PRO D 418 -43.03 -17.31 -15.02
CA PRO D 418 -41.65 -17.82 -15.03
C PRO D 418 -40.61 -16.84 -15.54
N THR D 419 -40.87 -16.22 -16.68
CA THR D 419 -39.89 -15.40 -17.37
C THR D 419 -40.02 -13.95 -16.95
N ALA D 420 -38.88 -13.30 -16.69
CA ALA D 420 -38.86 -11.91 -16.28
C ALA D 420 -37.77 -11.16 -17.06
N VAL D 421 -37.96 -9.86 -17.18
CA VAL D 421 -37.00 -8.98 -17.86
C VAL D 421 -36.74 -7.77 -16.96
N LEU D 422 -35.46 -7.47 -16.74
CA LEU D 422 -35.05 -6.34 -15.91
C LEU D 422 -34.22 -5.33 -16.67
N GLY D 423 -34.15 -5.45 -17.99
CA GLY D 423 -33.28 -4.63 -18.80
C GLY D 423 -32.96 -5.32 -20.10
N ASN D 424 -31.67 -5.47 -20.41
CA ASN D 424 -31.24 -6.23 -21.57
C ASN D 424 -31.05 -7.71 -21.29
N VAL D 425 -31.56 -8.20 -20.15
CA VAL D 425 -31.37 -9.57 -19.72
C VAL D 425 -32.74 -10.20 -19.46
N ILE D 426 -32.91 -11.43 -19.94
CA ILE D 426 -34.12 -12.21 -19.75
C ILE D 426 -33.77 -13.40 -18.84
N ILE D 427 -34.56 -13.61 -17.80
CA ILE D 427 -34.24 -14.58 -16.77
C ILE D 427 -35.43 -15.50 -16.52
N SER D 428 -35.14 -16.80 -16.40
CA SER D 428 -36.14 -17.79 -16.03
C SER D 428 -35.91 -18.21 -14.58
N LEU D 429 -37.01 -18.41 -13.85
CA LEU D 429 -36.97 -18.48 -12.39
C LEU D 429 -37.47 -19.82 -11.88
N GLY D 430 -37.05 -20.16 -10.65
CA GLY D 430 -37.50 -21.36 -9.98
C GLY D 430 -38.60 -21.07 -8.97
N LYS D 431 -38.81 -22.04 -8.08
CA LYS D 431 -39.86 -21.98 -7.08
C LYS D 431 -39.29 -21.63 -5.71
N TYR D 432 -39.99 -20.78 -4.98
CA TYR D 432 -39.56 -20.34 -3.65
C TYR D 432 -40.02 -21.31 -2.58
N LEU D 433 -39.12 -21.61 -1.65
CA LEU D 433 -39.41 -22.49 -0.52
C LEU D 433 -39.56 -21.63 0.73
N GLY D 434 -40.76 -21.62 1.31
CA GLY D 434 -41.05 -20.80 2.46
C GLY D 434 -42.53 -20.47 2.50
N SER D 435 -42.84 -19.37 3.18
CA SER D 435 -44.21 -18.94 3.33
C SER D 435 -44.80 -18.51 2.00
N VAL D 436 -46.06 -18.87 1.77
CA VAL D 436 -46.73 -18.50 0.53
C VAL D 436 -47.27 -17.07 0.60
N ASN D 437 -47.32 -16.46 1.78
CA ASN D 437 -47.80 -15.10 1.96
C ASN D 437 -46.65 -14.12 2.18
N TYR D 438 -45.54 -14.31 1.47
CA TYR D 438 -44.36 -13.47 1.67
C TYR D 438 -44.65 -12.01 1.33
N ASN D 439 -45.38 -11.76 0.25
CA ASN D 439 -45.59 -10.39 -0.22
C ASN D 439 -46.72 -9.66 0.51
N SER D 440 -47.38 -10.31 1.46
CA SER D 440 -48.52 -9.71 2.16
C SER D 440 -48.23 -9.46 3.65
N GLU D 441 -46.99 -9.58 4.08
CA GLU D 441 -46.63 -9.42 5.49
C GLU D 441 -45.56 -8.34 5.63
N GLY D 442 -45.71 -7.51 6.67
CA GLY D 442 -44.80 -6.42 6.93
C GLY D 442 -43.90 -6.69 8.14
N ILE D 443 -42.99 -5.74 8.37
CA ILE D 443 -41.98 -5.83 9.42
C ILE D 443 -41.83 -4.45 10.07
N ALA D 444 -40.93 -4.38 11.04
CA ALA D 444 -40.54 -3.13 11.69
C ALA D 444 -39.14 -2.72 11.25
N ILE D 445 -38.89 -1.42 11.25
CA ILE D 445 -37.65 -0.87 10.73
C ILE D 445 -36.88 -0.19 11.86
N GLY D 446 -35.56 -0.17 11.73
CA GLY D 446 -34.68 0.39 12.74
C GLY D 446 -34.39 1.87 12.55
N PRO D 447 -33.51 2.41 13.38
CA PRO D 447 -33.25 3.86 13.35
C PRO D 447 -32.13 4.22 12.39
N PRO D 448 -32.18 5.41 11.79
CA PRO D 448 -31.13 5.82 10.86
C PRO D 448 -29.83 6.18 11.58
N VAL D 449 -28.71 6.02 10.87
CA VAL D 449 -27.39 6.32 11.38
C VAL D 449 -26.56 6.98 10.28
N PHE D 450 -25.37 7.46 10.68
CA PHE D 450 -24.38 8.02 9.78
C PHE D 450 -23.03 7.41 10.08
N THR D 451 -22.25 7.13 9.03
CA THR D 451 -21.01 6.38 9.19
C THR D 451 -19.75 7.15 8.83
N ASP D 452 -19.84 8.43 8.49
CA ASP D 452 -18.65 9.20 8.15
C ASP D 452 -17.84 9.51 9.41
N LYS D 453 -16.56 9.83 9.21
CA LYS D 453 -15.64 10.01 10.32
C LYS D 453 -15.97 11.25 11.14
N VAL D 454 -16.20 12.39 10.47
CA VAL D 454 -16.51 13.63 11.17
C VAL D 454 -17.89 13.56 11.83
N ASP D 455 -18.81 12.82 11.21
CA ASP D 455 -20.16 12.71 11.75
C ASP D 455 -20.15 12.01 13.11
N ILE D 456 -19.22 11.09 13.33
CA ILE D 456 -19.13 10.42 14.63
C ILE D 456 -18.81 11.43 15.73
N SER D 457 -17.83 12.31 15.48
CA SER D 457 -17.48 13.33 16.46
C SER D 457 -18.64 14.29 16.68
N SER D 458 -19.32 14.70 15.60
CA SER D 458 -20.45 15.61 15.75
C SER D 458 -21.57 14.99 16.57
N GLN D 459 -21.88 13.72 16.31
CA GLN D 459 -22.94 13.03 17.04
C GLN D 459 -22.57 12.87 18.52
N ILE D 460 -21.31 12.54 18.80
CA ILE D 460 -20.87 12.42 20.19
C ILE D 460 -21.01 13.75 20.91
N SER D 461 -20.61 14.85 20.25
CA SER D 461 -20.73 16.17 20.87
C SER D 461 -22.19 16.51 21.16
N SER D 462 -23.08 16.26 20.20
CA SER D 462 -24.49 16.59 20.39
C SER D 462 -25.09 15.78 21.53
N MET D 463 -24.79 14.48 21.58
CA MET D 463 -25.33 13.64 22.64
C MET D 463 -24.81 14.08 24.02
N ASN D 464 -23.53 14.42 24.10
CA ASN D 464 -22.97 14.90 25.36
C ASN D 464 -23.62 16.19 25.81
N GLN D 465 -23.84 17.12 24.88
CA GLN D 465 -24.48 18.38 25.25
C GLN D 465 -25.90 18.15 25.75
N SER D 466 -26.65 17.28 25.08
CA SER D 466 -28.01 16.98 25.53
C SER D 466 -28.00 16.34 26.91
N LEU D 467 -27.08 15.41 27.16
CA LEU D 467 -27.01 14.77 28.47
C LEU D 467 -26.65 15.77 29.56
N GLN D 468 -25.71 16.67 29.28
CA GLN D 468 -25.33 17.68 30.27
C GLN D 468 -26.49 18.62 30.57
N GLN D 469 -27.25 19.01 29.54
CA GLN D 469 -28.42 19.86 29.76
C GLN D 469 -29.46 19.13 30.60
N SER D 470 -29.69 17.84 30.33
CA SER D 470 -30.66 17.08 31.12
C SER D 470 -30.23 16.98 32.58
N LYS D 471 -28.94 16.74 32.83
CA LYS D 471 -28.45 16.68 34.21
C LYS D 471 -28.57 18.04 34.89
N ASP D 472 -28.26 19.11 34.17
CA ASP D 472 -28.37 20.45 34.75
C ASP D 472 -29.81 20.79 35.12
N TYR D 473 -30.77 20.35 34.29
CA TYR D 473 -32.17 20.56 34.66
C TYR D 473 -32.55 19.69 35.85
N ILE D 474 -32.16 18.42 35.84
CA ILE D 474 -32.58 17.49 36.89
C ILE D 474 -31.94 17.84 38.23
N LYS D 475 -30.89 18.67 38.23
CA LYS D 475 -30.39 19.22 39.48
C LYS D 475 -31.48 20.01 40.21
N GLU D 476 -32.30 20.75 39.46
CA GLU D 476 -33.41 21.49 40.07
C GLU D 476 -34.43 20.56 40.69
N ALA D 477 -34.75 19.46 40.01
CA ALA D 477 -35.65 18.46 40.58
C ALA D 477 -35.04 17.79 41.81
N GLN D 478 -33.73 17.63 41.82
CA GLN D 478 -33.04 17.15 43.02
C GLN D 478 -33.21 18.14 44.17
N ARG D 479 -33.13 19.44 43.86
CA ARG D 479 -33.32 20.46 44.89
C ARG D 479 -34.75 20.42 45.45
N LEU D 480 -35.74 20.22 44.59
CA LEU D 480 -37.14 20.20 45.00
C LEU D 480 -37.44 18.97 45.86
N ILE E 27 -25.10 27.78 -0.48
CA ILE E 27 -25.34 29.01 0.26
C ILE E 27 -24.45 29.07 1.50
N LEU E 28 -23.18 28.73 1.31
CA LEU E 28 -22.23 28.77 2.42
C LEU E 28 -21.95 30.21 2.84
N HIS E 29 -21.87 30.44 4.14
CA HIS E 29 -21.61 31.75 4.70
C HIS E 29 -20.10 31.88 4.92
N TYR E 30 -19.41 32.44 3.94
CA TYR E 30 -17.95 32.44 3.95
C TYR E 30 -17.39 33.37 5.02
N GLU E 31 -18.07 34.49 5.28
CA GLU E 31 -17.56 35.47 6.24
C GLU E 31 -17.50 34.89 7.64
N LYS E 32 -18.55 34.16 8.06
CA LYS E 32 -18.54 33.56 9.38
C LYS E 32 -17.59 32.37 9.46
N LEU E 33 -17.42 31.64 8.35
CA LEU E 33 -16.49 30.51 8.34
C LEU E 33 -15.05 30.97 8.44
N SER E 34 -14.73 32.13 7.86
CA SER E 34 -13.34 32.61 7.89
C SER E 34 -12.89 32.98 9.30
N LYS E 35 -13.83 33.35 10.17
CA LYS E 35 -13.48 33.63 11.56
C LYS E 35 -13.19 32.37 12.36
N ILE E 36 -13.82 31.25 12.01
CA ILE E 36 -13.49 29.96 12.61
C ILE E 36 -12.13 29.47 12.15
N GLY E 37 -11.71 29.83 10.95
CA GLY E 37 -10.45 29.38 10.41
C GLY E 37 -10.55 28.57 9.14
N LEU E 38 -11.64 28.69 8.39
CA LEU E 38 -11.85 27.95 7.16
C LEU E 38 -11.90 28.96 6.02
N VAL E 39 -10.84 29.01 5.23
CA VAL E 39 -10.67 30.01 4.19
C VAL E 39 -10.97 29.35 2.84
N LYS E 40 -11.82 29.99 2.04
CA LYS E 40 -12.24 29.37 0.79
C LYS E 40 -11.10 29.35 -0.22
N GLY E 41 -11.06 28.28 -1.01
CA GLY E 41 -9.99 28.07 -1.98
C GLY E 41 -10.45 28.02 -3.41
N VAL E 42 -10.16 26.90 -4.09
CA VAL E 42 -10.41 26.75 -5.52
C VAL E 42 -11.71 25.98 -5.74
N THR E 43 -12.44 26.34 -6.79
CA THR E 43 -13.66 25.67 -7.20
C THR E 43 -13.39 24.85 -8.46
N ARG E 44 -13.89 23.62 -8.49
CA ARG E 44 -13.60 22.68 -9.56
C ARG E 44 -14.90 22.10 -10.12
N LYS E 45 -14.77 21.34 -11.20
CA LYS E 45 -15.88 20.67 -11.85
C LYS E 45 -15.90 19.18 -11.51
N TYR E 46 -16.96 18.51 -11.95
CA TYR E 46 -17.20 17.11 -11.65
C TYR E 46 -17.54 16.37 -12.94
N LYS E 47 -16.83 15.28 -13.23
CA LYS E 47 -17.05 14.56 -14.47
C LYS E 47 -16.84 13.06 -14.27
N ILE E 48 -17.66 12.28 -14.99
CA ILE E 48 -17.68 10.82 -14.91
C ILE E 48 -17.64 10.25 -16.32
N LYS E 49 -17.18 9.01 -16.45
CA LYS E 49 -16.96 8.38 -17.74
C LYS E 49 -18.16 7.54 -18.19
N SER E 50 -18.23 7.32 -19.50
CA SER E 50 -19.29 6.53 -20.13
C SER E 50 -18.92 6.25 -21.58
N ASN E 51 -19.73 5.40 -22.24
CA ASN E 51 -19.72 5.11 -23.67
C ASN E 51 -18.36 4.68 -24.23
N PRO E 52 -17.92 3.45 -23.97
CA PRO E 52 -16.59 3.02 -24.40
C PRO E 52 -16.57 2.37 -25.78
N LEU E 53 -15.38 2.42 -26.40
CA LEU E 53 -15.08 1.68 -27.62
C LEU E 53 -14.33 0.40 -27.26
N THR E 54 -14.39 -0.59 -28.14
CA THR E 54 -13.94 -1.93 -27.83
C THR E 54 -12.89 -2.42 -28.83
N LYS E 55 -11.91 -3.16 -28.34
CA LYS E 55 -10.92 -3.83 -29.17
C LYS E 55 -10.65 -5.23 -28.63
N ASP E 56 -10.10 -6.10 -29.48
CA ASP E 56 -9.79 -7.48 -29.10
C ASP E 56 -8.33 -7.81 -29.42
N ILE E 57 -7.64 -8.41 -28.46
CA ILE E 57 -6.22 -8.75 -28.61
C ILE E 57 -5.97 -10.17 -28.12
N VAL E 58 -4.83 -10.72 -28.53
CA VAL E 58 -4.39 -12.06 -28.18
C VAL E 58 -3.06 -11.95 -27.44
N ILE E 59 -2.95 -12.63 -26.30
CA ILE E 59 -1.72 -12.64 -25.51
C ILE E 59 -1.24 -14.08 -25.37
N LYS E 60 0.01 -14.32 -25.76
CA LYS E 60 0.65 -15.63 -25.61
C LYS E 60 1.53 -15.64 -24.37
N MET E 61 1.52 -16.77 -23.65
CA MET E 61 2.25 -16.91 -22.41
C MET E 61 3.46 -17.84 -22.53
N ILE E 62 3.81 -18.27 -23.74
CA ILE E 62 4.94 -19.16 -23.93
C ILE E 62 5.75 -18.70 -25.13
N PRO E 63 7.08 -18.60 -25.02
CA PRO E 63 7.90 -18.14 -26.14
C PRO E 63 8.25 -19.28 -27.10
N ASN E 64 8.88 -18.89 -28.21
CA ASN E 64 9.32 -19.80 -29.26
C ASN E 64 10.82 -20.00 -29.15
N VAL E 65 11.25 -21.25 -29.00
CA VAL E 65 12.66 -21.55 -28.78
C VAL E 65 13.17 -22.47 -29.89
N SER E 66 12.59 -22.37 -31.09
CA SER E 66 13.03 -23.19 -32.21
C SER E 66 14.42 -22.80 -32.68
N ASN E 67 14.85 -21.58 -32.40
CA ASN E 67 16.12 -21.06 -32.89
C ASN E 67 17.31 -21.55 -32.08
N MET E 68 17.08 -22.08 -30.88
CA MET E 68 18.13 -22.51 -29.97
C MET E 68 17.79 -23.87 -29.36
N SER E 69 17.35 -24.81 -30.19
CA SER E 69 16.88 -26.10 -29.70
C SER E 69 18.03 -27.06 -29.39
N GLN E 70 19.28 -26.67 -29.63
CA GLN E 70 20.40 -27.56 -29.36
C GLN E 70 20.50 -27.90 -27.88
N CYS E 71 20.35 -26.90 -27.01
CA CYS E 71 20.42 -27.10 -25.55
C CYS E 71 19.26 -26.35 -24.90
N THR E 72 18.12 -27.03 -24.76
CA THR E 72 17.00 -26.54 -24.00
C THR E 72 16.66 -27.40 -22.79
N GLY E 73 17.15 -28.64 -22.76
CA GLY E 73 16.88 -29.51 -21.63
C GLY E 73 15.41 -29.92 -21.57
N SER E 74 14.93 -30.06 -20.33
CA SER E 74 13.54 -30.37 -20.07
C SER E 74 12.82 -29.26 -19.31
N VAL E 75 13.31 -28.01 -19.43
CA VAL E 75 12.70 -26.91 -18.68
C VAL E 75 11.33 -26.56 -19.25
N MET E 76 11.12 -26.76 -20.56
CA MET E 76 9.85 -26.37 -21.18
C MET E 76 8.71 -27.26 -20.70
N GLU E 77 8.97 -28.55 -20.49
CA GLU E 77 7.93 -29.45 -20.00
C GLU E 77 7.49 -29.07 -18.59
N ASN E 78 8.45 -28.76 -17.73
CA ASN E 78 8.12 -28.32 -16.37
C ASN E 78 7.36 -27.00 -16.39
N TYR E 79 7.77 -26.07 -17.27
CA TYR E 79 7.07 -24.80 -17.39
C TYR E 79 5.63 -24.99 -17.85
N LYS E 80 5.41 -25.86 -18.83
CA LYS E 80 4.06 -26.15 -19.31
C LYS E 80 3.21 -26.78 -18.22
N THR E 81 3.78 -27.72 -17.47
CA THR E 81 3.04 -28.36 -16.39
C THR E 81 2.65 -27.35 -15.32
N ARG E 82 3.57 -26.44 -14.98
CA ARG E 82 3.25 -25.41 -13.99
C ARG E 82 2.18 -24.45 -14.50
N LEU E 83 2.24 -24.09 -15.78
CA LEU E 83 1.28 -23.13 -16.34
C LEU E 83 -0.12 -23.72 -16.45
N ASN E 84 -0.23 -25.02 -16.75
CA ASN E 84 -1.54 -25.64 -16.91
C ASN E 84 -2.37 -25.56 -15.63
N GLY E 85 -1.73 -25.84 -14.49
CA GLY E 85 -2.43 -25.78 -13.21
C GLY E 85 -2.91 -24.39 -12.85
N ILE E 86 -2.17 -23.36 -13.25
CA ILE E 86 -2.62 -22.00 -13.04
C ILE E 86 -3.80 -21.67 -13.95
N LEU E 87 -3.72 -22.10 -15.22
CA LEU E 87 -4.73 -21.68 -16.18
C LEU E 87 -6.05 -22.43 -16.06
N THR E 88 -6.06 -23.63 -15.48
CA THR E 88 -7.29 -24.42 -15.42
C THR E 88 -8.45 -23.77 -14.68
N PRO E 89 -8.28 -23.22 -13.45
CA PRO E 89 -9.45 -22.69 -12.74
C PRO E 89 -10.16 -21.53 -13.44
N ILE E 90 -9.44 -20.70 -14.20
CA ILE E 90 -10.08 -19.59 -14.90
C ILE E 90 -11.04 -20.10 -15.95
N LYS E 91 -10.61 -21.10 -16.74
CA LYS E 91 -11.49 -21.70 -17.72
C LYS E 91 -12.66 -22.40 -17.04
N GLY E 92 -12.41 -23.05 -15.90
CA GLY E 92 -13.49 -23.65 -15.15
C GLY E 92 -14.54 -22.64 -14.70
N ALA E 93 -14.10 -21.46 -14.28
CA ALA E 93 -15.03 -20.42 -13.84
C ALA E 93 -15.81 -19.84 -15.02
N LEU E 94 -15.16 -19.67 -16.17
CA LEU E 94 -15.87 -19.15 -17.34
C LEU E 94 -16.90 -20.14 -17.88
N GLU E 95 -16.61 -21.45 -17.78
CA GLU E 95 -17.48 -22.45 -18.37
C GLU E 95 -18.86 -22.47 -17.72
N ILE E 96 -18.98 -21.98 -16.49
CA ILE E 96 -20.28 -21.93 -15.83
C ILE E 96 -21.24 -21.02 -16.60
N TYR E 97 -20.77 -19.82 -16.95
CA TYR E 97 -21.60 -18.90 -17.71
C TYR E 97 -21.68 -19.27 -19.19
N LYS E 98 -20.64 -19.92 -19.72
CA LYS E 98 -20.68 -20.32 -21.13
C LYS E 98 -21.78 -21.35 -21.39
N ASN E 99 -22.10 -22.17 -20.38
CA ASN E 99 -23.01 -23.30 -20.58
C ASN E 99 -24.48 -22.93 -20.39
N ASN E 100 -24.78 -21.77 -19.83
CA ASN E 100 -26.15 -21.44 -19.44
C ASN E 100 -26.68 -20.17 -20.12
N THR E 101 -26.11 -19.79 -21.26
CA THR E 101 -26.56 -18.61 -22.00
C THR E 101 -26.83 -19.00 -23.43
N HIS E 102 -27.99 -18.60 -23.95
CA HIS E 102 -28.37 -18.93 -25.32
C HIS E 102 -29.26 -17.83 -25.86
N ASP E 103 -29.37 -17.78 -27.18
CA ASP E 103 -30.22 -16.80 -27.84
C ASP E 103 -31.69 -17.19 -27.71
N CYS E 104 -32.54 -16.18 -27.63
CA CYS E 104 -33.98 -16.40 -27.51
C CYS E 104 -34.76 -15.23 -28.10
N GLY E 112 -33.10 -9.85 -27.21
CA GLY E 112 -32.32 -10.05 -26.00
C GLY E 112 -31.72 -11.44 -25.91
N VAL E 113 -31.14 -11.74 -24.75
CA VAL E 113 -30.53 -13.04 -24.49
C VAL E 113 -31.16 -13.62 -23.24
N CYS E 114 -31.19 -14.94 -23.15
CA CYS E 114 -31.84 -15.64 -22.05
C CYS E 114 -30.83 -16.37 -21.18
N MET E 115 -31.06 -16.34 -19.88
CA MET E 115 -30.20 -17.00 -18.90
C MET E 115 -31.03 -17.94 -18.03
N ALA E 116 -30.44 -19.08 -17.69
CA ALA E 116 -31.09 -20.07 -16.84
C ALA E 116 -30.80 -19.74 -15.38
N GLY E 117 -31.81 -19.22 -14.68
CA GLY E 117 -31.60 -18.83 -13.30
C GLY E 117 -31.38 -19.99 -12.36
N VAL E 118 -32.04 -21.12 -12.62
CA VAL E 118 -31.94 -22.27 -11.73
C VAL E 118 -30.53 -22.88 -11.79
N ALA E 119 -29.94 -22.93 -12.99
CA ALA E 119 -28.63 -23.55 -13.14
C ALA E 119 -27.50 -22.69 -12.58
N ILE E 120 -27.73 -21.39 -12.37
CA ILE E 120 -26.69 -20.52 -11.82
C ILE E 120 -26.78 -20.45 -10.30
N GLY E 121 -27.98 -20.22 -9.77
CA GLY E 121 -28.19 -20.25 -8.34
C GLY E 121 -27.99 -18.94 -7.60
N ILE E 122 -26.75 -18.52 -7.42
CA ILE E 122 -26.41 -17.32 -6.64
C ILE E 122 -25.62 -16.38 -7.54
N ALA E 123 -26.05 -15.12 -7.60
CA ALA E 123 -25.36 -14.11 -8.39
C ALA E 123 -25.79 -12.72 -7.94
N THR E 124 -24.98 -11.73 -8.31
CA THR E 124 -25.31 -10.32 -8.15
C THR E 124 -25.58 -9.70 -9.51
N ALA E 125 -26.03 -8.44 -9.49
CA ALA E 125 -26.39 -7.76 -10.74
C ALA E 125 -25.18 -7.53 -11.62
N ALA E 126 -24.04 -7.18 -11.02
CA ALA E 126 -22.83 -6.91 -11.79
C ALA E 126 -22.36 -8.16 -12.53
N GLN E 127 -22.45 -9.33 -11.89
CA GLN E 127 -22.06 -10.57 -12.55
C GLN E 127 -22.97 -10.89 -13.72
N ILE E 128 -24.27 -10.62 -13.58
CA ILE E 128 -25.21 -10.86 -14.69
C ILE E 128 -24.92 -9.94 -15.86
N THR E 129 -24.65 -8.66 -15.58
CA THR E 129 -24.29 -7.74 -16.65
C THR E 129 -23.00 -8.15 -17.34
N ALA E 130 -22.01 -8.59 -16.56
CA ALA E 130 -20.75 -9.04 -17.14
C ALA E 130 -20.94 -10.29 -17.98
N GLY E 131 -21.83 -11.18 -17.57
CA GLY E 131 -22.12 -12.37 -18.37
C GLY E 131 -22.79 -12.03 -19.69
N VAL E 132 -23.71 -11.06 -19.67
CA VAL E 132 -24.32 -10.60 -20.92
C VAL E 132 -23.24 -10.02 -21.83
N ALA E 133 -22.33 -9.22 -21.29
CA ALA E 133 -21.25 -8.65 -22.09
C ALA E 133 -20.36 -9.75 -22.66
N LEU E 134 -20.09 -10.79 -21.87
CA LEU E 134 -19.27 -11.91 -22.35
C LEU E 134 -19.94 -12.63 -23.51
N TYR E 135 -21.26 -12.87 -23.40
CA TYR E 135 -21.96 -13.51 -24.50
C TYR E 135 -21.94 -12.65 -25.76
N GLU E 136 -22.08 -11.34 -25.61
CA GLU E 136 -22.01 -10.45 -26.77
C GLU E 136 -20.62 -10.47 -27.40
N ALA E 137 -19.58 -10.50 -26.57
CA ALA E 137 -18.21 -10.46 -27.08
C ALA E 137 -17.78 -11.79 -27.71
N MET E 138 -18.44 -12.89 -27.36
CA MET E 138 -18.07 -14.20 -27.87
C MET E 138 -18.23 -14.38 -29.38
N LYS E 139 -18.80 -13.38 -30.07
CA LYS E 139 -19.04 -13.52 -31.51
C LYS E 139 -17.74 -13.46 -32.31
N ASN E 140 -16.86 -12.51 -32.00
CA ASN E 140 -15.63 -12.32 -32.77
C ASN E 140 -14.55 -13.34 -32.42
N ALA E 141 -14.65 -13.99 -31.26
CA ALA E 141 -13.66 -14.99 -30.89
C ALA E 141 -13.71 -16.20 -31.81
N ASP E 142 -14.88 -16.50 -32.36
CA ASP E 142 -14.99 -17.60 -33.33
C ASP E 142 -14.17 -17.31 -34.58
N ASN E 143 -14.21 -16.06 -35.05
CA ASN E 143 -13.41 -15.69 -36.21
C ASN E 143 -11.92 -15.63 -35.86
N ILE E 144 -11.60 -15.19 -34.64
CA ILE E 144 -10.20 -15.11 -34.23
C ILE E 144 -9.58 -16.50 -34.11
N ASN E 145 -10.32 -17.46 -33.57
CA ASN E 145 -9.78 -18.80 -33.32
C ASN E 145 -9.47 -19.57 -34.59
N LYS E 146 -9.89 -19.09 -35.75
CA LYS E 146 -9.60 -19.75 -37.01
C LYS E 146 -8.13 -19.69 -37.42
N LEU E 147 -7.32 -18.88 -36.73
CA LEU E 147 -5.92 -18.68 -37.07
C LEU E 147 -4.99 -19.26 -36.01
N LYS E 148 -5.35 -20.42 -35.45
CA LYS E 148 -4.55 -21.03 -34.39
C LYS E 148 -3.17 -21.42 -34.90
N SER E 149 -3.10 -21.98 -36.11
CA SER E 149 -1.81 -22.39 -36.67
C SER E 149 -0.90 -21.19 -36.88
N SER E 150 -1.45 -20.06 -37.34
CA SER E 150 -0.65 -18.87 -37.53
C SER E 150 -0.25 -18.25 -36.20
N ILE E 151 -1.11 -18.37 -35.18
CA ILE E 151 -0.78 -17.87 -33.85
C ILE E 151 0.40 -18.65 -33.27
N GLU E 152 0.38 -19.97 -33.42
CA GLU E 152 1.43 -20.79 -32.81
C GLU E 152 2.77 -20.69 -33.55
N SER E 153 2.81 -20.07 -34.72
CA SER E 153 4.02 -20.01 -35.52
C SER E 153 4.76 -18.69 -35.44
N THR E 154 4.28 -17.72 -34.65
CA THR E 154 4.92 -16.42 -34.57
C THR E 154 6.20 -16.49 -33.74
N ASN E 155 7.18 -15.67 -34.14
CA ASN E 155 8.47 -15.62 -33.44
C ASN E 155 8.95 -14.18 -33.24
N GLU E 156 8.03 -13.25 -33.02
CA GLU E 156 8.36 -11.86 -32.77
C GLU E 156 7.53 -11.35 -31.59
N ALA E 157 8.01 -10.28 -30.96
CA ALA E 157 7.34 -9.75 -29.79
C ALA E 157 5.97 -9.17 -30.12
N VAL E 158 5.88 -8.41 -31.22
CA VAL E 158 4.62 -7.81 -31.68
C VAL E 158 4.40 -8.20 -33.13
N VAL E 159 3.28 -8.86 -33.41
CA VAL E 159 2.97 -9.32 -34.77
C VAL E 159 1.56 -8.90 -35.12
N LYS E 160 1.35 -8.52 -36.37
CA LYS E 160 0.01 -8.25 -36.91
C LYS E 160 -0.37 -9.35 -37.88
N LEU E 161 -1.46 -10.06 -37.58
CA LEU E 161 -1.97 -11.12 -38.42
C LEU E 161 -3.16 -10.63 -39.23
N GLN E 162 -3.14 -10.94 -40.53
CA GLN E 162 -4.10 -10.41 -41.50
C GLN E 162 -4.66 -11.57 -42.30
N GLU E 163 -5.94 -11.90 -42.10
CA GLU E 163 -6.60 -12.93 -42.89
C GLU E 163 -7.27 -12.31 -44.12
N THR E 164 -8.18 -11.37 -43.90
CA THR E 164 -8.78 -10.56 -44.96
C THR E 164 -8.59 -9.10 -44.60
N ALA E 165 -8.84 -8.22 -45.56
CA ALA E 165 -8.67 -6.79 -45.33
C ALA E 165 -9.61 -6.26 -44.26
N GLU E 166 -10.74 -6.93 -44.02
CA GLU E 166 -11.72 -6.45 -43.06
C GLU E 166 -11.24 -6.69 -41.63
N LYS E 167 -10.61 -7.83 -41.36
CA LYS E 167 -10.28 -8.23 -40.00
C LYS E 167 -8.78 -8.46 -39.85
N THR E 168 -8.21 -7.86 -38.80
CA THR E 168 -6.82 -8.06 -38.44
C THR E 168 -6.72 -8.21 -36.94
N VAL E 169 -5.68 -8.89 -36.48
CA VAL E 169 -5.48 -9.11 -35.05
C VAL E 169 -4.03 -8.85 -34.70
N TYR E 170 -3.77 -8.55 -33.42
CA TYR E 170 -2.44 -8.29 -32.91
C TYR E 170 -2.06 -9.34 -31.88
N VAL E 171 -0.83 -9.84 -31.99
CA VAL E 171 -0.31 -10.88 -31.12
C VAL E 171 0.90 -10.32 -30.37
N PHE E 172 0.88 -10.47 -29.04
CA PHE E 172 1.97 -10.07 -28.17
C PHE E 172 2.52 -11.29 -27.46
N THR E 173 3.83 -11.49 -27.52
CA THR E 173 4.49 -12.63 -26.90
C THR E 173 5.29 -12.17 -25.69
N ALA E 174 5.24 -12.97 -24.62
CA ALA E 174 5.65 -12.51 -23.30
C ALA E 174 7.17 -12.28 -23.21
N LEU E 175 7.96 -13.24 -23.68
CA LEU E 175 9.40 -13.22 -23.40
C LEU E 175 10.24 -13.36 -24.67
N GLN E 176 9.71 -12.99 -25.83
CA GLN E 176 10.40 -13.27 -27.08
C GLN E 176 11.59 -12.32 -27.31
N ASP E 177 11.47 -11.07 -26.85
CA ASP E 177 12.51 -10.09 -27.11
C ASP E 177 13.82 -10.45 -26.42
N TYR E 178 13.73 -10.90 -25.16
CA TYR E 178 14.93 -11.27 -24.42
C TYR E 178 15.65 -12.45 -25.06
N ILE E 179 14.89 -13.46 -25.49
CA ILE E 179 15.48 -14.62 -26.14
C ILE E 179 16.11 -14.23 -27.48
N ASN E 180 15.42 -13.38 -28.24
CA ASN E 180 15.93 -12.98 -29.54
C ASN E 180 17.17 -12.10 -29.44
N THR E 181 17.28 -11.31 -28.36
CA THR E 181 18.38 -10.35 -28.25
C THR E 181 19.58 -10.90 -27.51
N ASN E 182 19.38 -11.69 -26.46
CA ASN E 182 20.47 -12.10 -25.59
C ASN E 182 20.92 -13.54 -25.81
N LEU E 183 20.01 -14.50 -25.71
CA LEU E 183 20.41 -15.91 -25.66
C LEU E 183 20.89 -16.41 -27.02
N VAL E 184 20.17 -16.09 -28.09
CA VAL E 184 20.51 -16.62 -29.42
C VAL E 184 21.86 -16.14 -29.91
N PRO E 185 22.22 -14.85 -29.87
CA PRO E 185 23.54 -14.44 -30.37
C PRO E 185 24.71 -14.99 -29.56
N THR E 186 24.50 -15.42 -28.33
CA THR E 186 25.57 -15.91 -27.47
C THR E 186 25.56 -17.44 -27.37
N ILE E 187 24.99 -18.13 -28.35
CA ILE E 187 24.79 -19.57 -28.22
C ILE E 187 26.08 -20.35 -28.47
N ASP E 188 27.10 -19.72 -29.07
CA ASP E 188 28.32 -20.42 -29.44
C ASP E 188 29.55 -19.95 -28.66
N LYS E 189 29.40 -18.99 -27.75
CA LYS E 189 30.52 -18.46 -27.00
C LYS E 189 30.59 -18.97 -25.57
N ILE E 190 29.51 -19.56 -25.05
CA ILE E 190 29.47 -20.06 -23.68
C ILE E 190 28.92 -21.48 -23.71
N PRO E 191 29.26 -22.29 -22.69
CA PRO E 191 28.66 -23.63 -22.60
C PRO E 191 27.14 -23.55 -22.44
N CYS E 192 26.46 -24.54 -23.01
CA CYS E 192 25.00 -24.51 -23.10
C CYS E 192 24.31 -24.74 -21.76
N LYS E 193 25.01 -25.28 -20.76
CA LYS E 193 24.42 -25.43 -19.43
C LYS E 193 24.10 -24.06 -18.82
N GLN E 194 24.99 -23.08 -19.04
CA GLN E 194 24.72 -21.72 -18.58
C GLN E 194 23.51 -21.13 -19.28
N THR E 195 23.36 -21.41 -20.58
CA THR E 195 22.18 -20.94 -21.31
C THR E 195 20.90 -21.55 -20.76
N GLU E 196 20.93 -22.85 -20.46
CA GLU E 196 19.76 -23.51 -19.87
C GLU E 196 19.42 -22.90 -18.51
N LEU E 197 20.44 -22.65 -17.68
CA LEU E 197 20.20 -22.04 -16.38
C LEU E 197 19.62 -20.64 -16.52
N SER E 198 20.12 -19.85 -17.49
CA SER E 198 19.59 -18.51 -17.71
C SER E 198 18.13 -18.55 -18.15
N LEU E 199 17.80 -19.47 -19.07
CA LEU E 199 16.41 -19.59 -19.52
C LEU E 199 15.49 -20.00 -18.38
N ASP E 200 15.92 -20.94 -17.55
CA ASP E 200 15.12 -21.36 -16.41
C ASP E 200 14.90 -20.22 -15.42
N LEU E 201 15.96 -19.45 -15.16
CA LEU E 201 15.83 -18.31 -14.24
C LEU E 201 14.86 -17.27 -14.77
N ALA E 202 14.93 -16.98 -16.08
CA ALA E 202 14.02 -16.00 -16.67
C ALA E 202 12.57 -16.47 -16.59
N LEU E 203 12.32 -17.74 -16.90
CA LEU E 203 10.96 -18.27 -16.81
C LEU E 203 10.44 -18.22 -15.38
N SER E 204 11.29 -18.57 -14.41
CA SER E 204 10.86 -18.54 -13.00
C SER E 204 10.55 -17.12 -12.55
N LYS E 205 11.35 -16.14 -12.97
CA LYS E 205 11.07 -14.75 -12.63
C LYS E 205 9.75 -14.29 -13.24
N TYR E 206 9.48 -14.67 -14.49
CA TYR E 206 8.22 -14.31 -15.12
C TYR E 206 7.03 -14.91 -14.38
N LEU E 207 7.14 -16.18 -13.96
CA LEU E 207 6.05 -16.80 -13.21
C LEU E 207 5.85 -16.13 -11.85
N SER E 208 6.96 -15.77 -11.18
CA SER E 208 6.85 -15.08 -9.90
C SER E 208 6.12 -13.75 -10.05
N ASP E 209 6.38 -13.03 -11.15
CA ASP E 209 5.63 -11.80 -11.41
C ASP E 209 4.16 -12.06 -11.73
N LEU E 210 3.87 -13.14 -12.47
CA LEU E 210 2.49 -13.43 -12.86
C LEU E 210 1.62 -13.79 -11.66
N LEU E 211 2.17 -14.53 -10.70
CA LEU E 211 1.36 -15.11 -9.64
C LEU E 211 0.67 -14.07 -8.76
N PHE E 212 1.18 -12.84 -8.70
CA PHE E 212 0.56 -11.82 -7.87
C PHE E 212 -0.82 -11.43 -8.39
N VAL E 213 -1.01 -11.47 -9.70
CA VAL E 213 -2.25 -11.02 -10.34
C VAL E 213 -3.13 -12.19 -10.76
N PHE E 214 -2.54 -13.19 -11.40
CA PHE E 214 -3.34 -14.28 -11.98
C PHE E 214 -3.41 -15.51 -11.09
N GLY E 215 -3.16 -15.36 -9.79
CA GLY E 215 -3.21 -16.49 -8.88
C GLY E 215 -4.59 -16.69 -8.31
N PRO E 216 -4.68 -17.31 -7.13
CA PRO E 216 -5.99 -17.54 -6.50
C PRO E 216 -6.66 -16.27 -5.99
N ASN E 217 -6.00 -15.11 -6.06
CA ASN E 217 -6.67 -13.86 -5.74
C ASN E 217 -7.79 -13.55 -6.72
N LEU E 218 -7.65 -13.98 -7.97
CA LEU E 218 -8.67 -13.77 -8.99
C LEU E 218 -9.81 -14.76 -8.74
N GLN E 219 -10.77 -14.34 -7.94
CA GLN E 219 -11.91 -15.18 -7.61
C GLN E 219 -13.06 -15.01 -8.60
N ASP E 220 -13.21 -13.82 -9.19
CA ASP E 220 -14.33 -13.51 -10.09
C ASP E 220 -13.78 -12.97 -11.41
N PRO E 221 -13.38 -13.85 -12.33
CA PRO E 221 -12.91 -13.38 -13.64
C PRO E 221 -14.03 -12.91 -14.56
N VAL E 222 -15.29 -13.12 -14.20
CA VAL E 222 -16.40 -12.75 -15.09
C VAL E 222 -16.53 -11.24 -15.19
N SER E 223 -16.31 -10.53 -14.08
CA SER E 223 -16.53 -9.09 -14.03
C SER E 223 -15.61 -8.35 -15.01
N ASN E 224 -15.98 -7.09 -15.29
CA ASN E 224 -15.23 -6.25 -16.22
C ASN E 224 -14.68 -5.01 -15.54
N SER E 225 -14.22 -5.14 -14.30
CA SER E 225 -13.67 -4.02 -13.54
C SER E 225 -12.15 -4.06 -13.42
N MET E 226 -11.49 -5.05 -14.02
CA MET E 226 -10.04 -5.13 -13.95
C MET E 226 -9.40 -4.09 -14.86
N THR E 227 -8.42 -3.35 -14.33
CA THR E 227 -7.77 -2.29 -15.09
C THR E 227 -6.74 -2.87 -16.07
N ILE E 228 -6.35 -2.04 -17.03
CA ILE E 228 -5.38 -2.46 -18.03
C ILE E 228 -3.99 -2.62 -17.42
N GLN E 229 -3.70 -1.87 -16.35
CA GLN E 229 -2.40 -1.98 -15.69
C GLN E 229 -2.19 -3.37 -15.09
N ALA E 230 -3.23 -3.91 -14.45
CA ALA E 230 -3.14 -5.26 -13.89
C ALA E 230 -3.03 -6.31 -14.98
N ILE E 231 -3.78 -6.15 -16.07
CA ILE E 231 -3.75 -7.11 -17.17
C ILE E 231 -2.39 -7.10 -17.87
N SER E 232 -1.70 -5.96 -17.88
CA SER E 232 -0.41 -5.84 -18.55
C SER E 232 0.69 -6.68 -17.89
N GLN E 233 0.45 -7.24 -16.70
CA GLN E 233 1.45 -8.08 -16.05
C GLN E 233 1.75 -9.33 -16.86
N ALA E 234 0.80 -9.80 -17.66
CA ALA E 234 1.04 -10.94 -18.54
C ALA E 234 1.97 -10.59 -19.70
N PHE E 235 2.26 -9.31 -19.92
CA PHE E 235 3.21 -8.87 -20.93
C PHE E 235 4.44 -8.21 -20.32
N GLY E 236 4.57 -8.28 -18.99
CA GLY E 236 5.70 -7.67 -18.31
C GLY E 236 5.47 -6.26 -17.80
N GLY E 237 4.24 -5.80 -17.73
CA GLY E 237 3.95 -4.47 -17.23
C GLY E 237 4.08 -3.36 -18.24
N ASN E 238 4.18 -3.67 -19.53
CA ASN E 238 4.32 -2.68 -20.58
C ASN E 238 2.97 -2.42 -21.24
N TYR E 239 2.12 -1.67 -20.54
CA TYR E 239 0.81 -1.31 -21.10
C TYR E 239 0.90 -0.15 -22.09
N GLU E 240 1.99 0.62 -22.05
CA GLU E 240 2.17 1.70 -23.01
C GLU E 240 2.28 1.15 -24.42
N THR E 241 3.01 0.05 -24.60
CA THR E 241 3.13 -0.58 -25.92
C THR E 241 1.77 -1.03 -26.44
N LEU E 242 0.97 -1.67 -25.59
CA LEU E 242 -0.36 -2.13 -26.00
C LEU E 242 -1.23 -0.96 -26.43
N LEU E 243 -1.32 0.07 -25.59
CA LEU E 243 -2.19 1.19 -25.90
C LEU E 243 -1.72 1.96 -27.13
N ARG E 244 -0.41 2.06 -27.33
CA ARG E 244 0.11 2.77 -28.49
C ARG E 244 -0.11 1.97 -29.77
N THR E 245 0.09 0.66 -29.72
CA THR E 245 -0.10 -0.17 -30.90
C THR E 245 -1.57 -0.26 -31.30
N LEU E 246 -2.48 -0.22 -30.31
CA LEU E 246 -3.91 -0.31 -30.63
C LEU E 246 -4.43 0.90 -31.39
N GLY E 247 -3.67 1.99 -31.46
CA GLY E 247 -4.08 3.15 -32.22
C GLY E 247 -4.94 4.15 -31.47
N TYR E 248 -5.14 3.98 -30.18
CA TYR E 248 -5.90 4.95 -29.40
C TYR E 248 -5.11 6.25 -29.26
N ALA E 249 -5.81 7.37 -29.39
CA ALA E 249 -5.20 8.68 -29.27
C ALA E 249 -6.26 9.70 -28.88
N THR E 250 -5.99 10.45 -27.82
CA THR E 250 -6.93 11.45 -27.33
C THR E 250 -6.18 12.47 -26.48
N GLU E 251 -6.84 13.59 -26.20
CA GLU E 251 -6.24 14.63 -25.39
C GLU E 251 -6.23 14.28 -23.91
N ASP E 252 -7.24 13.55 -23.43
CA ASP E 252 -7.36 13.18 -22.02
C ASP E 252 -6.87 11.76 -21.77
N PHE E 253 -5.82 11.34 -22.47
CA PHE E 253 -5.30 9.98 -22.33
C PHE E 253 -4.78 9.74 -20.91
N ASP E 254 -3.96 10.66 -20.40
CA ASP E 254 -3.37 10.47 -19.07
C ASP E 254 -4.41 10.57 -17.97
N ASP E 255 -5.40 11.44 -18.15
CA ASP E 255 -6.46 11.58 -17.15
C ASP E 255 -7.28 10.30 -17.04
N LEU E 256 -7.58 9.69 -18.19
CA LEU E 256 -8.30 8.41 -18.17
C LEU E 256 -7.42 7.30 -17.61
N LEU E 257 -6.12 7.35 -17.89
CA LEU E 257 -5.22 6.29 -17.43
C LEU E 257 -5.02 6.33 -15.92
N GLU E 258 -4.92 7.54 -15.34
CA GLU E 258 -4.59 7.65 -13.92
C GLU E 258 -5.80 7.61 -13.01
N SER E 259 -7.02 7.64 -13.54
CA SER E 259 -8.23 7.52 -12.74
C SER E 259 -8.82 6.12 -12.76
N ASP E 260 -8.11 5.16 -13.38
CA ASP E 260 -8.55 3.76 -13.47
C ASP E 260 -9.89 3.63 -14.19
N SER E 261 -9.94 4.16 -15.42
CA SER E 261 -11.14 4.11 -16.23
C SER E 261 -11.01 3.20 -17.45
N ILE E 262 -9.80 2.77 -17.80
CA ILE E 262 -9.59 1.86 -18.91
C ILE E 262 -9.52 0.44 -18.36
N THR E 263 -10.46 -0.41 -18.77
CA THR E 263 -10.62 -1.73 -18.19
C THR E 263 -10.53 -2.80 -19.29
N GLY E 264 -10.54 -4.06 -18.84
CA GLY E 264 -10.46 -5.19 -19.75
C GLY E 264 -11.20 -6.39 -19.20
N GLN E 265 -11.38 -7.38 -20.06
CA GLN E 265 -12.12 -8.59 -19.70
C GLN E 265 -11.56 -9.78 -20.46
N ILE E 266 -11.41 -10.90 -19.77
CA ILE E 266 -10.95 -12.15 -20.36
C ILE E 266 -12.16 -12.90 -20.90
N ILE E 267 -12.06 -13.37 -22.15
CA ILE E 267 -13.19 -14.05 -22.77
C ILE E 267 -12.86 -15.47 -23.24
N TYR E 268 -11.60 -15.80 -23.51
CA TYR E 268 -11.27 -17.13 -24.01
C TYR E 268 -9.87 -17.53 -23.57
N VAL E 269 -9.73 -18.78 -23.15
CA VAL E 269 -8.48 -19.37 -22.70
C VAL E 269 -8.25 -20.65 -23.48
N ASP E 270 -7.04 -20.83 -24.03
CA ASP E 270 -6.67 -22.04 -24.74
C ASP E 270 -5.66 -22.81 -23.88
N LEU E 271 -6.02 -24.04 -23.50
CA LEU E 271 -5.14 -24.87 -22.69
C LEU E 271 -4.17 -25.71 -23.51
N SER E 272 -4.37 -25.80 -24.82
CA SER E 272 -3.47 -26.58 -25.67
C SER E 272 -2.36 -25.75 -26.27
N SER E 273 -2.62 -24.48 -26.59
CA SER E 273 -1.62 -23.59 -27.16
C SER E 273 -1.20 -22.47 -26.22
N TYR E 274 -1.84 -22.35 -25.05
CA TYR E 274 -1.45 -21.43 -24.00
C TYR E 274 -1.51 -19.97 -24.46
N TYR E 275 -2.71 -19.52 -24.79
CA TYR E 275 -2.94 -18.11 -25.08
C TYR E 275 -4.33 -17.71 -24.59
N ILE E 276 -4.51 -16.40 -24.42
CA ILE E 276 -5.77 -15.85 -23.96
C ILE E 276 -6.20 -14.73 -24.89
N ILE E 277 -7.51 -14.47 -24.91
CA ILE E 277 -8.11 -13.41 -25.72
C ILE E 277 -8.73 -12.38 -24.77
N VAL E 278 -8.39 -11.12 -24.98
CA VAL E 278 -8.78 -10.04 -24.08
C VAL E 278 -9.52 -8.96 -24.85
N ARG E 279 -10.56 -8.39 -24.25
CA ARG E 279 -11.29 -7.27 -24.79
C ARG E 279 -11.00 -6.01 -23.98
N VAL E 280 -10.76 -4.90 -24.69
CA VAL E 280 -10.33 -3.64 -24.09
C VAL E 280 -11.39 -2.57 -24.33
N TYR E 281 -11.71 -1.82 -23.28
CA TYR E 281 -12.72 -0.76 -23.31
C TYR E 281 -12.08 0.60 -23.13
N PHE E 282 -12.55 1.58 -23.90
CA PHE E 282 -11.99 2.93 -23.89
C PHE E 282 -13.11 3.97 -23.82
N PRO E 283 -13.35 4.58 -22.64
CA PRO E 283 -14.51 5.47 -22.48
C PRO E 283 -14.25 6.93 -22.81
N ILE E 284 -15.26 7.78 -22.61
CA ILE E 284 -15.15 9.22 -22.71
C ILE E 284 -15.71 9.86 -21.46
N LEU E 285 -15.31 11.11 -21.20
CA LEU E 285 -15.69 11.83 -20.00
C LEU E 285 -16.83 12.80 -20.30
N THR E 286 -17.81 12.85 -19.39
CA THR E 286 -18.93 13.77 -19.47
C THR E 286 -19.06 14.55 -18.17
N GLU E 287 -19.54 15.78 -18.27
CA GLU E 287 -19.63 16.71 -17.14
C GLU E 287 -21.03 16.68 -16.54
N ILE E 288 -21.10 16.67 -15.22
CA ILE E 288 -22.38 16.62 -14.50
C ILE E 288 -22.97 18.02 -14.43
N GLN E 289 -24.28 18.11 -14.62
CA GLN E 289 -24.96 19.40 -14.69
C GLN E 289 -25.24 19.96 -13.30
N GLN E 290 -24.99 21.26 -13.16
CA GLN E 290 -25.32 22.03 -11.94
C GLN E 290 -24.65 21.47 -10.70
N ALA E 291 -23.39 21.06 -10.83
CA ALA E 291 -22.67 20.47 -9.72
C ALA E 291 -21.27 21.08 -9.64
N TYR E 292 -20.79 21.32 -8.42
CA TYR E 292 -19.42 21.76 -8.24
C TYR E 292 -18.91 21.34 -6.87
N ILE E 293 -17.59 21.45 -6.70
CA ILE E 293 -16.89 21.01 -5.51
C ILE E 293 -16.11 22.19 -4.95
N GLN E 294 -16.26 22.45 -3.65
CA GLN E 294 -15.61 23.56 -2.98
C GLN E 294 -14.59 23.04 -1.96
N GLU E 295 -13.45 23.70 -1.90
CA GLU E 295 -12.35 23.34 -1.01
C GLU E 295 -12.13 24.42 0.04
N LEU E 296 -11.76 24.00 1.24
CA LEU E 296 -11.49 24.90 2.35
C LEU E 296 -10.09 24.66 2.89
N LEU E 297 -9.45 25.74 3.36
CA LEU E 297 -8.11 25.68 3.92
C LEU E 297 -8.18 25.99 5.40
N PRO E 298 -7.64 25.12 6.26
CA PRO E 298 -7.73 25.34 7.71
C PRO E 298 -6.56 26.15 8.27
N VAL E 299 -6.90 27.09 9.15
CA VAL E 299 -5.93 27.95 9.82
C VAL E 299 -6.27 27.97 11.31
N SER E 300 -5.25 27.79 12.15
CA SER E 300 -5.46 27.75 13.59
C SER E 300 -5.83 29.14 14.13
N PHE E 301 -6.54 29.15 15.26
CA PHE E 301 -7.02 30.38 15.86
C PHE E 301 -6.87 30.31 17.37
N ASN E 302 -6.92 31.48 18.00
CA ASN E 302 -6.72 31.64 19.44
C ASN E 302 -8.06 31.96 20.10
N ASN E 303 -8.38 31.25 21.19
CA ASN E 303 -9.63 31.48 21.89
C ASN E 303 -9.43 32.04 23.29
N ASP E 304 -8.75 31.31 24.18
CA ASP E 304 -8.50 31.82 25.52
C ASP E 304 -7.01 31.96 25.81
N ASN E 305 -6.26 30.87 25.77
CA ASN E 305 -4.80 30.93 25.84
C ASN E 305 -4.14 29.87 24.97
N SER E 306 -4.88 29.23 24.09
CA SER E 306 -4.39 28.05 23.38
C SER E 306 -4.74 28.16 21.90
N GLU E 307 -4.09 27.31 21.12
CA GLU E 307 -4.38 27.19 19.69
C GLU E 307 -5.42 26.11 19.47
N TRP E 308 -6.32 26.35 18.53
CA TRP E 308 -7.38 25.42 18.19
C TRP E 308 -7.47 25.25 16.69
N ILE E 309 -7.98 24.10 16.26
CA ILE E 309 -8.30 23.87 14.86
C ILE E 309 -9.74 23.40 14.78
N SER E 310 -10.35 23.59 13.62
CA SER E 310 -11.74 23.22 13.40
C SER E 310 -11.82 21.94 12.59
N ILE E 311 -12.69 21.03 13.03
CA ILE E 311 -12.81 19.71 12.41
C ILE E 311 -14.02 19.77 11.48
N VAL E 312 -13.74 20.08 10.22
CA VAL E 312 -14.76 20.21 9.18
C VAL E 312 -14.24 19.57 7.91
N PRO E 313 -15.12 18.90 7.16
CA PRO E 313 -14.69 18.31 5.89
C PRO E 313 -14.09 19.34 4.94
N ASN E 314 -13.02 18.93 4.27
CA ASN E 314 -12.25 19.84 3.42
C ASN E 314 -12.81 19.98 2.01
N PHE E 315 -13.57 18.99 1.53
CA PHE E 315 -14.16 19.02 0.20
C PHE E 315 -15.67 18.85 0.33
N ILE E 316 -16.43 19.75 -0.31
CA ILE E 316 -17.88 19.78 -0.19
C ILE E 316 -18.48 19.75 -1.59
N LEU E 317 -19.47 18.88 -1.80
CA LEU E 317 -20.12 18.77 -3.09
C LEU E 317 -21.48 19.46 -3.04
N VAL E 318 -21.72 20.39 -3.97
CA VAL E 318 -22.99 21.07 -4.10
C VAL E 318 -23.59 20.66 -5.44
N ARG E 319 -24.74 19.98 -5.39
CA ARG E 319 -25.42 19.50 -6.59
C ARG E 319 -26.86 20.01 -6.56
N ASN E 320 -27.23 20.77 -7.61
CA ASN E 320 -28.47 21.54 -7.64
C ASN E 320 -28.51 22.47 -6.42
N THR E 321 -29.30 22.12 -5.41
CA THR E 321 -29.34 22.88 -4.17
C THR E 321 -29.03 22.03 -2.94
N LEU E 322 -28.33 20.91 -3.13
CA LEU E 322 -28.06 19.96 -2.05
C LEU E 322 -26.57 19.93 -1.73
N ILE E 323 -26.26 19.89 -0.44
CA ILE E 323 -24.89 19.86 0.07
C ILE E 323 -24.61 18.46 0.59
N SER E 324 -23.45 17.91 0.23
CA SER E 324 -23.11 16.57 0.66
C SER E 324 -21.60 16.38 0.69
N ASN E 325 -21.20 15.22 1.21
CA ASN E 325 -19.82 14.81 1.31
C ASN E 325 -19.39 14.03 0.07
N ILE E 326 -18.11 13.72 -0.01
CA ILE E 326 -17.56 12.92 -1.11
C ILE E 326 -16.25 12.30 -0.64
N GLU E 327 -16.08 11.00 -0.89
CA GLU E 327 -14.83 10.31 -0.55
C GLU E 327 -13.84 10.56 -1.68
N ILE E 328 -12.99 11.56 -1.50
CA ILE E 328 -12.09 12.01 -2.57
C ILE E 328 -10.83 11.16 -2.66
N GLY E 329 -10.65 10.18 -1.78
CA GLY E 329 -9.51 9.28 -1.90
C GLY E 329 -9.59 8.31 -3.05
N PHE E 330 -10.77 8.16 -3.66
CA PHE E 330 -10.96 7.26 -4.79
C PHE E 330 -10.93 7.99 -6.12
N CYS E 331 -10.70 9.30 -6.12
CA CYS E 331 -10.80 10.11 -7.32
C CYS E 331 -9.49 10.87 -7.57
N LEU E 332 -9.28 11.24 -8.82
CA LEU E 332 -8.13 12.04 -9.22
C LEU E 332 -8.47 13.52 -9.16
N ILE E 333 -7.57 14.31 -8.58
CA ILE E 333 -7.75 15.74 -8.42
C ILE E 333 -6.79 16.46 -9.35
N THR E 334 -7.32 17.33 -10.20
CA THR E 334 -6.53 18.18 -11.08
C THR E 334 -6.71 19.63 -10.66
N LYS E 335 -6.15 20.54 -11.47
CA LYS E 335 -6.19 21.96 -11.10
C LYS E 335 -7.57 22.58 -11.33
N ARG E 336 -8.41 21.98 -12.16
CA ARG E 336 -9.73 22.56 -12.41
C ARG E 336 -10.88 21.56 -12.44
N SER E 337 -10.64 20.28 -12.22
CA SER E 337 -11.72 19.31 -12.24
C SER E 337 -11.36 18.09 -11.40
N VAL E 338 -12.39 17.35 -10.99
CA VAL E 338 -12.24 16.09 -10.28
C VAL E 338 -12.82 15.00 -11.15
N ILE E 339 -12.02 13.98 -11.43
CA ILE E 339 -12.38 12.91 -12.37
C ILE E 339 -12.53 11.62 -11.59
N CYS E 340 -13.68 10.96 -11.75
CA CYS E 340 -14.00 9.72 -11.08
C CYS E 340 -14.58 8.73 -12.08
N ASN E 341 -14.49 7.44 -11.74
CA ASN E 341 -15.11 6.38 -12.53
C ASN E 341 -16.49 6.00 -12.00
N GLN E 342 -16.95 6.64 -10.93
CA GLN E 342 -18.20 6.27 -10.28
C GLN E 342 -18.63 7.43 -9.38
N ASP E 343 -19.93 7.61 -9.24
CA ASP E 343 -20.46 8.61 -8.33
C ASP E 343 -20.15 8.21 -6.89
N TYR E 344 -19.67 9.18 -6.09
CA TYR E 344 -19.21 8.90 -4.72
C TYR E 344 -19.83 9.85 -3.71
N ALA E 345 -21.11 10.17 -3.87
CA ALA E 345 -21.78 11.04 -2.92
C ALA E 345 -22.07 10.31 -1.60
N THR E 346 -22.05 11.06 -0.51
CA THR E 346 -22.24 10.54 0.84
C THR E 346 -23.18 11.47 1.60
N PRO E 347 -24.04 10.93 2.46
CA PRO E 347 -24.94 11.79 3.23
C PRO E 347 -24.20 12.58 4.30
N MET E 348 -24.87 13.64 4.76
CA MET E 348 -24.33 14.56 5.75
C MET E 348 -25.37 14.79 6.86
N THR E 349 -24.89 14.94 8.08
CA THR E 349 -25.78 15.18 9.21
C THR E 349 -26.39 16.58 9.15
N ASN E 350 -27.43 16.78 9.96
CA ASN E 350 -28.14 18.05 9.98
C ASN E 350 -27.36 19.13 10.72
N ASN E 351 -26.64 18.74 11.78
CA ASN E 351 -25.87 19.72 12.55
C ASN E 351 -24.70 20.27 11.73
N MET E 352 -24.05 19.42 10.94
CA MET E 352 -22.98 19.90 10.07
C MET E 352 -23.51 20.87 9.03
N ARG E 353 -24.70 20.59 8.48
CA ARG E 353 -25.32 21.49 7.52
C ARG E 353 -25.70 22.82 8.16
N GLU E 354 -26.15 22.79 9.42
CA GLU E 354 -26.41 24.03 10.14
C GLU E 354 -25.12 24.82 10.38
N CYS E 355 -24.04 24.11 10.71
CA CYS E 355 -22.74 24.76 10.92
C CYS E 355 -22.24 25.43 9.65
N LEU E 356 -22.41 24.77 8.51
CA LEU E 356 -21.89 25.30 7.25
C LEU E 356 -22.70 26.47 6.73
N THR E 357 -23.92 26.67 7.22
CA THR E 357 -24.76 27.77 6.73
C THR E 357 -24.73 29.00 7.63
N GLY E 358 -23.91 29.01 8.68
CA GLY E 358 -23.72 30.20 9.50
C GLY E 358 -23.92 30.03 10.98
N SER E 359 -24.21 28.82 11.49
CA SER E 359 -24.40 28.62 12.92
C SER E 359 -23.11 28.04 13.50
N THR E 360 -22.22 28.92 13.95
CA THR E 360 -20.90 28.51 14.40
C THR E 360 -20.90 27.87 15.79
N GLU E 361 -22.03 27.91 16.50
CA GLU E 361 -22.10 27.28 17.82
C GLU E 361 -22.14 25.76 17.74
N LYS E 362 -22.32 25.19 16.55
CA LYS E 362 -22.45 23.75 16.37
C LYS E 362 -21.22 23.13 15.72
N CYS E 363 -20.11 23.86 15.61
CA CYS E 363 -18.93 23.33 14.96
C CYS E 363 -17.88 22.95 15.99
N PRO E 364 -17.41 21.71 16.02
CA PRO E 364 -16.45 21.28 17.04
C PRO E 364 -15.04 21.74 16.73
N ARG E 365 -14.19 21.65 17.75
CA ARG E 365 -12.80 22.12 17.65
C ARG E 365 -11.90 21.19 18.45
N GLU E 366 -10.61 21.21 18.09
CA GLU E 366 -9.61 20.36 18.71
C GLU E 366 -8.38 21.18 19.11
N LEU E 367 -7.77 20.78 20.22
CA LEU E 367 -6.61 21.45 20.77
C LEU E 367 -5.34 21.10 19.98
N VAL E 368 -4.39 22.03 19.96
CA VAL E 368 -3.14 21.88 19.24
C VAL E 368 -2.01 21.71 20.26
N VAL E 369 -1.22 20.65 20.11
CA VAL E 369 -0.15 20.33 21.04
C VAL E 369 1.18 20.34 20.30
N SER E 370 1.15 20.02 19.01
CA SER E 370 2.37 19.97 18.21
C SER E 370 2.86 21.37 17.88
N SER E 371 4.11 21.45 17.42
CA SER E 371 4.71 22.71 17.05
C SER E 371 4.65 23.01 15.55
N HIS E 372 4.14 22.08 14.75
CA HIS E 372 4.01 22.28 13.30
C HIS E 372 2.53 22.35 12.95
N VAL E 373 2.08 23.53 12.50
CA VAL E 373 0.69 23.77 12.14
C VAL E 373 0.64 25.03 11.29
N PRO E 374 -0.20 25.09 10.25
CA PRO E 374 -0.34 26.34 9.49
C PRO E 374 -0.92 27.45 10.34
N ARG E 375 -0.43 28.68 10.10
CA ARG E 375 -0.81 29.82 10.92
C ARG E 375 -1.29 31.03 10.12
N PHE E 376 -1.24 30.98 8.79
CA PHE E 376 -1.80 32.05 7.98
C PHE E 376 -2.13 31.52 6.60
N ALA E 377 -2.96 32.27 5.88
CA ALA E 377 -3.35 31.91 4.53
C ALA E 377 -3.64 33.16 3.72
N LEU E 378 -3.62 33.01 2.40
CA LEU E 378 -3.84 34.10 1.45
C LEU E 378 -5.01 33.75 0.55
N SER E 379 -5.98 34.67 0.44
CA SER E 379 -7.17 34.45 -0.38
C SER E 379 -7.54 35.76 -1.07
N ASN E 380 -7.49 35.75 -2.40
CA ASN E 380 -7.84 36.91 -3.23
C ASN E 380 -7.05 38.15 -2.84
N GLY E 381 -5.78 37.96 -2.51
CA GLY E 381 -4.93 39.05 -2.12
C GLY E 381 -5.14 39.57 -0.71
N VAL E 382 -5.90 38.86 0.12
CA VAL E 382 -6.17 39.27 1.49
C VAL E 382 -5.58 38.21 2.41
N LEU E 383 -4.93 38.66 3.49
CA LEU E 383 -4.20 37.77 4.39
C LEU E 383 -5.03 37.50 5.63
N PHE E 384 -5.12 36.23 6.02
CA PHE E 384 -5.76 35.82 7.27
C PHE E 384 -4.69 35.19 8.15
N ALA E 385 -4.45 35.80 9.32
CA ALA E 385 -3.30 35.40 10.13
C ALA E 385 -3.66 35.34 11.60
N ASN E 386 -3.00 34.44 12.31
CA ASN E 386 -3.06 34.33 13.77
C ASN E 386 -1.79 34.99 14.32
N CYS E 387 -1.89 36.28 14.64
CA CYS E 387 -0.71 37.06 15.00
C CYS E 387 -0.31 36.91 16.46
N ILE E 388 -1.04 36.12 17.25
CA ILE E 388 -0.58 35.78 18.59
C ILE E 388 0.62 34.85 18.52
N SER E 389 0.56 33.84 17.64
CA SER E 389 1.60 32.83 17.54
C SER E 389 2.63 33.13 16.46
N VAL E 390 2.46 34.20 15.68
CA VAL E 390 3.39 34.56 14.62
C VAL E 390 3.66 36.05 14.71
N THR E 391 4.78 36.47 14.12
CA THR E 391 5.18 37.87 14.17
C THR E 391 4.61 38.63 12.98
N CYS E 392 3.85 39.68 13.28
CA CYS E 392 3.19 40.49 12.25
C CYS E 392 3.65 41.93 12.41
N GLN E 393 4.13 42.53 11.32
CA GLN E 393 4.51 43.93 11.33
C GLN E 393 4.37 44.52 9.92
N CYS E 394 4.21 45.82 9.86
CA CYS E 394 3.96 46.53 8.60
C CYS E 394 5.27 47.09 8.06
N GLN E 395 5.52 46.84 6.77
CA GLN E 395 6.77 47.28 6.16
C GLN E 395 6.82 48.80 6.01
N THR E 396 5.70 49.42 5.64
CA THR E 396 5.70 50.85 5.33
C THR E 396 5.96 51.69 6.58
N THR E 397 5.23 51.42 7.66
CA THR E 397 5.36 52.19 8.89
C THR E 397 6.39 51.62 9.85
N GLY E 398 6.88 50.41 9.62
CA GLY E 398 7.86 49.80 10.50
C GLY E 398 7.34 49.54 11.90
N ARG E 399 6.05 49.19 12.02
CA ARG E 399 5.40 49.01 13.32
C ARG E 399 4.66 47.69 13.34
N ALA E 400 4.68 47.04 14.50
CA ALA E 400 4.06 45.73 14.66
C ALA E 400 2.54 45.84 14.65
N ILE E 401 1.90 44.74 14.28
CA ILE E 401 0.45 44.63 14.25
C ILE E 401 0.02 43.74 15.41
N SER E 402 -0.86 44.26 16.26
CA SER E 402 -1.21 43.62 17.52
C SER E 402 -2.62 43.04 17.47
N GLN E 403 -2.78 41.87 18.07
CA GLN E 403 -4.07 41.20 18.19
C GLN E 403 -4.43 41.10 19.66
N SER E 404 -5.66 41.48 20.01
CA SER E 404 -6.09 41.43 21.39
C SER E 404 -6.52 40.01 21.77
N GLY E 405 -6.88 39.86 23.05
CA GLY E 405 -7.29 38.56 23.56
C GLY E 405 -8.72 38.16 23.28
N GLU E 406 -9.51 39.05 22.68
CA GLU E 406 -10.89 38.78 22.34
C GLU E 406 -11.11 38.49 20.86
N GLN E 407 -10.04 38.34 20.09
CA GLN E 407 -10.12 38.08 18.66
C GLN E 407 -9.55 36.71 18.35
N THR E 408 -10.16 36.03 17.38
CA THR E 408 -9.68 34.72 16.94
C THR E 408 -8.63 34.83 15.84
N LEU E 409 -8.85 35.69 14.87
CA LEU E 409 -7.93 35.87 13.75
C LEU E 409 -7.82 37.35 13.42
N LEU E 410 -6.93 37.65 12.49
CA LEU E 410 -6.77 38.99 11.95
C LEU E 410 -6.84 38.97 10.44
N MET E 411 -7.57 39.92 9.87
CA MET E 411 -7.66 40.12 8.44
C MET E 411 -6.81 41.33 8.06
N ILE E 412 -5.95 41.16 7.05
CA ILE E 412 -5.01 42.19 6.63
C ILE E 412 -5.19 42.44 5.14
N ASP E 413 -5.41 43.71 4.77
CA ASP E 413 -5.50 44.16 3.39
C ASP E 413 -4.75 45.48 3.28
N ASN E 414 -4.82 46.11 2.10
CA ASN E 414 -3.97 47.27 1.85
C ASN E 414 -4.58 48.58 2.33
N THR E 415 -5.80 48.58 2.88
CA THR E 415 -6.37 49.81 3.41
C THR E 415 -5.69 50.25 4.70
N THR E 416 -5.04 49.33 5.41
CA THR E 416 -4.30 49.66 6.62
C THR E 416 -2.80 49.35 6.53
N CYS E 417 -2.41 48.32 5.78
CA CYS E 417 -1.01 47.96 5.62
C CYS E 417 -0.82 47.51 4.17
N PRO E 418 -0.36 48.40 3.29
CA PRO E 418 -0.19 48.01 1.89
C PRO E 418 0.82 46.89 1.67
N THR E 419 1.85 46.82 2.49
CA THR E 419 2.91 45.82 2.35
C THR E 419 3.23 45.24 3.71
N ALA E 420 3.12 43.92 3.84
CA ALA E 420 3.36 43.23 5.10
C ALA E 420 4.60 42.36 4.99
N VAL E 421 5.18 42.04 6.15
CA VAL E 421 6.35 41.17 6.22
C VAL E 421 6.10 40.11 7.28
N LEU E 422 6.23 38.85 6.89
CA LEU E 422 6.07 37.72 7.80
C LEU E 422 7.29 36.83 7.67
N GLY E 423 7.95 36.54 8.79
CA GLY E 423 9.15 35.75 8.77
C GLY E 423 10.21 36.38 7.88
N ASN E 424 10.44 35.77 6.72
CA ASN E 424 11.40 36.28 5.75
C ASN E 424 10.77 36.58 4.39
N VAL E 425 9.45 36.78 4.33
CA VAL E 425 8.77 37.05 3.08
C VAL E 425 8.04 38.37 3.18
N ILE E 426 8.13 39.17 2.11
CA ILE E 426 7.44 40.44 1.98
C ILE E 426 6.31 40.25 0.97
N ILE E 427 5.12 40.71 1.32
CA ILE E 427 3.93 40.47 0.51
C ILE E 427 3.16 41.77 0.33
N SER E 428 2.68 42.01 -0.89
CA SER E 428 1.84 43.15 -1.21
C SER E 428 0.40 42.68 -1.36
N LEU E 429 -0.53 43.44 -0.79
CA LEU E 429 -1.89 42.98 -0.56
C LEU E 429 -2.90 43.76 -1.40
N GLY E 430 -4.08 43.18 -1.56
CA GLY E 430 -5.20 43.78 -2.25
C GLY E 430 -6.24 44.35 -1.30
N LYS E 431 -7.49 44.37 -1.74
CA LYS E 431 -8.59 44.95 -0.98
C LYS E 431 -9.65 43.90 -0.70
N TYR E 432 -10.21 43.97 0.50
CA TYR E 432 -11.24 43.02 0.94
C TYR E 432 -12.61 43.49 0.49
N LEU E 433 -13.39 42.56 -0.05
CA LEU E 433 -14.76 42.82 -0.52
C LEU E 433 -15.71 42.24 0.51
N GLY E 434 -16.14 43.06 1.46
CA GLY E 434 -17.02 42.60 2.51
C GLY E 434 -17.29 43.70 3.50
N SER E 435 -17.65 43.29 4.71
CA SER E 435 -17.94 44.25 5.77
C SER E 435 -16.68 45.02 6.15
N VAL E 436 -16.84 46.33 6.37
CA VAL E 436 -15.71 47.16 6.78
C VAL E 436 -15.41 47.03 8.26
N ASN E 437 -16.34 46.49 9.04
CA ASN E 437 -16.15 46.29 10.48
C ASN E 437 -15.79 44.84 10.81
N TYR E 438 -14.98 44.20 9.96
CA TYR E 438 -14.67 42.79 10.14
C TYR E 438 -13.93 42.55 11.46
N ASN E 439 -12.98 43.41 11.80
CA ASN E 439 -12.13 43.18 12.96
C ASN E 439 -12.76 43.64 14.28
N SER E 440 -14.00 44.11 14.25
CA SER E 440 -14.67 44.61 15.45
C SER E 440 -15.91 43.81 15.83
N GLU E 441 -16.10 42.63 15.24
CA GLU E 441 -17.29 41.81 15.49
C GLU E 441 -16.87 40.44 16.00
N GLY E 442 -17.61 39.92 16.99
CA GLY E 442 -17.33 38.63 17.57
C GLY E 442 -18.27 37.54 17.09
N ILE E 443 -18.01 36.33 17.58
CA ILE E 443 -18.76 35.13 17.20
C ILE E 443 -18.88 34.24 18.43
N ALA E 444 -19.56 33.10 18.25
CA ALA E 444 -19.68 32.06 19.26
C ALA E 444 -18.93 30.81 18.82
N ILE E 445 -18.44 30.07 19.81
CA ILE E 445 -17.55 28.93 19.55
C ILE E 445 -18.24 27.65 19.98
N GLY E 446 -17.85 26.54 19.35
CA GLY E 446 -18.42 25.24 19.62
C GLY E 446 -17.68 24.48 20.71
N PRO E 447 -18.08 23.23 20.95
CA PRO E 447 -17.51 22.46 22.05
C PRO E 447 -16.27 21.69 21.63
N PRO E 448 -15.33 21.44 22.55
CA PRO E 448 -14.12 20.69 22.21
C PRO E 448 -14.41 19.20 22.06
N VAL E 449 -13.60 18.54 21.23
CA VAL E 449 -13.72 17.12 20.95
C VAL E 449 -12.33 16.50 20.85
N PHE E 450 -12.31 15.17 20.77
CA PHE E 450 -11.11 14.37 20.57
C PHE E 450 -11.36 13.37 19.46
N THR E 451 -10.33 13.11 18.64
CA THR E 451 -10.49 12.31 17.44
C THR E 451 -9.65 11.03 17.42
N ASP E 452 -9.29 10.49 18.58
CA ASP E 452 -8.53 9.26 18.64
C ASP E 452 -9.44 8.08 18.97
N LYS E 453 -9.08 6.90 18.44
CA LYS E 453 -9.94 5.73 18.57
C LYS E 453 -10.11 5.29 20.02
N VAL E 454 -8.99 5.20 20.75
CA VAL E 454 -9.05 4.87 22.17
C VAL E 454 -9.83 5.93 22.93
N ASP E 455 -9.64 7.20 22.56
CA ASP E 455 -10.41 8.28 23.17
C ASP E 455 -11.88 8.15 22.83
N ILE E 456 -12.21 7.69 21.63
CA ILE E 456 -13.60 7.49 21.25
C ILE E 456 -14.25 6.42 22.13
N SER E 457 -13.54 5.31 22.35
CA SER E 457 -14.04 4.26 23.22
C SER E 457 -14.23 4.76 24.66
N SER E 458 -13.25 5.53 25.16
CA SER E 458 -13.34 6.06 26.52
C SER E 458 -14.53 7.01 26.66
N GLN E 459 -14.75 7.87 25.66
CA GLN E 459 -15.87 8.81 25.72
C GLN E 459 -17.20 8.08 25.69
N ILE E 460 -17.31 7.03 24.86
CA ILE E 460 -18.53 6.23 24.82
C ILE E 460 -18.80 5.59 26.18
N SER E 461 -17.75 5.03 26.80
CA SER E 461 -17.93 4.40 28.11
C SER E 461 -18.38 5.41 29.17
N SER E 462 -17.75 6.58 29.20
CA SER E 462 -18.09 7.58 30.20
C SER E 462 -19.52 8.06 30.02
N MET E 463 -19.93 8.31 28.77
CA MET E 463 -21.29 8.77 28.52
C MET E 463 -22.31 7.70 28.89
N ASN E 464 -22.01 6.42 28.61
CA ASN E 464 -22.93 5.36 29.02
C ASN E 464 -23.06 5.30 30.54
N GLN E 465 -21.95 5.42 31.27
CA GLN E 465 -22.02 5.35 32.72
C GLN E 465 -22.84 6.51 33.28
N SER E 466 -22.63 7.72 32.76
CA SER E 466 -23.42 8.87 33.21
C SER E 466 -24.91 8.67 32.91
N LEU E 467 -25.23 8.15 31.73
CA LEU E 467 -26.62 7.91 31.37
C LEU E 467 -27.26 6.87 32.29
N GLN E 468 -26.53 5.80 32.61
CA GLN E 468 -27.07 4.78 33.51
C GLN E 468 -27.30 5.34 34.91
N GLN E 469 -26.38 6.16 35.41
CA GLN E 469 -26.59 6.78 36.71
C GLN E 469 -27.80 7.70 36.70
N SER E 470 -27.98 8.47 35.63
CA SER E 470 -29.14 9.35 35.51
C SER E 470 -30.45 8.55 35.47
N LYS E 471 -30.45 7.44 34.74
CA LYS E 471 -31.65 6.60 34.68
C LYS E 471 -31.95 5.95 36.02
N ASP E 472 -30.91 5.56 36.77
CA ASP E 472 -31.13 5.02 38.10
C ASP E 472 -31.74 6.07 39.03
N TYR E 473 -31.25 7.31 38.97
CA TYR E 473 -31.86 8.35 39.79
C TYR E 473 -33.29 8.66 39.33
N ILE E 474 -33.55 8.56 38.01
CA ILE E 474 -34.91 8.76 37.51
C ILE E 474 -35.83 7.68 38.07
N LYS E 475 -35.37 6.43 38.13
CA LYS E 475 -36.15 5.37 38.74
C LYS E 475 -36.39 5.64 40.22
N GLU E 476 -35.37 6.14 40.93
CA GLU E 476 -35.54 6.48 42.34
C GLU E 476 -36.59 7.57 42.53
N ALA E 477 -36.57 8.58 41.65
CA ALA E 477 -37.58 9.64 41.73
C ALA E 477 -38.96 9.11 41.36
N GLN E 478 -39.02 8.13 40.46
CA GLN E 478 -40.29 7.48 40.13
C GLN E 478 -40.85 6.76 41.34
N ARG E 479 -40.00 6.11 42.12
CA ARG E 479 -40.46 5.43 43.33
C ARG E 479 -41.05 6.41 44.33
N LEU E 480 -40.41 7.57 44.50
CA LEU E 480 -40.89 8.58 45.44
C LEU E 480 -42.13 9.28 44.90
N GLU F 20 -42.29 -2.70 -30.00
CA GLU F 20 -41.32 -2.06 -30.86
C GLU F 20 -40.89 -0.71 -30.30
N VAL F 21 -39.60 -0.41 -30.39
CA VAL F 21 -39.07 0.86 -29.91
C VAL F 21 -39.33 1.94 -30.95
N GLN F 22 -39.74 3.12 -30.49
CA GLN F 22 -40.01 4.23 -31.39
C GLN F 22 -39.87 5.54 -30.63
N LEU F 23 -39.61 6.61 -31.38
CA LEU F 23 -39.44 7.95 -30.85
C LEU F 23 -40.44 8.88 -31.51
N GLN F 24 -41.14 9.66 -30.69
CA GLN F 24 -42.17 10.58 -31.17
C GLN F 24 -41.75 12.02 -30.91
N GLN F 25 -41.77 12.83 -31.95
CA GLN F 25 -41.36 14.23 -31.87
C GLN F 25 -42.57 15.15 -31.98
N SER F 26 -42.33 16.43 -31.70
CA SER F 26 -43.39 17.43 -31.74
C SER F 26 -43.52 18.03 -33.14
N GLY F 27 -44.49 18.93 -33.29
CA GLY F 27 -44.88 19.42 -34.59
C GLY F 27 -44.05 20.61 -35.06
N PRO F 28 -44.35 21.07 -36.27
CA PRO F 28 -43.66 22.24 -36.82
C PRO F 28 -44.10 23.53 -36.15
N GLU F 29 -43.21 24.51 -36.18
CA GLU F 29 -43.48 25.79 -35.53
C GLU F 29 -42.71 26.92 -36.21
N LEU F 30 -43.24 28.14 -36.08
CA LEU F 30 -42.72 29.34 -36.71
C LEU F 30 -42.22 30.29 -35.62
N VAL F 31 -41.01 30.81 -35.79
CA VAL F 31 -40.36 31.63 -34.77
C VAL F 31 -40.02 32.99 -35.35
N LYS F 32 -40.29 34.04 -34.58
CA LYS F 32 -39.80 35.38 -34.90
C LYS F 32 -38.32 35.48 -34.54
N PRO F 33 -37.54 36.27 -35.28
CA PRO F 33 -36.12 36.40 -34.98
C PRO F 33 -35.88 36.96 -33.58
N GLY F 34 -34.87 36.42 -32.91
CA GLY F 34 -34.53 36.83 -31.56
C GLY F 34 -35.25 36.11 -30.45
N ALA F 35 -36.12 35.15 -30.75
CA ALA F 35 -36.88 34.44 -29.74
C ALA F 35 -36.17 33.14 -29.36
N SER F 36 -36.82 32.33 -28.53
CA SER F 36 -36.25 31.07 -28.07
C SER F 36 -37.30 29.97 -28.22
N VAL F 37 -36.84 28.73 -28.42
CA VAL F 37 -37.69 27.59 -28.73
C VAL F 37 -37.25 26.39 -27.91
N LYS F 38 -38.21 25.51 -27.63
CA LYS F 38 -37.96 24.20 -27.05
C LYS F 38 -38.59 23.12 -27.90
N ILE F 39 -37.89 22.00 -28.08
CA ILE F 39 -38.36 20.86 -28.85
C ILE F 39 -38.25 19.61 -27.98
N SER F 40 -39.29 18.79 -27.97
CA SER F 40 -39.38 17.64 -27.10
C SER F 40 -39.38 16.34 -27.90
N CYS F 41 -38.97 15.26 -27.22
CA CYS F 41 -38.87 13.93 -27.82
C CYS F 41 -39.31 12.91 -26.78
N LYS F 42 -40.24 12.02 -27.15
CA LYS F 42 -40.78 11.02 -26.25
C LYS F 42 -40.41 9.62 -26.71
N ALA F 43 -40.15 8.74 -25.75
CA ALA F 43 -39.68 7.39 -26.02
C ALA F 43 -40.60 6.36 -25.37
N SER F 44 -40.74 5.21 -26.01
CA SER F 44 -41.56 4.13 -25.48
C SER F 44 -41.04 2.80 -26.02
N GLY F 45 -41.34 1.73 -25.29
CA GLY F 45 -40.97 0.40 -25.71
C GLY F 45 -39.66 -0.13 -25.18
N TYR F 46 -39.01 0.58 -24.27
CA TYR F 46 -37.74 0.15 -23.69
C TYR F 46 -37.51 0.90 -22.39
N SER F 47 -36.38 0.61 -21.75
CA SER F 47 -36.02 1.26 -20.49
C SER F 47 -35.32 2.58 -20.77
N PHE F 48 -35.91 3.67 -20.30
CA PHE F 48 -35.49 5.01 -20.73
C PHE F 48 -34.09 5.37 -20.24
N THR F 49 -33.76 5.01 -19.00
CA THR F 49 -32.50 5.45 -18.42
C THR F 49 -31.32 4.60 -18.83
N GLY F 50 -31.51 3.57 -19.64
CA GLY F 50 -30.42 2.71 -20.04
C GLY F 50 -29.69 3.09 -21.31
N TYR F 51 -29.98 4.24 -21.91
CA TYR F 51 -29.38 4.60 -23.19
C TYR F 51 -29.09 6.10 -23.23
N THR F 52 -28.20 6.47 -24.14
CA THR F 52 -27.75 7.85 -24.33
C THR F 52 -28.45 8.46 -25.53
N MET F 53 -28.79 9.74 -25.43
CA MET F 53 -29.60 10.42 -26.45
C MET F 53 -28.76 11.45 -27.20
N ASN F 54 -29.03 11.58 -28.50
CA ASN F 54 -28.28 12.48 -29.38
C ASN F 54 -29.21 13.35 -30.19
N TRP F 55 -28.71 14.54 -30.56
CA TRP F 55 -29.46 15.45 -31.41
C TRP F 55 -28.66 15.79 -32.67
N VAL F 56 -29.36 15.82 -33.82
CA VAL F 56 -28.72 16.02 -35.13
C VAL F 56 -29.48 17.10 -35.88
N LYS F 57 -28.76 17.91 -36.67
CA LYS F 57 -29.34 19.00 -37.46
C LYS F 57 -29.07 18.79 -38.94
N GLN F 58 -30.10 18.95 -39.77
CA GLN F 58 -29.98 18.89 -41.23
C GLN F 58 -30.50 20.19 -41.82
N SER F 59 -29.67 20.85 -42.62
CA SER F 59 -30.04 22.10 -43.27
C SER F 59 -30.27 21.88 -44.76
N HIS F 60 -30.62 22.96 -45.44
CA HIS F 60 -30.82 22.90 -46.89
C HIS F 60 -29.51 22.57 -47.59
N GLY F 61 -29.57 21.65 -48.55
CA GLY F 61 -28.39 21.05 -49.14
C GLY F 61 -28.08 19.67 -48.62
N LYS F 62 -28.91 19.15 -47.70
CA LYS F 62 -28.83 17.78 -47.17
C LYS F 62 -27.52 17.48 -46.44
N ASN F 63 -26.94 18.48 -45.76
CA ASN F 63 -25.79 18.23 -44.91
C ASN F 63 -26.24 17.96 -43.48
N LEU F 64 -25.57 17.04 -42.81
CA LEU F 64 -25.90 16.62 -41.46
C LEU F 64 -24.84 17.09 -40.49
N GLU F 65 -25.27 17.55 -39.32
CA GLU F 65 -24.38 18.08 -38.29
C GLU F 65 -24.77 17.52 -36.94
N TRP F 66 -23.77 17.15 -36.15
CA TRP F 66 -23.99 16.59 -34.82
C TRP F 66 -23.94 17.70 -33.77
N ILE F 67 -24.96 17.76 -32.93
CA ILE F 67 -25.08 18.83 -31.94
C ILE F 67 -24.52 18.38 -30.59
N GLY F 68 -25.11 17.34 -30.00
CA GLY F 68 -24.65 16.91 -28.69
C GLY F 68 -25.40 15.70 -28.19
N LEU F 69 -24.96 15.24 -27.02
CA LEU F 69 -25.48 14.03 -26.40
C LEU F 69 -25.70 14.25 -24.91
N ILE F 70 -26.66 13.48 -24.37
CA ILE F 70 -26.99 13.52 -22.96
C ILE F 70 -27.17 12.09 -22.44
N ASN F 71 -26.62 11.83 -21.25
CA ASN F 71 -26.72 10.56 -20.54
C ASN F 71 -27.61 10.75 -19.32
N PRO F 72 -28.82 10.17 -19.30
CA PRO F 72 -29.76 10.46 -18.21
C PRO F 72 -29.54 9.64 -16.95
N PHE F 73 -28.79 8.53 -17.03
CA PHE F 73 -28.54 7.73 -15.84
C PHE F 73 -27.70 8.50 -14.82
N ILE F 74 -26.67 9.20 -15.30
CA ILE F 74 -25.84 10.02 -14.43
C ILE F 74 -26.11 11.51 -14.59
N GLY F 75 -26.89 11.90 -15.60
CA GLY F 75 -27.12 13.31 -15.86
C GLY F 75 -25.92 14.04 -16.42
N GLY F 76 -25.25 13.46 -17.41
CA GLY F 76 -24.08 14.06 -18.00
C GLY F 76 -24.37 14.55 -19.41
N THR F 77 -23.61 15.55 -19.86
CA THR F 77 -23.82 16.13 -21.17
C THR F 77 -22.50 16.31 -21.89
N ARG F 78 -22.58 16.34 -23.22
CA ARG F 78 -21.43 16.64 -24.05
C ARG F 78 -21.89 17.40 -25.28
N TYR F 79 -21.15 18.44 -25.66
CA TYR F 79 -21.55 19.37 -26.70
C TYR F 79 -20.51 19.45 -27.80
N ASN F 80 -20.97 19.83 -28.99
CA ASN F 80 -20.09 20.26 -30.07
C ASN F 80 -19.71 21.71 -29.84
N GLN F 81 -18.43 22.03 -30.10
CA GLN F 81 -17.92 23.38 -29.82
C GLN F 81 -18.59 24.44 -30.67
N LYS F 82 -19.13 24.04 -31.83
CA LYS F 82 -19.81 25.01 -32.70
C LYS F 82 -21.16 25.43 -32.13
N PHE F 83 -21.85 24.53 -31.42
CA PHE F 83 -23.19 24.78 -30.89
C PHE F 83 -23.18 24.99 -29.38
N LYS F 84 -22.04 25.38 -28.80
CA LYS F 84 -21.91 25.38 -27.35
C LYS F 84 -22.79 26.45 -26.70
N GLY F 85 -22.93 27.62 -27.32
CA GLY F 85 -23.74 28.67 -26.75
C GLY F 85 -25.14 28.77 -27.31
N LYS F 86 -25.49 27.86 -28.23
CA LYS F 86 -26.77 27.94 -28.92
C LYS F 86 -27.83 26.99 -28.37
N ALA F 87 -27.43 25.83 -27.86
CA ALA F 87 -28.37 24.78 -27.48
C ALA F 87 -28.17 24.37 -26.02
N THR F 88 -29.27 23.99 -25.38
CA THR F 88 -29.26 23.48 -24.02
C THR F 88 -30.07 22.18 -23.97
N LEU F 89 -29.49 21.15 -23.37
CA LEU F 89 -30.08 19.82 -23.34
C LEU F 89 -30.61 19.50 -21.95
N THR F 90 -31.78 18.87 -21.88
CA THR F 90 -32.44 18.60 -20.61
C THR F 90 -33.21 17.29 -20.73
N VAL F 91 -33.29 16.55 -19.62
CA VAL F 91 -34.02 15.30 -19.59
C VAL F 91 -35.05 15.36 -18.46
N ASP F 92 -36.12 14.57 -18.60
CA ASP F 92 -37.16 14.47 -17.59
C ASP F 92 -37.54 12.99 -17.49
N LYS F 93 -37.19 12.36 -16.36
CA LYS F 93 -37.34 10.92 -16.21
C LYS F 93 -38.75 10.51 -15.81
N SER F 94 -39.57 11.45 -15.32
CA SER F 94 -40.92 11.09 -14.89
C SER F 94 -41.80 10.71 -16.08
N SER F 95 -41.81 11.53 -17.13
CA SER F 95 -42.58 11.25 -18.33
C SER F 95 -41.74 10.70 -19.46
N ARG F 96 -40.46 10.38 -19.20
CA ARG F 96 -39.54 9.82 -20.21
C ARG F 96 -39.42 10.74 -21.42
N THR F 97 -38.99 11.97 -21.19
CA THR F 97 -38.97 12.99 -22.24
C THR F 97 -37.60 13.65 -22.29
N ALA F 98 -37.20 14.06 -23.49
CA ALA F 98 -35.98 14.84 -23.69
C ALA F 98 -36.34 16.18 -24.32
N TYR F 99 -35.63 17.23 -23.90
CA TYR F 99 -35.86 18.59 -24.37
C TYR F 99 -34.56 19.20 -24.88
N MET F 100 -34.68 19.95 -25.98
CA MET F 100 -33.59 20.77 -26.48
C MET F 100 -34.10 22.19 -26.66
N GLU F 101 -33.35 23.16 -26.12
CA GLU F 101 -33.73 24.56 -26.19
C GLU F 101 -32.71 25.33 -27.04
N LEU F 102 -33.23 26.12 -27.98
CA LEU F 102 -32.44 26.94 -28.88
C LEU F 102 -32.61 28.41 -28.51
N LEU F 103 -31.52 29.16 -28.57
CA LEU F 103 -31.49 30.54 -28.08
C LEU F 103 -30.98 31.50 -29.15
N SER F 104 -31.62 32.66 -29.23
CA SER F 104 -31.20 33.79 -30.08
C SER F 104 -31.11 33.38 -31.55
N LEU F 105 -32.26 33.01 -32.10
CA LEU F 105 -32.32 32.49 -33.46
C LEU F 105 -32.14 33.60 -34.50
N THR F 106 -31.51 33.25 -35.60
CA THR F 106 -31.41 34.06 -36.80
C THR F 106 -32.06 33.30 -37.96
N SER F 107 -31.89 33.83 -39.17
CA SER F 107 -32.55 33.23 -40.33
C SER F 107 -31.92 31.89 -40.73
N GLU F 108 -30.66 31.66 -40.34
CA GLU F 108 -29.97 30.44 -40.75
C GLU F 108 -30.31 29.23 -39.88
N ASP F 109 -31.08 29.42 -38.80
CA ASP F 109 -31.46 28.32 -37.92
C ASP F 109 -32.69 27.56 -38.41
N SER F 110 -33.24 27.92 -39.57
CA SER F 110 -34.37 27.18 -40.13
C SER F 110 -33.86 25.88 -40.74
N ALA F 111 -34.27 24.75 -40.18
CA ALA F 111 -33.69 23.46 -40.55
C ALA F 111 -34.61 22.36 -40.06
N VAL F 112 -34.13 21.11 -40.13
CA VAL F 112 -34.81 19.94 -39.60
C VAL F 112 -33.95 19.37 -38.48
N TYR F 113 -34.59 18.99 -37.38
CA TYR F 113 -33.91 18.49 -36.20
C TYR F 113 -34.35 17.08 -35.90
N TYR F 114 -33.38 16.20 -35.65
CA TYR F 114 -33.58 14.76 -35.48
C TYR F 114 -33.16 14.35 -34.08
N CYS F 115 -33.96 13.47 -33.49
CA CYS F 115 -33.75 12.92 -32.15
C CYS F 115 -33.37 11.44 -32.29
N ALA F 116 -32.22 11.04 -31.76
CA ALA F 116 -31.70 9.71 -32.04
C ALA F 116 -31.20 9.03 -30.77
N ARG F 117 -31.22 7.70 -30.81
CA ARG F 117 -30.70 6.84 -29.76
C ARG F 117 -29.39 6.20 -30.19
N GLU F 118 -28.52 5.94 -29.23
CA GLU F 118 -27.16 5.48 -29.50
C GLU F 118 -27.00 4.02 -29.06
N ALA F 119 -26.19 3.28 -29.80
CA ALA F 119 -25.86 1.91 -29.45
C ALA F 119 -24.97 1.88 -28.22
N ASP F 120 -24.91 0.71 -27.58
CA ASP F 120 -24.20 0.58 -26.30
C ASP F 120 -22.70 0.77 -26.47
N TYR F 121 -22.09 0.04 -27.40
CA TYR F 121 -20.62 0.02 -27.50
C TYR F 121 -20.08 0.97 -28.57
N ASP F 122 -20.41 0.75 -29.83
CA ASP F 122 -19.83 1.56 -30.88
C ASP F 122 -20.72 2.77 -31.15
N TRP F 123 -20.10 3.83 -31.65
CA TRP F 123 -20.78 5.12 -31.77
C TRP F 123 -21.59 5.14 -33.07
N TYR F 124 -22.72 4.43 -33.04
CA TYR F 124 -23.67 4.45 -34.15
C TYR F 124 -25.07 4.55 -33.60
N PHE F 125 -25.98 5.10 -34.41
CA PHE F 125 -27.37 5.29 -34.02
C PHE F 125 -28.25 4.26 -34.71
N ASP F 126 -29.07 3.57 -33.93
CA ASP F 126 -29.90 2.51 -34.45
C ASP F 126 -31.37 2.88 -34.59
N VAL F 127 -31.88 3.81 -33.78
CA VAL F 127 -33.27 4.24 -33.84
C VAL F 127 -33.30 5.75 -34.03
N TRP F 128 -34.10 6.22 -34.98
CA TRP F 128 -34.22 7.63 -35.30
C TRP F 128 -35.66 8.10 -35.13
N GLY F 129 -35.81 9.40 -34.88
CA GLY F 129 -37.12 10.03 -34.85
C GLY F 129 -37.54 10.53 -36.22
N ALA F 130 -38.76 11.08 -36.27
CA ALA F 130 -39.33 11.52 -37.53
C ALA F 130 -38.76 12.85 -37.99
N GLY F 131 -38.41 13.75 -37.07
CA GLY F 131 -37.85 15.04 -37.42
C GLY F 131 -38.83 16.17 -37.21
N THR F 132 -38.29 17.33 -36.83
CA THR F 132 -39.09 18.53 -36.60
C THR F 132 -38.49 19.69 -37.38
N THR F 133 -39.31 20.38 -38.17
CA THR F 133 -38.85 21.50 -38.97
C THR F 133 -39.09 22.81 -38.24
N VAL F 134 -38.08 23.68 -38.27
CA VAL F 134 -38.13 24.98 -37.60
C VAL F 134 -37.84 26.06 -38.64
N THR F 135 -38.73 27.05 -38.72
CA THR F 135 -38.59 28.17 -39.65
C THR F 135 -38.59 29.48 -38.86
N VAL F 136 -37.60 30.33 -39.15
CA VAL F 136 -37.44 31.60 -38.47
C VAL F 136 -37.67 32.71 -39.49
N SER F 137 -38.62 33.58 -39.21
CA SER F 137 -38.95 34.68 -40.10
C SER F 137 -39.65 35.81 -39.36
N ASP G 20 -13.01 17.90 -37.41
CA ASP G 20 -11.60 17.60 -37.51
C ASP G 20 -11.33 16.65 -38.68
N ILE G 21 -12.05 15.54 -38.72
CA ILE G 21 -11.91 14.56 -39.79
C ILE G 21 -12.98 14.83 -40.84
N GLN G 22 -12.56 14.94 -42.09
CA GLN G 22 -13.46 15.27 -43.19
C GLN G 22 -13.79 14.01 -44.00
N MET G 23 -15.07 13.84 -44.31
CA MET G 23 -15.55 12.70 -45.09
C MET G 23 -16.08 13.22 -46.41
N THR G 24 -15.59 12.65 -47.51
CA THR G 24 -15.94 13.12 -48.85
C THR G 24 -16.46 11.97 -49.69
N GLN G 25 -17.64 12.15 -50.27
CA GLN G 25 -18.19 11.26 -51.28
C GLN G 25 -18.15 12.00 -52.61
N THR G 26 -17.34 11.51 -53.54
CA THR G 26 -17.09 12.24 -54.78
C THR G 26 -18.35 12.30 -55.65
N THR G 27 -19.01 11.17 -55.85
CA THR G 27 -20.18 11.10 -56.71
C THR G 27 -21.43 11.45 -55.93
N SER G 28 -22.20 12.41 -56.44
CA SER G 28 -23.44 12.83 -55.80
C SER G 28 -24.68 12.19 -56.41
N SER G 29 -24.68 11.92 -57.70
CA SER G 29 -25.80 11.30 -58.38
C SER G 29 -25.31 10.15 -59.26
N LEU G 30 -26.04 9.05 -59.24
CA LEU G 30 -25.67 7.85 -59.98
C LEU G 30 -26.91 7.28 -60.66
N SER G 31 -26.71 6.75 -61.87
CA SER G 31 -27.79 6.18 -62.66
C SER G 31 -27.59 4.68 -62.78
N ALA G 32 -28.66 3.92 -62.57
CA ALA G 32 -28.59 2.46 -62.61
C ALA G 32 -29.90 1.89 -63.11
N SER G 33 -29.83 0.65 -63.59
CA SER G 33 -30.99 -0.07 -64.11
C SER G 33 -31.37 -1.19 -63.14
N LEU G 34 -32.57 -1.73 -63.34
CA LEU G 34 -33.06 -2.80 -62.49
C LEU G 34 -32.21 -4.05 -62.66
N GLY G 35 -31.84 -4.67 -61.55
CA GLY G 35 -31.03 -5.87 -61.59
C GLY G 35 -29.56 -5.67 -61.79
N ASP G 36 -29.06 -4.44 -61.67
CA ASP G 36 -27.66 -4.13 -61.90
C ASP G 36 -26.93 -4.08 -60.55
N ARG G 37 -25.61 -3.97 -60.60
CA ARG G 37 -24.75 -3.89 -59.42
C ARG G 37 -24.25 -2.47 -59.27
N VAL G 38 -24.40 -1.92 -58.06
CA VAL G 38 -24.03 -0.53 -57.79
C VAL G 38 -23.01 -0.50 -56.65
N THR G 39 -22.06 0.43 -56.74
CA THR G 39 -21.02 0.61 -55.73
C THR G 39 -20.88 2.09 -55.40
N ILE G 40 -20.83 2.41 -54.11
CA ILE G 40 -20.67 3.77 -53.62
C ILE G 40 -19.43 3.83 -52.74
N SER G 41 -18.58 4.82 -52.97
CA SER G 41 -17.30 4.94 -52.29
C SER G 41 -17.33 6.08 -51.28
N CYS G 42 -16.52 5.94 -50.23
CA CYS G 42 -16.40 6.95 -49.18
C CYS G 42 -14.94 7.02 -48.73
N ARG G 43 -14.42 8.25 -48.65
CA ARG G 43 -13.03 8.50 -48.31
C ARG G 43 -12.93 9.31 -47.03
N ALA G 44 -11.76 9.20 -46.38
CA ALA G 44 -11.48 9.92 -45.15
C ALA G 44 -10.09 10.53 -45.24
N SER G 45 -9.88 11.60 -44.46
CA SER G 45 -8.59 12.28 -44.47
C SER G 45 -7.59 11.68 -43.48
N GLN G 46 -8.04 10.78 -42.61
CA GLN G 46 -7.17 10.14 -41.64
C GLN G 46 -7.58 8.67 -41.51
N ASP G 47 -6.71 7.89 -40.87
CA ASP G 47 -7.03 6.51 -40.56
C ASP G 47 -8.08 6.46 -39.45
N ILE G 48 -9.16 5.72 -39.68
CA ILE G 48 -10.26 5.65 -38.72
C ILE G 48 -10.43 4.26 -38.14
N SER G 49 -9.63 3.28 -38.58
CA SER G 49 -9.57 1.94 -37.99
C SER G 49 -10.94 1.23 -38.03
N ASN G 50 -11.53 1.19 -39.22
CA ASN G 50 -12.75 0.44 -39.53
C ASN G 50 -13.96 0.91 -38.74
N TYR G 51 -13.97 2.17 -38.28
CA TYR G 51 -15.12 2.72 -37.56
C TYR G 51 -15.99 3.54 -38.52
N LEU G 52 -16.58 2.84 -39.48
CA LEU G 52 -17.44 3.47 -40.47
C LEU G 52 -18.81 2.82 -40.48
N HIS G 53 -19.86 3.65 -40.59
CA HIS G 53 -21.23 3.18 -40.62
C HIS G 53 -21.95 3.80 -41.81
N TRP G 54 -22.99 3.12 -42.28
CA TRP G 54 -23.76 3.52 -43.45
C TRP G 54 -25.22 3.72 -43.10
N TYR G 55 -25.82 4.78 -43.63
CA TYR G 55 -27.22 5.12 -43.37
C TYR G 55 -27.95 5.39 -44.67
N GLN G 56 -29.26 5.13 -44.65
CA GLN G 56 -30.14 5.30 -45.80
C GLN G 56 -31.29 6.22 -45.44
N GLN G 57 -31.53 7.23 -46.27
CA GLN G 57 -32.62 8.18 -46.09
C GLN G 57 -33.62 8.04 -47.23
N LYS G 58 -34.88 7.78 -46.88
CA LYS G 58 -35.96 7.59 -47.83
C LYS G 58 -36.50 8.94 -48.32
N PRO G 59 -37.18 8.95 -49.46
CA PRO G 59 -37.77 10.22 -49.95
C PRO G 59 -38.75 10.87 -48.99
N ASP G 60 -39.47 10.08 -48.18
CA ASP G 60 -40.42 10.63 -47.24
C ASP G 60 -39.76 11.21 -45.98
N GLY G 61 -38.49 10.90 -45.76
CA GLY G 61 -37.74 11.52 -44.66
C GLY G 61 -37.30 10.61 -43.53
N THR G 62 -37.48 9.30 -43.65
CA THR G 62 -37.06 8.38 -42.61
C THR G 62 -35.62 7.92 -42.84
N VAL G 63 -34.92 7.65 -41.75
CA VAL G 63 -33.51 7.26 -41.77
C VAL G 63 -33.38 5.89 -41.12
N ASN G 64 -32.61 5.01 -41.76
CA ASN G 64 -32.39 3.65 -41.27
C ASN G 64 -30.90 3.32 -41.32
N LEU G 65 -30.48 2.45 -40.41
CA LEU G 65 -29.10 1.96 -40.37
C LEU G 65 -28.98 0.66 -41.15
N LEU G 66 -27.92 0.55 -41.95
CA LEU G 66 -27.69 -0.63 -42.78
C LEU G 66 -26.46 -1.42 -42.33
N ILE G 67 -25.29 -0.78 -42.29
CA ILE G 67 -24.03 -1.46 -42.02
C ILE G 67 -23.30 -0.70 -40.93
N PHE G 68 -22.81 -1.43 -39.93
CA PHE G 68 -21.97 -0.85 -38.89
C PHE G 68 -20.68 -1.67 -38.76
N TYR G 69 -19.61 -0.99 -38.36
CA TYR G 69 -18.27 -1.57 -38.25
C TYR G 69 -17.81 -2.19 -39.57
N THR G 70 -18.23 -1.58 -40.69
CA THR G 70 -17.71 -1.78 -42.04
C THR G 70 -18.10 -3.11 -42.66
N SER G 71 -18.60 -4.08 -41.88
CA SER G 71 -18.96 -5.36 -42.48
C SER G 71 -20.16 -6.05 -41.85
N ARG G 72 -20.82 -5.47 -40.85
CA ARG G 72 -21.82 -6.18 -40.08
C ARG G 72 -23.22 -5.72 -40.46
N LEU G 73 -24.10 -6.68 -40.72
CA LEU G 73 -25.47 -6.38 -41.13
C LEU G 73 -26.34 -6.13 -39.91
N HIS G 74 -27.09 -5.04 -39.95
CA HIS G 74 -28.04 -4.76 -38.88
C HIS G 74 -29.21 -5.74 -38.94
N SER G 75 -29.87 -5.93 -37.81
CA SER G 75 -30.96 -6.89 -37.72
C SER G 75 -32.14 -6.47 -38.60
N GLY G 76 -32.63 -7.41 -39.40
CA GLY G 76 -33.74 -7.17 -40.30
C GLY G 76 -33.35 -6.67 -41.68
N VAL G 77 -32.09 -6.32 -41.90
CA VAL G 77 -31.65 -5.81 -43.20
C VAL G 77 -31.47 -7.00 -44.15
N PRO G 78 -31.96 -6.92 -45.39
CA PRO G 78 -31.72 -8.01 -46.35
C PRO G 78 -30.24 -8.16 -46.66
N SER G 79 -29.85 -9.39 -47.03
CA SER G 79 -28.47 -9.70 -47.37
C SER G 79 -28.04 -9.14 -48.72
N ARG G 80 -28.86 -8.29 -49.34
CA ARG G 80 -28.52 -7.70 -50.62
C ARG G 80 -27.35 -6.72 -50.51
N PHE G 81 -27.21 -6.08 -49.35
CA PHE G 81 -26.17 -5.06 -49.16
C PHE G 81 -24.90 -5.69 -48.60
N SER G 82 -23.76 -5.11 -48.95
CA SER G 82 -22.49 -5.53 -48.38
C SER G 82 -21.55 -4.33 -48.29
N GLY G 83 -20.55 -4.44 -47.44
CA GLY G 83 -19.62 -3.36 -47.23
C GLY G 83 -18.20 -3.89 -47.08
N SER G 84 -17.24 -3.07 -47.51
CA SER G 84 -15.85 -3.46 -47.44
C SER G 84 -14.98 -2.20 -47.40
N GLY G 85 -13.68 -2.41 -47.27
CA GLY G 85 -12.72 -1.32 -47.32
C GLY G 85 -11.80 -1.34 -46.12
N SER G 86 -10.77 -0.49 -46.18
CA SER G 86 -9.80 -0.38 -45.09
C SER G 86 -9.01 0.91 -45.27
N GLY G 87 -8.15 1.17 -44.29
CA GLY G 87 -7.29 2.33 -44.33
C GLY G 87 -8.07 3.64 -44.33
N THR G 88 -8.10 4.30 -45.48
CA THR G 88 -8.88 5.52 -45.66
C THR G 88 -9.92 5.40 -46.77
N ASP G 89 -10.11 4.22 -47.35
CA ASP G 89 -11.03 4.03 -48.46
C ASP G 89 -12.03 2.92 -48.13
N TYR G 90 -13.32 3.21 -48.28
CA TYR G 90 -14.35 2.24 -47.96
C TYR G 90 -15.41 2.25 -49.06
N SER G 91 -16.15 1.15 -49.18
CA SER G 91 -17.12 1.02 -50.24
C SER G 91 -18.33 0.22 -49.76
N LEU G 92 -19.48 0.54 -50.36
CA LEU G 92 -20.74 -0.15 -50.13
C LEU G 92 -21.26 -0.66 -51.46
N THR G 93 -21.68 -1.92 -51.49
CA THR G 93 -22.08 -2.58 -52.72
C THR G 93 -23.49 -3.13 -52.57
N ILE G 94 -24.34 -2.83 -53.55
CA ILE G 94 -25.70 -3.35 -53.60
C ILE G 94 -25.89 -4.10 -54.91
N SER G 95 -26.40 -5.33 -54.80
CA SER G 95 -26.56 -6.24 -55.94
C SER G 95 -28.03 -6.29 -56.36
N ASN G 96 -28.24 -6.43 -57.67
CA ASN G 96 -29.55 -6.63 -58.29
C ASN G 96 -30.67 -5.74 -57.73
N LEU G 97 -30.35 -4.46 -57.53
CA LEU G 97 -31.22 -3.54 -56.81
C LEU G 97 -32.61 -3.46 -57.42
N GLU G 98 -33.61 -3.24 -56.57
CA GLU G 98 -35.00 -3.23 -56.94
C GLU G 98 -35.61 -1.86 -56.64
N GLN G 99 -36.94 -1.77 -56.72
CA GLN G 99 -37.63 -0.48 -56.78
C GLN G 99 -37.44 0.33 -55.49
N GLU G 100 -37.51 -0.32 -54.33
CA GLU G 100 -37.44 0.42 -53.08
C GLU G 100 -36.00 0.74 -52.65
N ASP G 101 -35.03 0.60 -53.54
CA ASP G 101 -33.64 0.92 -53.25
C ASP G 101 -33.25 2.31 -53.70
N ILE G 102 -34.19 3.12 -54.15
CA ILE G 102 -33.93 4.50 -54.58
C ILE G 102 -34.04 5.39 -53.34
N ALA G 103 -32.90 5.89 -52.88
CA ALA G 103 -32.82 6.65 -51.64
C ALA G 103 -31.52 7.44 -51.64
N THR G 104 -31.16 7.99 -50.48
CA THR G 104 -29.89 8.69 -50.30
C THR G 104 -29.03 7.92 -49.30
N TYR G 105 -27.72 7.89 -49.52
CA TYR G 105 -26.82 7.08 -48.71
C TYR G 105 -25.71 7.95 -48.10
N PHE G 106 -25.47 7.74 -46.80
CA PHE G 106 -24.52 8.53 -46.05
C PHE G 106 -23.52 7.62 -45.34
N CYS G 107 -22.27 8.08 -45.26
CA CYS G 107 -21.22 7.39 -44.52
C CYS G 107 -20.79 8.25 -43.33
N GLN G 108 -20.65 7.62 -42.16
CA GLN G 108 -20.33 8.31 -40.91
C GLN G 108 -19.14 7.65 -40.23
N GLN G 109 -18.25 8.47 -39.67
CA GLN G 109 -17.12 7.97 -38.91
C GLN G 109 -17.38 8.10 -37.41
N GLY G 110 -16.78 7.19 -36.65
CA GLY G 110 -16.99 7.15 -35.21
C GLY G 110 -15.71 6.95 -34.40
N ASN G 111 -14.60 7.53 -34.86
CA ASN G 111 -13.32 7.34 -34.21
C ASN G 111 -12.93 8.49 -33.29
N THR G 112 -13.34 9.72 -33.57
CA THR G 112 -12.91 10.87 -32.80
C THR G 112 -14.04 11.88 -32.72
N LEU G 113 -14.21 12.47 -31.53
CA LEU G 113 -15.17 13.56 -31.38
C LEU G 113 -14.65 14.83 -32.04
N PRO G 114 -15.51 15.63 -32.69
CA PRO G 114 -16.96 15.42 -32.89
C PRO G 114 -17.26 14.46 -34.04
N ARG G 115 -18.41 13.81 -34.02
CA ARG G 115 -18.79 12.89 -35.09
C ARG G 115 -19.18 13.67 -36.34
N THR G 116 -18.76 13.18 -37.50
CA THR G 116 -18.97 13.86 -38.76
C THR G 116 -19.62 12.91 -39.76
N PHE G 117 -20.39 13.49 -40.69
CA PHE G 117 -21.11 12.75 -41.71
C PHE G 117 -20.56 13.10 -43.08
N GLY G 118 -20.99 12.33 -44.09
CA GLY G 118 -20.59 12.58 -45.46
C GLY G 118 -21.62 13.40 -46.22
N GLY G 119 -21.26 13.72 -47.46
CA GLY G 119 -22.13 14.56 -48.29
C GLY G 119 -23.42 13.91 -48.71
N GLY G 120 -23.37 12.64 -49.08
CA GLY G 120 -24.55 11.94 -49.54
C GLY G 120 -24.52 11.70 -51.05
N THR G 121 -25.07 10.56 -51.45
CA THR G 121 -25.12 10.16 -52.85
C THR G 121 -26.53 9.68 -53.17
N LYS G 122 -27.09 10.20 -54.26
CA LYS G 122 -28.48 9.91 -54.64
C LYS G 122 -28.51 8.98 -55.83
N LEU G 123 -29.33 7.94 -55.75
CA LEU G 123 -29.53 6.99 -56.84
C LEU G 123 -30.79 7.32 -57.62
N GLU G 124 -30.83 6.89 -58.88
CA GLU G 124 -31.97 7.13 -59.74
C GLU G 124 -31.98 6.12 -60.87
N ILE G 125 -33.16 5.88 -61.41
CA ILE G 125 -33.36 4.90 -62.48
C ILE G 125 -33.22 5.54 -63.85
N GLU H 20 8.44 -38.41 33.51
CA GLU H 20 8.34 -39.36 32.41
C GLU H 20 7.02 -39.20 31.67
N VAL H 21 7.09 -39.15 30.34
CA VAL H 21 5.91 -39.03 29.50
C VAL H 21 5.40 -40.43 29.16
N GLN H 22 4.10 -40.63 29.29
CA GLN H 22 3.50 -41.93 29.01
C GLN H 22 2.05 -41.74 28.57
N LEU H 23 1.55 -42.74 27.85
CA LEU H 23 0.18 -42.76 27.35
C LEU H 23 -0.50 -44.02 27.84
N GLN H 24 -1.69 -43.88 28.39
CA GLN H 24 -2.45 -45.00 28.95
C GLN H 24 -3.72 -45.23 28.13
N GLN H 25 -3.93 -46.47 27.71
CA GLN H 25 -5.07 -46.83 26.89
C GLN H 25 -6.04 -47.70 27.67
N SER H 26 -7.23 -47.89 27.09
CA SER H 26 -8.28 -48.66 27.73
C SER H 26 -8.13 -50.15 27.40
N GLY H 27 -9.04 -50.96 27.93
CA GLY H 27 -8.94 -52.40 27.85
C GLY H 27 -9.46 -52.99 26.55
N PRO H 28 -9.40 -54.32 26.43
CA PRO H 28 -9.88 -54.98 25.22
C PRO H 28 -11.39 -54.85 25.06
N GLU H 29 -11.84 -54.97 23.81
CA GLU H 29 -13.25 -54.74 23.51
C GLU H 29 -13.80 -55.81 22.57
N LEU H 30 -15.02 -56.25 22.85
CA LEU H 30 -15.75 -57.20 22.01
C LEU H 30 -17.06 -56.54 21.59
N VAL H 31 -17.30 -56.48 20.28
CA VAL H 31 -18.43 -55.75 19.73
C VAL H 31 -19.23 -56.67 18.82
N LYS H 32 -20.56 -56.62 18.95
CA LYS H 32 -21.43 -57.29 18.01
C LYS H 32 -21.38 -56.58 16.66
N PRO H 33 -21.55 -57.32 15.55
CA PRO H 33 -21.50 -56.69 14.23
C PRO H 33 -22.59 -55.65 14.05
N GLY H 34 -22.26 -54.56 13.36
CA GLY H 34 -23.19 -53.48 13.12
C GLY H 34 -23.28 -52.43 14.20
N ALA H 35 -22.50 -52.54 15.26
CA ALA H 35 -22.54 -51.61 16.37
C ALA H 35 -21.37 -50.62 16.28
N SER H 36 -21.20 -49.80 17.31
CA SER H 36 -20.16 -48.79 17.37
C SER H 36 -19.49 -48.85 18.73
N VAL H 37 -18.27 -48.29 18.80
CA VAL H 37 -17.46 -48.36 20.02
C VAL H 37 -16.51 -47.16 20.04
N LYS H 38 -16.18 -46.72 21.26
CA LYS H 38 -15.30 -45.58 21.48
C LYS H 38 -14.11 -45.99 22.33
N ILE H 39 -12.92 -45.53 21.93
CA ILE H 39 -11.66 -45.88 22.58
C ILE H 39 -10.97 -44.62 23.06
N SER H 40 -10.43 -44.67 24.28
CA SER H 40 -9.87 -43.50 24.94
C SER H 40 -8.37 -43.68 25.15
N CYS H 41 -7.67 -42.55 25.20
CA CYS H 41 -6.22 -42.51 25.39
C CYS H 41 -5.90 -41.31 26.28
N LYS H 42 -5.21 -41.54 27.40
CA LYS H 42 -4.92 -40.51 28.37
C LYS H 42 -3.42 -40.23 28.47
N ALA H 43 -3.08 -38.96 28.70
CA ALA H 43 -1.70 -38.50 28.68
C ALA H 43 -1.35 -37.83 30.00
N SER H 44 -0.09 -37.97 30.41
CA SER H 44 0.41 -37.34 31.63
C SER H 44 1.91 -37.14 31.52
N GLY H 45 2.41 -36.14 32.25
CA GLY H 45 3.83 -35.85 32.29
C GLY H 45 4.29 -34.72 31.40
N TYR H 46 3.38 -34.01 30.74
CA TYR H 46 3.74 -32.91 29.86
C TYR H 46 2.50 -32.04 29.65
N SER H 47 2.66 -31.01 28.82
CA SER H 47 1.56 -30.09 28.53
C SER H 47 0.71 -30.64 27.39
N PHE H 48 -0.56 -30.90 27.68
CA PHE H 48 -1.41 -31.64 26.75
C PHE H 48 -1.65 -30.87 25.46
N THR H 49 -1.87 -29.56 25.54
CA THR H 49 -2.26 -28.78 24.37
C THR H 49 -1.09 -28.43 23.46
N GLY H 50 0.14 -28.79 23.81
CA GLY H 50 1.29 -28.45 23.00
C GLY H 50 1.69 -29.45 21.94
N TYR H 51 0.94 -30.53 21.75
CA TYR H 51 1.35 -31.59 20.83
C TYR H 51 0.13 -32.14 20.10
N THR H 52 0.39 -32.81 18.98
CA THR H 52 -0.62 -33.36 18.08
C THR H 52 -0.70 -34.87 18.26
N MET H 53 -1.92 -35.42 18.22
CA MET H 53 -2.14 -36.84 18.43
C MET H 53 -2.44 -37.55 17.12
N ASN H 54 -1.96 -38.79 17.00
CA ASN H 54 -2.18 -39.62 15.82
C ASN H 54 -2.72 -40.98 16.23
N TRP H 55 -3.48 -41.60 15.32
CA TRP H 55 -4.02 -42.94 15.55
C TRP H 55 -3.53 -43.91 14.48
N VAL H 56 -3.13 -45.11 14.90
CA VAL H 56 -2.53 -46.11 14.02
C VAL H 56 -3.23 -47.45 14.23
N LYS H 57 -3.44 -48.19 13.14
CA LYS H 57 -4.11 -49.48 13.17
C LYS H 57 -3.19 -50.59 12.67
N GLN H 58 -3.06 -51.66 13.45
CA GLN H 58 -2.31 -52.85 13.06
C GLN H 58 -3.25 -54.03 12.92
N SER H 59 -3.19 -54.69 11.77
CA SER H 59 -4.04 -55.83 11.47
C SER H 59 -3.28 -57.14 11.67
N HIS H 60 -3.94 -58.25 11.33
CA HIS H 60 -3.33 -59.57 11.52
C HIS H 60 -2.22 -59.84 10.52
N GLY H 61 -2.16 -59.10 9.43
CA GLY H 61 -1.07 -59.20 8.48
C GLY H 61 0.19 -58.45 8.88
N LYS H 62 0.17 -57.81 10.05
CA LYS H 62 1.26 -57.07 10.67
C LYS H 62 1.63 -55.79 9.93
N ASN H 63 0.85 -55.38 8.93
CA ASN H 63 1.07 -54.09 8.30
C ASN H 63 0.39 -52.99 9.10
N LEU H 64 1.04 -51.82 9.13
CA LEU H 64 0.57 -50.68 9.90
C LEU H 64 -0.10 -49.66 8.97
N GLU H 65 -1.19 -49.06 9.44
CA GLU H 65 -1.95 -48.10 8.67
C GLU H 65 -2.18 -46.84 9.50
N TRP H 66 -2.04 -45.69 8.84
CA TRP H 66 -2.27 -44.39 9.49
C TRP H 66 -3.71 -43.97 9.30
N ILE H 67 -4.36 -43.60 10.39
CA ILE H 67 -5.77 -43.23 10.36
C ILE H 67 -5.93 -41.71 10.26
N GLY H 68 -5.44 -40.99 11.26
CA GLY H 68 -5.60 -39.55 11.24
C GLY H 68 -4.95 -38.89 12.43
N LEU H 69 -5.03 -37.55 12.43
CA LEU H 69 -4.39 -36.72 13.43
C LEU H 69 -5.35 -35.64 13.91
N ILE H 70 -5.15 -35.21 15.15
CA ILE H 70 -5.94 -34.15 15.76
C ILE H 70 -5.01 -33.20 16.53
N ASN H 71 -5.28 -31.90 16.41
CA ASN H 71 -4.51 -30.83 17.04
C ASN H 71 -5.37 -30.17 18.12
N PRO H 72 -5.10 -30.41 19.41
CA PRO H 72 -5.99 -29.88 20.46
C PRO H 72 -5.86 -28.40 20.71
N PHE H 73 -4.80 -27.74 20.24
CA PHE H 73 -4.64 -26.31 20.49
C PHE H 73 -5.65 -25.49 19.71
N ILE H 74 -5.81 -25.79 18.42
CA ILE H 74 -6.75 -25.05 17.57
C ILE H 74 -8.04 -25.83 17.30
N GLY H 75 -8.04 -27.14 17.47
CA GLY H 75 -9.22 -27.93 17.19
C GLY H 75 -9.37 -28.34 15.75
N GLY H 76 -8.27 -28.75 15.10
CA GLY H 76 -8.29 -29.17 13.72
C GLY H 76 -7.99 -30.66 13.58
N THR H 77 -8.54 -31.27 12.54
CA THR H 77 -8.38 -32.69 12.30
C THR H 77 -7.97 -32.93 10.86
N ARG H 78 -7.26 -34.03 10.65
CA ARG H 78 -6.91 -34.47 9.31
C ARG H 78 -7.07 -35.99 9.22
N TYR H 79 -7.69 -36.45 8.13
CA TYR H 79 -8.08 -37.85 7.98
C TYR H 79 -7.42 -38.46 6.76
N ASN H 80 -7.24 -39.79 6.83
CA ASN H 80 -6.92 -40.58 5.65
C ASN H 80 -8.20 -40.84 4.87
N GLN H 81 -8.09 -40.81 3.54
CA GLN H 81 -9.27 -40.98 2.70
C GLN H 81 -9.90 -42.37 2.82
N LYS H 82 -9.12 -43.36 3.23
CA LYS H 82 -9.68 -44.69 3.42
C LYS H 82 -10.63 -44.75 4.61
N PHE H 83 -10.33 -44.02 5.68
CA PHE H 83 -11.13 -44.05 6.90
C PHE H 83 -11.95 -42.78 7.08
N LYS H 84 -12.34 -42.15 5.97
CA LYS H 84 -13.00 -40.85 6.04
C LYS H 84 -14.36 -40.94 6.73
N GLY H 85 -15.12 -41.98 6.44
CA GLY H 85 -16.42 -42.18 7.04
C GLY H 85 -16.49 -43.19 8.17
N LYS H 86 -15.35 -43.72 8.61
CA LYS H 86 -15.35 -44.79 9.61
C LYS H 86 -15.03 -44.29 11.01
N ALA H 87 -14.13 -43.31 11.15
CA ALA H 87 -13.62 -42.90 12.45
C ALA H 87 -13.92 -41.43 12.71
N THR H 88 -14.16 -41.12 13.97
CA THR H 88 -14.36 -39.74 14.43
C THR H 88 -13.44 -39.47 15.61
N LEU H 89 -12.70 -38.36 15.54
CA LEU H 89 -11.67 -38.03 16.52
C LEU H 89 -12.12 -36.83 17.35
N THR H 90 -11.97 -36.93 18.67
CA THR H 90 -12.30 -35.82 19.56
C THR H 90 -11.27 -35.73 20.69
N VAL H 91 -11.25 -34.57 21.35
CA VAL H 91 -10.41 -34.35 22.52
C VAL H 91 -11.25 -33.77 23.65
N ASP H 92 -10.72 -33.89 24.86
CA ASP H 92 -11.33 -33.33 26.06
C ASP H 92 -10.14 -32.77 26.85
N LYS H 93 -10.06 -31.44 26.91
CA LYS H 93 -8.90 -30.76 27.49
C LYS H 93 -8.95 -30.72 29.02
N SER H 94 -10.12 -30.89 29.63
CA SER H 94 -10.21 -30.83 31.09
C SER H 94 -9.54 -32.04 31.73
N SER H 95 -9.84 -33.24 31.24
CA SER H 95 -9.23 -34.46 31.73
C SER H 95 -8.05 -34.92 30.88
N ARG H 96 -7.68 -34.15 29.84
CA ARG H 96 -6.56 -34.47 28.95
C ARG H 96 -6.72 -35.86 28.33
N THR H 97 -7.82 -36.06 27.60
CA THR H 97 -8.14 -37.37 27.06
C THR H 97 -8.53 -37.26 25.60
N ALA H 98 -8.03 -38.17 24.77
CA ALA H 98 -8.41 -38.24 23.37
C ALA H 98 -9.33 -39.44 23.13
N TYR H 99 -10.33 -39.26 22.27
CA TYR H 99 -11.30 -40.30 21.96
C TYR H 99 -11.34 -40.55 20.46
N MET H 100 -11.48 -41.82 20.10
CA MET H 100 -11.74 -42.24 18.73
C MET H 100 -12.97 -43.12 18.71
N GLU H 101 -13.94 -42.78 17.86
CA GLU H 101 -15.17 -43.54 17.72
C GLU H 101 -15.20 -44.22 16.36
N LEU H 102 -15.52 -45.52 16.37
CA LEU H 102 -15.59 -46.33 15.15
C LEU H 102 -17.03 -46.72 14.89
N LEU H 103 -17.46 -46.65 13.63
CA LEU H 103 -18.86 -46.79 13.26
C LEU H 103 -19.05 -47.92 12.25
N SER H 104 -20.13 -48.68 12.44
CA SER H 104 -20.57 -49.74 11.52
C SER H 104 -19.48 -50.80 11.32
N LEU H 105 -19.13 -51.45 12.43
CA LEU H 105 -18.03 -52.41 12.42
C LEU H 105 -18.45 -53.72 11.76
N THR H 106 -17.52 -54.31 11.01
CA THR H 106 -17.67 -55.62 10.40
C THR H 106 -16.60 -56.56 10.97
N SER H 107 -16.50 -57.75 10.38
CA SER H 107 -15.58 -58.75 10.89
C SER H 107 -14.12 -58.38 10.66
N GLU H 108 -13.84 -57.56 9.65
CA GLU H 108 -12.47 -57.19 9.33
C GLU H 108 -11.95 -56.03 10.17
N ASP H 109 -12.78 -55.47 11.05
CA ASP H 109 -12.37 -54.38 11.92
C ASP H 109 -11.67 -54.85 13.19
N SER H 110 -11.53 -56.16 13.39
CA SER H 110 -10.83 -56.69 14.56
C SER H 110 -9.33 -56.49 14.38
N ALA H 111 -8.72 -55.71 15.26
CA ALA H 111 -7.33 -55.29 15.06
C ALA H 111 -6.81 -54.72 16.37
N VAL H 112 -5.61 -54.12 16.31
CA VAL H 112 -4.98 -53.44 17.44
C VAL H 112 -4.85 -51.97 17.07
N TYR H 113 -5.11 -51.10 18.04
CA TYR H 113 -5.12 -49.66 17.82
C TYR H 113 -4.16 -48.97 18.78
N TYR H 114 -3.38 -48.02 18.23
CA TYR H 114 -2.36 -47.28 18.98
C TYR H 114 -2.64 -45.79 18.89
N CYS H 115 -2.44 -45.09 20.02
CA CYS H 115 -2.39 -43.64 20.05
C CYS H 115 -0.95 -43.19 20.22
N ALA H 116 -0.51 -42.25 19.40
CA ALA H 116 0.88 -41.83 19.39
C ALA H 116 0.99 -40.31 19.40
N ARG H 117 2.12 -39.83 19.91
CA ARG H 117 2.42 -38.40 19.98
C ARG H 117 3.45 -38.03 18.92
N GLU H 118 3.21 -36.92 18.23
CA GLU H 118 4.05 -36.49 17.13
C GLU H 118 5.12 -35.52 17.59
N ALA H 119 6.20 -35.44 16.81
CA ALA H 119 7.30 -34.53 17.11
C ALA H 119 6.91 -33.10 16.76
N ASP H 120 7.90 -32.20 16.81
CA ASP H 120 7.63 -30.78 16.60
C ASP H 120 7.84 -30.34 15.16
N TYR H 121 8.92 -30.79 14.51
CA TYR H 121 9.30 -30.24 13.22
C TYR H 121 9.37 -31.25 12.08
N ASP H 122 9.36 -32.55 12.37
CA ASP H 122 9.32 -33.55 11.31
C ASP H 122 8.30 -34.61 11.68
N TRP H 123 7.78 -35.29 10.66
CA TRP H 123 6.63 -36.17 10.82
C TRP H 123 7.09 -37.55 11.30
N TYR H 124 7.48 -37.60 12.57
CA TYR H 124 7.81 -38.86 13.22
C TYR H 124 7.20 -38.88 14.61
N PHE H 125 6.93 -40.08 15.11
CA PHE H 125 6.31 -40.28 16.41
C PHE H 125 7.36 -40.75 17.41
N ASP H 126 7.39 -40.13 18.59
CA ASP H 126 8.38 -40.46 19.60
C ASP H 126 7.81 -41.19 20.81
N VAL H 127 6.53 -41.03 21.13
CA VAL H 127 5.91 -41.70 22.27
C VAL H 127 4.70 -42.49 21.77
N TRP H 128 4.62 -43.76 22.15
CA TRP H 128 3.55 -44.66 21.76
C TRP H 128 2.82 -45.19 22.98
N GLY H 129 1.57 -45.62 22.76
CA GLY H 129 0.80 -46.29 23.78
C GLY H 129 0.93 -47.80 23.72
N ALA H 130 0.28 -48.46 24.68
CA ALA H 130 0.39 -49.91 24.78
C ALA H 130 -0.41 -50.64 23.71
N GLY H 131 -1.57 -50.11 23.33
CA GLY H 131 -2.38 -50.73 22.30
C GLY H 131 -3.68 -51.30 22.87
N THR H 132 -4.74 -51.23 22.08
CA THR H 132 -6.05 -51.73 22.47
C THR H 132 -6.55 -52.69 21.39
N THR H 133 -6.98 -53.87 21.80
CA THR H 133 -7.44 -54.90 20.87
C THR H 133 -8.97 -54.90 20.80
N VAL H 134 -9.49 -54.89 19.56
CA VAL H 134 -10.91 -54.86 19.31
C VAL H 134 -11.27 -56.06 18.45
N THR H 135 -12.26 -56.84 18.90
CA THR H 135 -12.72 -58.01 18.18
C THR H 135 -14.22 -57.90 17.92
N VAL H 136 -14.64 -58.33 16.73
CA VAL H 136 -16.03 -58.25 16.30
C VAL H 136 -16.51 -59.66 16.00
N SER H 137 -17.61 -60.06 16.64
CA SER H 137 -18.18 -61.39 16.44
C SER H 137 -19.66 -61.41 16.83
N ASP I 20 -0.12 -43.65 -1.51
CA ASP I 20 0.48 -43.21 -2.77
C ASP I 20 1.88 -43.78 -2.93
N ILE I 21 2.77 -43.42 -2.02
CA ILE I 21 4.15 -43.89 -2.07
C ILE I 21 4.24 -45.23 -1.33
N GLN I 22 4.88 -46.20 -1.96
CA GLN I 22 4.93 -47.56 -1.44
C GLN I 22 6.31 -47.88 -0.86
N MET I 23 6.30 -48.45 0.34
CA MET I 23 7.51 -48.93 1.00
C MET I 23 7.60 -50.44 0.84
N THR I 24 8.75 -50.92 0.37
CA THR I 24 8.97 -52.35 0.17
C THR I 24 10.23 -52.78 0.89
N GLN I 25 10.11 -53.78 1.76
CA GLN I 25 11.24 -54.45 2.39
C GLN I 25 11.27 -55.87 1.86
N THR I 26 12.30 -56.20 1.07
CA THR I 26 12.33 -57.48 0.38
C THR I 26 12.48 -58.65 1.36
N THR I 27 13.39 -58.53 2.33
CA THR I 27 13.65 -59.61 3.27
C THR I 27 12.71 -59.50 4.47
N SER I 28 12.00 -60.59 4.75
CA SER I 28 11.08 -60.64 5.88
C SER I 28 11.68 -61.30 7.11
N SER I 29 12.54 -62.30 6.92
CA SER I 29 13.19 -62.99 8.03
C SER I 29 14.68 -63.11 7.75
N LEU I 30 15.47 -62.93 8.80
CA LEU I 30 16.92 -62.93 8.70
C LEU I 30 17.51 -63.72 9.86
N SER I 31 18.57 -64.47 9.59
CA SER I 31 19.24 -65.28 10.61
C SER I 31 20.62 -64.69 10.89
N ALA I 32 20.96 -64.61 12.17
CA ALA I 32 22.23 -64.02 12.58
C ALA I 32 22.70 -64.66 13.87
N SER I 33 23.99 -64.55 14.13
CA SER I 33 24.62 -65.08 15.32
C SER I 33 25.06 -63.93 16.23
N LEU I 34 25.33 -64.27 17.49
CA LEU I 34 25.76 -63.28 18.46
C LEU I 34 27.09 -62.67 18.05
N GLY I 35 27.19 -61.34 18.15
CA GLY I 35 28.40 -60.64 17.79
C GLY I 35 28.60 -60.39 16.31
N ASP I 36 27.57 -60.52 15.49
CA ASP I 36 27.70 -60.36 14.06
C ASP I 36 27.23 -58.98 13.60
N ARG I 37 27.34 -58.73 12.30
CA ARG I 37 26.95 -57.48 11.66
C ARG I 37 25.72 -57.73 10.81
N VAL I 38 24.66 -56.94 11.02
CA VAL I 38 23.42 -57.11 10.29
C VAL I 38 23.04 -55.81 9.59
N THR I 39 22.52 -55.94 8.36
CA THR I 39 22.07 -54.81 7.56
C THR I 39 20.66 -55.09 7.05
N ILE I 40 19.77 -54.10 7.18
CA ILE I 40 18.39 -54.19 6.73
C ILE I 40 18.14 -53.06 5.74
N SER I 41 17.56 -53.40 4.59
CA SER I 41 17.38 -52.45 3.50
C SER I 41 15.91 -52.08 3.34
N CYS I 42 15.67 -50.82 2.97
CA CYS I 42 14.34 -50.30 2.71
C CYS I 42 14.37 -49.53 1.40
N ARG I 43 13.31 -49.69 0.61
CA ARG I 43 13.24 -49.16 -0.74
C ARG I 43 11.95 -48.38 -0.94
N ALA I 44 12.02 -47.33 -1.75
CA ALA I 44 10.89 -46.45 -2.01
C ALA I 44 10.67 -46.32 -3.50
N SER I 45 9.41 -46.06 -3.89
CA SER I 45 9.07 -45.91 -5.29
C SER I 45 9.32 -44.49 -5.82
N GLN I 46 9.56 -43.52 -4.93
CA GLN I 46 9.81 -42.15 -5.33
C GLN I 46 10.91 -41.58 -4.46
N ASP I 47 11.46 -40.45 -4.89
CA ASP I 47 12.43 -39.72 -4.07
C ASP I 47 11.71 -39.08 -2.88
N ILE I 48 12.25 -39.28 -1.68
CA ILE I 48 11.64 -38.80 -0.45
C ILE I 48 12.50 -37.79 0.28
N SER I 49 13.69 -37.47 -0.24
CA SER I 49 14.56 -36.41 0.29
C SER I 49 14.95 -36.67 1.75
N ASN I 50 15.42 -37.89 2.02
CA ASN I 50 15.99 -38.28 3.31
C ASN I 50 14.98 -38.18 4.47
N TYR I 51 13.69 -38.28 4.16
CA TYR I 51 12.65 -38.23 5.19
C TYR I 51 12.22 -39.65 5.56
N LEU I 52 13.16 -40.40 6.14
CA LEU I 52 12.93 -41.79 6.52
C LEU I 52 13.23 -41.99 8.00
N HIS I 53 12.37 -42.77 8.67
CA HIS I 53 12.52 -43.08 10.08
C HIS I 53 12.41 -44.59 10.30
N TRP I 54 13.02 -45.06 11.38
CA TRP I 54 13.07 -46.48 11.70
C TRP I 54 12.46 -46.74 13.08
N TYR I 55 11.72 -47.84 13.20
CA TYR I 55 11.05 -48.21 14.44
C TYR I 55 11.30 -49.68 14.76
N GLN I 56 11.26 -50.00 16.05
CA GLN I 56 11.49 -51.34 16.57
C GLN I 56 10.31 -51.78 17.42
N GLN I 57 9.80 -52.98 17.16
CA GLN I 57 8.68 -53.56 17.90
C GLN I 57 9.13 -54.81 18.62
N LYS I 58 8.95 -54.83 19.94
CA LYS I 58 9.32 -55.92 20.82
C LYS I 58 8.29 -57.06 20.75
N PRO I 59 8.67 -58.27 21.16
CA PRO I 59 7.70 -59.37 21.17
C PRO I 59 6.51 -59.12 22.08
N ASP I 60 6.65 -58.32 23.13
CA ASP I 60 5.53 -58.01 24.00
C ASP I 60 4.56 -56.98 23.42
N GLY I 61 4.97 -56.25 22.38
CA GLY I 61 4.09 -55.32 21.71
C GLY I 61 4.41 -53.84 21.86
N THR I 62 5.56 -53.50 22.44
CA THR I 62 5.94 -52.10 22.59
C THR I 62 6.76 -51.63 21.40
N VAL I 63 6.56 -50.37 21.02
CA VAL I 63 7.20 -49.77 19.86
C VAL I 63 8.09 -48.63 20.33
N ASN I 64 9.30 -48.56 19.77
CA ASN I 64 10.28 -47.53 20.11
C ASN I 64 10.86 -46.94 18.84
N LEU I 65 11.22 -45.66 18.91
CA LEU I 65 11.90 -44.99 17.82
C LEU I 65 13.40 -45.14 17.96
N LEU I 66 14.08 -45.41 16.84
CA LEU I 66 15.52 -45.59 16.82
C LEU I 66 16.24 -44.48 16.06
N ILE I 67 15.91 -44.29 14.78
CA ILE I 67 16.60 -43.36 13.90
C ILE I 67 15.56 -42.49 13.21
N PHE I 68 15.80 -41.18 13.20
CA PHE I 68 14.97 -40.26 12.45
C PHE I 68 15.83 -39.39 11.56
N TYR I 69 15.27 -38.96 10.44
CA TYR I 69 15.96 -38.16 9.42
C TYR I 69 17.21 -38.85 8.91
N THR I 70 17.16 -40.18 8.83
CA THR I 70 18.08 -41.07 8.13
C THR I 70 19.45 -41.22 8.80
N SER I 71 19.80 -40.34 9.74
CA SER I 71 21.11 -40.46 10.37
C SER I 71 21.16 -40.06 11.84
N ARG I 72 20.05 -39.67 12.46
CA ARG I 72 20.09 -39.07 13.78
C ARG I 72 19.56 -40.05 14.82
N LEU I 73 20.30 -40.22 15.90
CA LEU I 73 19.94 -41.15 16.96
C LEU I 73 19.02 -40.49 17.97
N HIS I 74 17.99 -41.22 18.38
CA HIS I 74 17.10 -40.74 19.42
C HIS I 74 17.78 -40.79 20.78
N SER I 75 17.30 -39.96 21.70
CA SER I 75 17.90 -39.88 23.03
C SER I 75 17.73 -41.20 23.78
N GLY I 76 18.83 -41.67 24.38
CA GLY I 76 18.83 -42.92 25.11
C GLY I 76 19.13 -44.15 24.28
N VAL I 77 19.19 -44.01 22.97
CA VAL I 77 19.48 -45.16 22.09
C VAL I 77 20.98 -45.43 22.11
N PRO I 78 21.40 -46.68 22.29
CA PRO I 78 22.83 -46.99 22.24
C PRO I 78 23.41 -46.71 20.86
N SER I 79 24.69 -46.38 20.83
CA SER I 79 25.43 -46.07 19.60
C SER I 79 25.68 -47.28 18.71
N ARG I 80 25.08 -48.43 19.06
CA ARG I 80 25.25 -49.65 18.28
C ARG I 80 24.56 -49.57 16.93
N PHE I 81 23.52 -48.74 16.80
CA PHE I 81 22.75 -48.64 15.56
C PHE I 81 23.27 -47.50 14.69
N SER I 82 23.15 -47.67 13.38
CA SER I 82 23.51 -46.61 12.44
C SER I 82 22.59 -46.69 11.24
N GLY I 83 22.46 -45.57 10.53
CA GLY I 83 21.61 -45.50 9.36
C GLY I 83 22.29 -44.74 8.24
N SER I 84 21.95 -45.11 7.02
CA SER I 84 22.55 -44.48 5.85
C SER I 84 21.62 -44.63 4.67
N GLY I 85 21.98 -43.98 3.56
CA GLY I 85 21.23 -44.11 2.34
C GLY I 85 20.82 -42.80 1.71
N SER I 86 20.31 -42.84 0.48
CA SER I 86 19.87 -41.65 -0.22
C SER I 86 19.02 -42.06 -1.41
N GLY I 87 18.48 -41.06 -2.09
CA GLY I 87 17.67 -41.27 -3.28
C GLY I 87 16.41 -42.07 -2.97
N THR I 88 16.41 -43.33 -3.39
CA THR I 88 15.32 -44.25 -3.10
C THR I 88 15.77 -45.48 -2.32
N ASP I 89 17.03 -45.56 -1.91
CA ASP I 89 17.54 -46.74 -1.21
C ASP I 89 18.12 -46.33 0.14
N TYR I 90 17.70 -47.02 1.20
CA TYR I 90 18.16 -46.69 2.54
C TYR I 90 18.49 -47.98 3.28
N SER I 91 19.34 -47.86 4.30
CA SER I 91 19.76 -49.04 5.05
C SER I 91 19.98 -48.70 6.51
N LEU I 92 19.79 -49.71 7.35
CA LEU I 92 20.01 -49.66 8.79
C LEU I 92 20.97 -50.76 9.18
N THR I 93 21.99 -50.42 9.97
CA THR I 93 23.06 -51.35 10.31
C THR I 93 23.14 -51.50 11.83
N ILE I 94 23.20 -52.74 12.30
CA ILE I 94 23.36 -53.06 13.71
C ILE I 94 24.59 -53.94 13.87
N SER I 95 25.45 -53.58 14.82
CA SER I 95 26.73 -54.23 15.03
C SER I 95 26.73 -55.05 16.30
N ASN I 96 27.40 -56.20 16.25
CA ASN I 96 27.68 -57.07 17.39
C ASN I 96 26.46 -57.30 18.29
N LEU I 97 25.35 -57.66 17.62
CA LEU I 97 24.03 -57.68 18.23
C LEU I 97 23.98 -58.55 19.49
N GLU I 98 23.26 -58.04 20.50
CA GLU I 98 23.09 -58.72 21.76
C GLU I 98 21.81 -59.56 21.72
N GLN I 99 21.39 -60.06 22.89
CA GLN I 99 20.20 -60.89 22.97
C GLN I 99 18.92 -60.06 22.86
N GLU I 100 18.95 -58.80 23.28
CA GLU I 100 17.76 -57.96 23.29
C GLU I 100 17.46 -57.33 21.93
N ASP I 101 18.27 -57.60 20.90
CA ASP I 101 18.04 -57.05 19.57
C ASP I 101 17.16 -57.93 18.70
N ILE I 102 16.46 -58.90 19.29
CA ILE I 102 15.55 -59.78 18.55
C ILE I 102 14.18 -59.12 18.60
N ALA I 103 13.76 -58.54 17.47
CA ALA I 103 12.54 -57.75 17.40
C ALA I 103 12.13 -57.62 15.94
N THR I 104 11.18 -56.73 15.67
CA THR I 104 10.76 -56.43 14.30
C THR I 104 11.11 -54.98 13.98
N TYR I 105 11.48 -54.71 12.72
CA TYR I 105 11.99 -53.40 12.33
C TYR I 105 11.17 -52.86 11.15
N PHE I 106 10.76 -51.61 11.26
CA PHE I 106 9.91 -50.96 10.27
C PHE I 106 10.54 -49.66 9.79
N CYS I 107 10.35 -49.35 8.50
CA CYS I 107 10.76 -48.08 7.92
C CYS I 107 9.53 -47.29 7.49
N GLN I 108 9.54 -45.99 7.77
CA GLN I 108 8.41 -45.11 7.52
C GLN I 108 8.88 -43.84 6.80
N GLN I 109 8.10 -43.39 5.83
CA GLN I 109 8.40 -42.16 5.10
C GLN I 109 7.52 -41.01 5.58
N GLY I 110 8.08 -39.81 5.56
CA GLY I 110 7.39 -38.64 6.04
C GLY I 110 7.43 -37.46 5.08
N ASN I 111 7.31 -37.74 3.78
CA ASN I 111 7.42 -36.71 2.76
C ASN I 111 6.08 -36.22 2.24
N THR I 112 5.07 -37.08 2.15
CA THR I 112 3.80 -36.71 1.55
C THR I 112 2.67 -37.40 2.28
N LEU I 113 1.56 -36.69 2.47
CA LEU I 113 0.38 -37.31 3.06
C LEU I 113 -0.30 -38.22 2.03
N PRO I 114 -0.83 -39.37 2.45
CA PRO I 114 -0.83 -39.93 3.82
C PRO I 114 0.49 -40.63 4.16
N ARG I 115 0.82 -40.74 5.44
CA ARG I 115 2.03 -41.42 5.85
C ARG I 115 1.89 -42.93 5.69
N THR I 116 2.94 -43.58 5.20
CA THR I 116 2.92 -45.00 4.91
C THR I 116 4.08 -45.69 5.60
N PHE I 117 3.86 -46.97 5.95
CA PHE I 117 4.85 -47.78 6.65
C PHE I 117 5.32 -48.91 5.75
N GLY I 118 6.38 -49.60 6.19
CA GLY I 118 6.92 -50.72 5.46
C GLY I 118 6.37 -52.05 5.95
N GLY I 119 6.81 -53.12 5.26
CA GLY I 119 6.33 -54.45 5.60
C GLY I 119 6.83 -54.98 6.93
N GLY I 120 8.09 -54.75 7.25
CA GLY I 120 8.68 -55.27 8.47
C GLY I 120 9.60 -56.46 8.20
N THR I 121 10.66 -56.56 9.01
CA THR I 121 11.63 -57.63 8.89
C THR I 121 11.92 -58.18 10.28
N LYS I 122 11.90 -59.50 10.41
CA LYS I 122 12.05 -60.18 11.69
C LYS I 122 13.43 -60.81 11.79
N LEU I 123 14.06 -60.67 12.94
CA LEU I 123 15.38 -61.23 13.20
C LEU I 123 15.26 -62.44 14.12
N GLU I 124 16.19 -63.38 13.98
CA GLU I 124 16.19 -64.59 14.79
C GLU I 124 17.59 -65.15 14.89
N ILE I 125 17.83 -65.92 15.95
CA ILE I 125 19.14 -66.52 16.20
C ILE I 125 19.22 -67.90 15.57
#